data_2HZS
#
_entry.id   2HZS
#
_cell.length_a   75.365
_cell.length_b   115.762
_cell.length_c   129.159
_cell.angle_alpha   90.00
_cell.angle_beta   98.49
_cell.angle_gamma   90.00
#
_symmetry.space_group_name_H-M   'P 1 21 1'
#
loop_
_entity.id
_entity.type
_entity.pdbx_description
1 polymer 'RNA polymerase II mediator complex subunit 20'
2 polymer 'RNA polymerase II mediator complex subunit 18'
3 polymer 'RNA polymerase II mediator complex subunit 8'
4 water water
#
loop_
_entity_poly.entity_id
_entity_poly.type
_entity_poly.pdbx_seq_one_letter_code
_entity_poly.pdbx_strand_id
1 'polypeptide(L)'
;GKSAVIFVERATPATLTELKDALSNSILSVRDPWSIDFRTYRCSIKNLPADVSKLMYSITFHHHGRQTVLIKDNSAMVTT
AAAADIPPALVFNGSSTGVPESIDTILSSKLSNIWMQRQLIKGDAGETLILDGLTVRLVNLFSSTGFKGLLIELQADEAG
EFETKIAGIEGHLAEIRAKEYKTSSDSLGPDTSNEICDLAYQYVRALEL
;
A,C,E,G
2 'polypeptide(L)'
;VQQLSLFGSIGDDGYDLLISTLTTISGNPPLLYNSLCTVWKPNPSYDVENVNSRNQLVEPNRIKLSKEVPFSYLIDETMM
DKPLNFRILKSFTNDKIPLNYAMTRNILHNTVPQVTNFNSTNEDQNNSKHTEDTVNESRNSDDIIDVDMDASPAPSNESC
SPWSLQISDIPAAGNNRSVSMQTIAETIILSSAGKNSSVSSLMNGLGYVFEFQYLTIGVKFFMKHGLILELQKIWQIEEA
GNSQITSGGFLLKAYINVSRGTDIDRINYTETVLMNLKKELQGYIELSVPDRQSMDSRVAHGNILI
;
B,D,F,H
3 'polypeptide(L)' SKPSKPFNVDDVLKFTFTGEKHHHHHH I,J,K,L
#
# COMPACT_ATOMS: atom_id res chain seq x y z
N GLY A 1 -8.83 37.37 0.30
CA GLY A 1 -9.20 37.53 1.74
C GLY A 1 -8.08 37.97 2.65
N LYS A 2 -8.43 38.52 3.81
CA LYS A 2 -7.43 38.98 4.79
C LYS A 2 -7.90 38.72 6.21
N SER A 3 -6.97 38.70 7.15
CA SER A 3 -7.36 38.45 8.54
C SER A 3 -6.32 38.94 9.54
N ALA A 4 -6.74 39.00 10.80
CA ALA A 4 -5.86 39.43 11.87
C ALA A 4 -6.43 38.92 13.16
N VAL A 5 -5.56 38.56 14.09
CA VAL A 5 -6.01 38.05 15.37
C VAL A 5 -5.47 38.94 16.48
N ILE A 6 -6.35 39.37 17.37
CA ILE A 6 -5.94 40.19 18.50
C ILE A 6 -6.23 39.41 19.78
N PHE A 7 -5.20 39.25 20.61
CA PHE A 7 -5.36 38.53 21.86
C PHE A 7 -5.15 39.48 23.03
N VAL A 8 -6.21 39.66 23.81
CA VAL A 8 -6.16 40.54 24.97
C VAL A 8 -5.71 39.78 26.21
N GLU A 9 -4.41 39.82 26.48
CA GLU A 9 -3.81 39.12 27.63
C GLU A 9 -4.43 39.57 28.95
N ARG A 10 -4.27 40.86 29.24
CA ARG A 10 -4.80 41.46 30.47
C ARG A 10 -6.28 41.72 30.27
N ALA A 11 -7.12 40.86 30.83
CA ALA A 11 -8.57 41.03 30.70
C ALA A 11 -9.36 40.06 31.57
N THR A 12 -10.68 40.24 31.57
CA THR A 12 -11.56 39.39 32.35
C THR A 12 -12.73 38.99 31.47
N PRO A 13 -13.50 37.96 31.88
CA PRO A 13 -14.65 37.49 31.10
C PRO A 13 -15.57 38.61 30.62
N ALA A 14 -15.53 39.74 31.33
CA ALA A 14 -16.37 40.88 30.99
C ALA A 14 -15.84 41.70 29.81
N THR A 15 -14.52 41.77 29.68
CA THR A 15 -13.89 42.55 28.62
C THR A 15 -14.56 42.31 27.26
N LEU A 16 -15.00 41.08 27.01
CA LEU A 16 -15.65 40.75 25.75
C LEU A 16 -16.81 41.69 25.48
N THR A 17 -17.76 41.75 26.42
CA THR A 17 -18.93 42.60 26.30
C THR A 17 -18.58 44.07 26.17
N GLU A 18 -17.63 44.54 27.00
CA GLU A 18 -17.21 45.94 26.96
C GLU A 18 -16.84 46.33 25.54
N LEU A 19 -16.11 45.45 24.86
CA LEU A 19 -15.70 45.70 23.49
C LEU A 19 -16.88 45.51 22.54
N LYS A 20 -17.79 44.63 22.95
CA LYS A 20 -18.98 44.33 22.17
C LYS A 20 -19.86 45.57 22.03
N ASP A 21 -19.91 46.36 23.11
CA ASP A 21 -20.72 47.58 23.13
C ASP A 21 -20.04 48.76 22.43
N ALA A 22 -18.72 48.82 22.46
CA ALA A 22 -18.00 49.90 21.80
C ALA A 22 -18.20 49.81 20.30
N LEU A 23 -18.91 48.78 19.86
CA LEU A 23 -19.18 48.56 18.45
C LEU A 23 -20.69 48.62 18.19
N SER A 24 -21.46 48.72 19.25
CA SER A 24 -22.92 48.77 19.16
C SER A 24 -23.42 49.71 18.05
N ASN A 25 -22.68 50.78 17.81
CA ASN A 25 -23.04 51.75 16.79
C ASN A 25 -22.22 51.53 15.51
N SER A 26 -21.86 50.28 15.23
CA SER A 26 -21.09 49.92 14.05
C SER A 26 -21.59 48.57 13.56
N ILE A 27 -22.31 47.88 14.45
CA ILE A 27 -22.85 46.56 14.18
C ILE A 27 -23.91 46.64 13.08
N LEU A 28 -24.23 45.49 12.50
CA LEU A 28 -25.23 45.39 11.46
C LEU A 28 -26.11 44.18 11.73
N SER A 29 -25.48 43.02 11.87
CA SER A 29 -26.19 41.77 12.16
C SER A 29 -25.26 40.81 12.89
N VAL A 30 -25.82 39.72 13.40
CA VAL A 30 -25.04 38.74 14.14
C VAL A 30 -25.34 37.32 13.65
N ARG A 31 -24.34 36.67 13.07
CA ARG A 31 -24.50 35.32 12.56
C ARG A 31 -24.29 34.31 13.69
N ASP A 32 -24.34 33.02 13.33
CA ASP A 32 -24.19 31.95 14.31
C ASP A 32 -22.87 31.95 15.08
N PRO A 33 -22.91 31.48 16.34
CA PRO A 33 -21.74 31.42 17.22
C PRO A 33 -20.69 30.47 16.65
N TRP A 34 -19.43 30.69 17.02
CA TRP A 34 -18.34 29.84 16.54
C TRP A 34 -17.57 29.27 17.72
N SER A 35 -16.65 28.37 17.42
CA SER A 35 -15.86 27.72 18.46
C SER A 35 -14.43 27.52 17.99
N ILE A 36 -13.52 27.26 18.92
CA ILE A 36 -12.13 27.03 18.55
C ILE A 36 -11.25 26.39 19.62
N ASP A 37 -10.44 25.41 19.22
CA ASP A 37 -9.51 24.73 20.12
C ASP A 37 -8.08 25.09 19.73
N PHE A 38 -7.24 25.40 20.73
CA PHE A 38 -5.85 25.74 20.48
C PHE A 38 -4.98 24.86 21.35
N ARG A 39 -4.29 23.93 20.70
CA ARG A 39 -3.42 22.97 21.38
C ARG A 39 -1.95 23.24 21.18
N THR A 40 -1.16 22.89 22.18
CA THR A 40 0.29 23.05 22.11
C THR A 40 0.95 21.72 22.41
N TYR A 41 1.78 21.25 21.48
CA TYR A 41 2.48 19.97 21.64
C TYR A 41 3.98 20.19 21.79
N ARG A 42 4.61 19.38 22.62
CA ARG A 42 6.05 19.47 22.81
C ARG A 42 6.71 18.16 22.37
N CYS A 43 7.70 18.30 21.49
CA CYS A 43 8.42 17.15 20.98
C CYS A 43 9.32 16.50 22.02
N SER A 44 9.31 15.17 22.05
CA SER A 44 10.11 14.39 23.01
C SER A 44 11.44 13.84 22.49
N ILE A 45 11.74 14.13 21.23
CA ILE A 45 12.99 13.69 20.62
C ILE A 45 14.11 14.41 21.36
N LYS A 46 15.17 13.69 21.72
CA LYS A 46 16.26 14.32 22.46
C LYS A 46 17.49 14.65 21.64
N ASN A 47 17.48 14.33 20.35
CA ASN A 47 18.65 14.61 19.49
C ASN A 47 18.26 15.77 18.57
N LEU A 48 17.03 16.24 18.71
CA LEU A 48 16.52 17.32 17.89
C LEU A 48 17.65 18.22 17.34
N PRO A 49 17.83 18.20 16.01
CA PRO A 49 18.85 19.01 15.34
C PRO A 49 18.69 20.44 15.80
N ALA A 50 19.80 21.11 16.11
CA ALA A 50 19.73 22.49 16.57
C ALA A 50 18.79 23.29 15.67
N ASP A 51 18.15 24.28 16.27
CA ASP A 51 17.20 25.13 15.58
C ASP A 51 16.16 24.45 14.68
N VAL A 52 15.37 23.63 15.36
CA VAL A 52 14.26 22.91 14.83
C VAL A 52 13.46 23.05 16.13
N SER A 53 12.25 23.59 16.06
CA SER A 53 11.49 23.79 17.30
C SER A 53 11.17 22.45 17.89
N LYS A 54 10.71 22.47 19.12
CA LYS A 54 10.29 21.26 19.83
C LYS A 54 8.79 21.48 20.01
N LEU A 55 8.32 22.62 19.52
CA LEU A 55 6.92 22.99 19.64
C LEU A 55 6.12 22.94 18.36
N MET A 56 4.91 22.42 18.48
CA MET A 56 4.02 22.34 17.34
C MET A 56 2.66 22.75 17.83
N TYR A 57 2.00 23.62 17.09
CA TYR A 57 0.65 24.07 17.46
C TYR A 57 -0.42 23.43 16.58
N SER A 58 -1.57 23.17 17.20
CA SER A 58 -2.72 22.56 16.54
C SER A 58 -3.92 23.48 16.73
N ILE A 59 -4.41 24.09 15.64
CA ILE A 59 -5.56 24.98 15.72
C ILE A 59 -6.80 24.35 15.08
N THR A 60 -7.78 24.01 15.90
CA THR A 60 -9.01 23.39 15.39
C THR A 60 -10.16 24.39 15.28
N PHE A 61 -10.65 24.59 14.07
CA PHE A 61 -11.76 25.49 13.83
C PHE A 61 -13.03 24.65 13.83
N HIS A 62 -14.06 25.11 14.53
CA HIS A 62 -15.29 24.37 14.53
C HIS A 62 -16.23 24.97 13.50
N HIS A 63 -16.71 24.09 12.65
CA HIS A 63 -17.54 24.44 11.51
C HIS A 63 -16.97 25.59 10.71
N HIS A 64 -15.71 25.37 10.40
CA HIS A 64 -14.84 26.19 9.57
C HIS A 64 -14.24 24.95 8.90
N GLY A 65 -14.98 23.85 9.12
CA GLY A 65 -14.66 22.53 8.59
C GLY A 65 -14.43 21.44 9.62
N ARG A 66 -14.37 21.79 10.91
CA ARG A 66 -14.05 20.80 11.94
C ARG A 66 -12.64 20.42 11.54
N GLN A 67 -12.02 21.37 10.85
CA GLN A 67 -10.68 21.34 10.32
C GLN A 67 -9.63 21.66 11.37
N THR A 68 -8.45 21.08 11.20
CA THR A 68 -7.37 21.34 12.13
C THR A 68 -6.10 21.63 11.37
N VAL A 69 -5.49 22.76 11.68
CA VAL A 69 -4.26 23.15 11.02
C VAL A 69 -3.08 22.93 11.97
N LEU A 70 -2.07 22.22 11.50
CA LEU A 70 -0.87 22.01 12.29
C LEU A 70 0.18 23.04 11.88
N ILE A 71 0.81 23.68 12.86
CA ILE A 71 1.82 24.67 12.57
C ILE A 71 3.10 24.42 13.34
N LYS A 72 4.19 24.30 12.60
CA LYS A 72 5.51 24.07 13.15
C LYS A 72 6.59 24.67 12.24
N ASP A 73 7.54 25.39 12.84
CA ASP A 73 8.64 26.02 12.11
C ASP A 73 8.13 26.79 10.89
N ASN A 74 7.18 27.68 11.11
CA ASN A 74 6.61 28.49 10.03
C ASN A 74 6.05 27.73 8.84
N SER A 75 5.54 26.53 9.10
CA SER A 75 4.95 25.72 8.04
C SER A 75 3.64 25.19 8.58
N ALA A 76 2.66 25.02 7.69
CA ALA A 76 1.35 24.57 8.09
C ALA A 76 0.79 23.41 7.28
N MET A 77 0.03 22.55 7.97
CA MET A 77 -0.62 21.41 7.35
C MET A 77 -2.10 21.47 7.73
N VAL A 78 -2.97 21.54 6.72
CA VAL A 78 -4.41 21.60 6.95
C VAL A 78 -5.00 20.19 6.92
N THR A 79 -5.68 19.80 7.99
CA THR A 79 -6.31 18.49 8.01
C THR A 79 -7.80 18.59 8.37
N THR A 80 -8.55 17.54 8.08
CA THR A 80 -9.96 17.51 8.40
C THR A 80 -10.37 16.15 8.93
N ALA A 81 -11.32 16.15 9.85
CA ALA A 81 -11.83 14.91 10.43
C ALA A 81 -13.25 14.70 9.94
N ALA A 82 -13.66 15.50 8.97
CA ALA A 82 -15.01 15.42 8.42
C ALA A 82 -15.13 14.54 7.19
N ALA A 83 -15.86 13.43 7.32
CA ALA A 83 -16.01 12.55 6.17
C ALA A 83 -16.56 13.34 4.98
N ALA A 84 -17.35 14.37 5.25
CA ALA A 84 -17.94 15.17 4.18
C ALA A 84 -16.93 16.02 3.42
N ASP A 85 -15.77 16.24 4.01
CA ASP A 85 -14.74 17.03 3.36
C ASP A 85 -13.72 16.22 2.57
N ILE A 86 -13.89 14.90 2.54
CA ILE A 86 -12.96 14.05 1.82
C ILE A 86 -13.10 14.22 0.30
N PRO A 87 -11.99 14.48 -0.39
CA PRO A 87 -12.06 14.63 -1.85
C PRO A 87 -12.69 13.36 -2.39
N PRO A 88 -13.74 13.50 -3.22
CA PRO A 88 -14.41 12.32 -3.79
C PRO A 88 -13.48 11.25 -4.37
N ALA A 89 -12.46 11.66 -5.11
CA ALA A 89 -11.57 10.68 -5.71
C ALA A 89 -10.88 9.77 -4.69
N LEU A 90 -10.53 10.29 -3.51
CA LEU A 90 -9.87 9.48 -2.51
C LEU A 90 -10.78 8.42 -1.92
N VAL A 91 -12.08 8.67 -1.96
CA VAL A 91 -13.01 7.68 -1.43
C VAL A 91 -13.21 6.59 -2.47
N PHE A 92 -13.26 6.99 -3.73
CA PHE A 92 -13.43 6.02 -4.79
C PHE A 92 -12.33 4.98 -4.98
N ASN A 93 -11.07 5.39 -4.88
CA ASN A 93 -9.97 4.45 -5.11
C ASN A 93 -9.49 3.73 -3.87
N GLY A 94 -10.17 3.99 -2.76
CA GLY A 94 -9.83 3.32 -1.51
C GLY A 94 -8.68 3.91 -0.73
N SER A 95 -8.13 5.05 -1.16
CA SER A 95 -7.03 5.67 -0.42
C SER A 95 -7.55 6.02 0.97
N SER A 96 -8.81 6.44 1.02
CA SER A 96 -9.44 6.79 2.29
C SER A 96 -10.47 5.74 2.68
N THR A 97 -10.74 5.59 3.98
CA THR A 97 -11.71 4.60 4.44
C THR A 97 -13.08 5.24 4.48
N GLY A 98 -13.11 6.55 4.24
CA GLY A 98 -14.36 7.28 4.26
C GLY A 98 -14.76 7.65 5.69
N VAL A 99 -13.97 7.21 6.67
CA VAL A 99 -14.28 7.51 8.07
C VAL A 99 -13.06 8.06 8.81
N PRO A 100 -12.73 9.33 8.57
CA PRO A 100 -11.57 9.96 9.23
C PRO A 100 -11.85 10.45 10.64
N GLU A 101 -10.77 10.78 11.35
CA GLU A 101 -10.86 11.33 12.70
C GLU A 101 -9.90 12.49 12.79
N SER A 102 -9.82 13.11 13.96
CA SER A 102 -8.93 14.24 14.15
C SER A 102 -7.45 13.88 14.22
N ILE A 103 -6.63 14.76 13.65
CA ILE A 103 -5.18 14.61 13.67
C ILE A 103 -4.71 14.64 15.13
N ASP A 104 -5.46 15.35 15.99
CA ASP A 104 -5.11 15.43 17.40
C ASP A 104 -5.33 14.07 18.07
N THR A 105 -6.39 13.38 17.68
CA THR A 105 -6.66 12.07 18.27
C THR A 105 -5.50 11.15 17.87
N ILE A 106 -5.07 11.25 16.62
CA ILE A 106 -3.98 10.44 16.14
C ILE A 106 -2.71 10.79 16.91
N LEU A 107 -2.43 12.08 17.07
CA LEU A 107 -1.25 12.51 17.81
C LEU A 107 -1.22 11.96 19.24
N SER A 108 -2.33 12.09 19.96
CA SER A 108 -2.37 11.62 21.35
C SER A 108 -2.46 10.12 21.54
N SER A 109 -3.01 9.39 20.57
CA SER A 109 -3.14 7.94 20.72
C SER A 109 -2.11 7.07 19.97
N LYS A 110 -1.58 7.56 18.86
CA LYS A 110 -0.61 6.78 18.10
C LYS A 110 0.80 7.36 18.11
N LEU A 111 0.93 8.66 18.34
CA LEU A 111 2.25 9.31 18.35
C LEU A 111 2.58 10.00 19.68
N SER A 112 1.85 9.63 20.73
CA SER A 112 2.02 10.23 22.05
C SER A 112 3.44 10.16 22.63
N ASN A 113 4.23 9.19 22.22
CA ASN A 113 5.58 9.07 22.74
C ASN A 113 6.44 10.18 22.13
N ILE A 114 6.13 10.56 20.91
CA ILE A 114 6.89 11.59 20.21
C ILE A 114 6.33 12.98 20.51
N TRP A 115 5.01 13.09 20.60
CA TRP A 115 4.39 14.37 20.88
C TRP A 115 3.49 14.35 22.10
N MET A 116 3.75 15.28 23.02
CA MET A 116 2.96 15.37 24.24
C MET A 116 2.16 16.67 24.30
N GLN A 117 0.87 16.54 24.54
CA GLN A 117 0.02 17.72 24.62
C GLN A 117 0.36 18.46 25.92
N ARG A 118 0.80 19.71 25.78
CA ARG A 118 1.17 20.53 26.93
C ARG A 118 0.02 21.38 27.44
N GLN A 119 -0.64 22.08 26.51
CA GLN A 119 -1.76 22.92 26.87
C GLN A 119 -2.92 22.76 25.90
N LEU A 120 -4.12 23.08 26.38
CA LEU A 120 -5.34 23.02 25.58
C LEU A 120 -6.21 24.23 25.90
N ILE A 121 -6.23 25.21 25.01
CA ILE A 121 -7.08 26.39 25.21
C ILE A 121 -8.33 26.24 24.36
N LYS A 122 -9.51 26.44 24.97
CA LYS A 122 -10.77 26.32 24.24
C LYS A 122 -11.57 27.61 24.29
N GLY A 123 -12.25 27.89 23.19
CA GLY A 123 -13.09 29.07 23.09
C GLY A 123 -14.47 28.63 22.63
N ASP A 124 -15.44 28.66 23.53
CA ASP A 124 -16.80 28.25 23.19
C ASP A 124 -17.75 29.42 23.08
N ALA A 125 -18.92 29.16 22.48
CA ALA A 125 -19.96 30.17 22.31
C ALA A 125 -19.43 31.53 21.88
N GLY A 126 -18.55 31.53 20.88
CA GLY A 126 -18.01 32.78 20.39
C GLY A 126 -19.07 33.58 19.67
N GLU A 127 -18.80 34.86 19.41
CA GLU A 127 -19.76 35.71 18.73
C GLU A 127 -19.27 36.25 17.40
N THR A 128 -20.13 36.19 16.39
CA THR A 128 -19.82 36.67 15.06
C THR A 128 -20.51 38.00 14.81
N LEU A 129 -19.75 39.09 14.96
CA LEU A 129 -20.30 40.43 14.75
C LEU A 129 -20.00 40.90 13.35
N ILE A 130 -21.04 41.33 12.64
CA ILE A 130 -20.89 41.75 11.27
C ILE A 130 -21.00 43.27 11.12
N LEU A 131 -19.87 43.89 10.73
CA LEU A 131 -19.79 45.33 10.53
C LEU A 131 -19.72 45.64 9.04
N ASP A 132 -19.25 46.83 8.72
CA ASP A 132 -19.15 47.27 7.34
C ASP A 132 -17.94 46.69 6.62
N GLY A 133 -18.16 45.62 5.86
CA GLY A 133 -17.08 44.98 5.13
C GLY A 133 -16.02 44.35 6.02
N LEU A 134 -16.31 44.27 7.32
CA LEU A 134 -15.38 43.69 8.29
C LEU A 134 -16.13 42.82 9.29
N THR A 135 -15.83 41.52 9.27
CA THR A 135 -16.45 40.60 10.20
C THR A 135 -15.54 40.47 11.42
N VAL A 136 -16.11 40.69 12.60
CA VAL A 136 -15.32 40.61 13.82
C VAL A 136 -15.86 39.51 14.75
N ARG A 137 -14.99 38.54 15.04
CA ARG A 137 -15.34 37.42 15.92
C ARG A 137 -14.72 37.60 17.29
N LEU A 138 -15.51 37.32 18.31
CA LEU A 138 -15.06 37.46 19.69
C LEU A 138 -15.36 36.18 20.47
N VAL A 139 -14.41 35.77 21.29
CA VAL A 139 -14.56 34.56 22.11
C VAL A 139 -13.63 34.58 23.31
N ASN A 140 -14.11 34.06 24.43
CA ASN A 140 -13.30 34.00 25.65
C ASN A 140 -12.56 32.67 25.67
N LEU A 141 -11.23 32.75 25.74
CA LEU A 141 -10.37 31.57 25.77
C LEU A 141 -10.17 31.07 27.18
N PHE A 142 -10.40 29.78 27.40
CA PHE A 142 -10.22 29.20 28.72
C PHE A 142 -9.28 28.01 28.71
N SER A 143 -8.50 27.90 29.77
CA SER A 143 -7.55 26.81 29.93
C SER A 143 -8.03 25.93 31.06
N SER A 144 -7.23 24.93 31.40
CA SER A 144 -7.57 24.02 32.49
C SER A 144 -7.33 24.74 33.81
N THR A 145 -6.91 26.00 33.71
CA THR A 145 -6.63 26.82 34.89
C THR A 145 -7.49 28.09 34.92
N GLY A 146 -8.74 27.97 34.48
CA GLY A 146 -9.62 29.12 34.47
C GLY A 146 -9.39 30.04 33.28
N PHE A 147 -10.09 31.17 33.28
CA PHE A 147 -9.98 32.16 32.21
C PHE A 147 -8.54 32.40 31.75
N LYS A 148 -8.36 32.61 30.45
CA LYS A 148 -7.04 32.82 29.91
C LYS A 148 -6.97 34.11 29.09
N GLY A 149 -8.12 34.65 28.70
CA GLY A 149 -8.08 35.89 27.94
C GLY A 149 -9.19 36.10 26.92
N LEU A 150 -9.05 37.17 26.14
CA LEU A 150 -10.04 37.47 25.11
C LEU A 150 -9.38 37.38 23.74
N LEU A 151 -10.09 36.81 22.79
CA LEU A 151 -9.57 36.67 21.44
C LEU A 151 -10.49 37.33 20.42
N ILE A 152 -9.89 38.15 19.55
CA ILE A 152 -10.63 38.85 18.50
C ILE A 152 -10.19 38.33 17.12
N GLU A 153 -11.12 37.79 16.35
CA GLU A 153 -10.79 37.29 15.01
C GLU A 153 -11.33 38.31 14.01
N LEU A 154 -10.46 38.87 13.19
CA LEU A 154 -10.89 39.85 12.19
C LEU A 154 -10.75 39.36 10.76
N GLN A 155 -11.89 39.09 10.12
CA GLN A 155 -11.89 38.62 8.74
C GLN A 155 -12.57 39.64 7.83
N ALA A 156 -11.94 39.94 6.70
CA ALA A 156 -12.50 40.91 5.77
C ALA A 156 -12.22 40.54 4.32
N ASP A 157 -13.30 40.37 3.55
CA ASP A 157 -13.18 40.03 2.13
C ASP A 157 -12.53 41.19 1.40
N GLU A 158 -12.90 42.41 1.79
CA GLU A 158 -12.36 43.63 1.18
C GLU A 158 -10.83 43.67 1.27
N ALA A 159 -10.18 43.25 0.20
CA ALA A 159 -8.72 43.22 0.12
C ALA A 159 -8.12 44.60 0.36
N GLY A 160 -8.85 45.63 -0.03
CA GLY A 160 -8.36 46.99 0.15
C GLY A 160 -8.24 47.41 1.60
N GLU A 161 -8.98 48.45 1.96
CA GLU A 161 -8.98 49.00 3.30
C GLU A 161 -9.05 47.90 4.36
N PHE A 162 -7.95 47.69 5.07
CA PHE A 162 -7.92 46.68 6.12
C PHE A 162 -7.07 47.19 7.27
N GLU A 163 -5.88 47.69 6.94
CA GLU A 163 -4.98 48.24 7.95
C GLU A 163 -5.72 49.27 8.80
N THR A 164 -6.72 49.90 8.19
CA THR A 164 -7.52 50.90 8.88
C THR A 164 -8.49 50.17 9.81
N LYS A 165 -9.15 49.13 9.26
CA LYS A 165 -10.12 48.36 10.02
C LYS A 165 -9.51 47.79 11.29
N ILE A 166 -8.28 47.27 11.20
CA ILE A 166 -7.60 46.70 12.36
C ILE A 166 -7.27 47.79 13.37
N ALA A 167 -6.79 48.93 12.89
CA ALA A 167 -6.45 50.04 13.76
C ALA A 167 -7.69 50.54 14.51
N GLY A 168 -8.83 50.51 13.82
CA GLY A 168 -10.08 50.94 14.41
C GLY A 168 -10.49 50.10 15.61
N ILE A 169 -10.42 48.78 15.45
CA ILE A 169 -10.78 47.86 16.52
C ILE A 169 -9.81 48.01 17.70
N GLU A 170 -8.53 48.27 17.40
CA GLU A 170 -7.52 48.44 18.44
C GLU A 170 -7.84 49.70 19.22
N GLY A 171 -8.52 50.64 18.58
CA GLY A 171 -8.88 51.88 19.23
C GLY A 171 -9.98 51.67 20.24
N HIS A 172 -11.01 50.93 19.87
CA HIS A 172 -12.12 50.64 20.76
C HIS A 172 -11.61 49.87 21.97
N LEU A 173 -10.42 49.29 21.83
CA LEU A 173 -9.79 48.54 22.92
C LEU A 173 -9.18 49.54 23.90
N ALA A 174 -8.71 50.66 23.37
CA ALA A 174 -8.12 51.70 24.20
C ALA A 174 -9.22 52.34 25.05
N GLU A 175 -10.41 52.42 24.48
CA GLU A 175 -11.57 52.99 25.18
C GLU A 175 -11.98 52.17 26.39
N ILE A 176 -12.12 50.86 26.20
CA ILE A 176 -12.51 49.97 27.28
C ILE A 176 -11.39 49.69 28.26
N ARG A 177 -10.32 50.47 28.17
CA ARG A 177 -9.16 50.32 29.03
C ARG A 177 -8.55 48.93 28.91
N ALA A 178 -8.36 48.48 27.68
CA ALA A 178 -7.77 47.17 27.42
C ALA A 178 -6.35 47.40 26.91
N LYS A 179 -5.41 47.51 27.86
CA LYS A 179 -4.02 47.75 27.52
C LYS A 179 -3.19 46.49 27.66
N GLU A 180 -2.05 46.46 26.98
CA GLU A 180 -1.14 45.33 27.03
C GLU A 180 -1.72 44.13 26.29
N TYR A 181 -1.97 44.30 24.99
CA TYR A 181 -2.52 43.25 24.15
C TYR A 181 -1.60 42.96 22.97
N LYS A 182 -1.75 41.78 22.36
CA LYS A 182 -0.93 41.41 21.22
C LYS A 182 -1.76 41.25 19.95
N THR A 183 -1.25 41.79 18.83
CA THR A 183 -1.95 41.71 17.56
C THR A 183 -1.08 41.08 16.48
N SER A 184 -1.69 40.19 15.70
CA SER A 184 -0.97 39.52 14.62
C SER A 184 -1.79 39.48 13.34
N SER A 185 -1.12 39.79 12.23
CA SER A 185 -1.75 39.78 10.92
C SER A 185 -0.69 39.27 9.98
N ASP A 186 0.25 38.51 10.56
CA ASP A 186 1.36 37.93 9.83
C ASP A 186 0.90 36.94 8.76
N SER A 187 1.86 36.39 8.03
CA SER A 187 1.55 35.42 6.99
C SER A 187 2.68 34.41 6.83
N LEU A 188 2.36 33.27 6.21
CA LEU A 188 3.35 32.21 5.97
C LEU A 188 3.82 32.30 4.52
N ASN A 194 -3.63 30.58 0.59
CA ASN A 194 -4.36 29.64 1.43
C ASN A 194 -4.75 30.29 2.76
N GLU A 195 -5.93 30.90 2.78
CA GLU A 195 -6.47 31.60 3.96
C GLU A 195 -6.35 30.90 5.31
N ILE A 196 -7.02 29.76 5.45
CA ILE A 196 -7.03 29.00 6.70
C ILE A 196 -5.65 28.89 7.36
N CYS A 197 -4.59 28.86 6.55
CA CYS A 197 -3.24 28.72 7.09
C CYS A 197 -2.73 29.98 7.80
N ASP A 198 -2.89 31.14 7.17
CA ASP A 198 -2.45 32.39 7.78
C ASP A 198 -3.27 32.64 9.04
N LEU A 199 -4.58 32.44 8.94
CA LEU A 199 -5.45 32.63 10.08
C LEU A 199 -4.91 31.81 11.25
N ALA A 200 -4.66 30.53 10.98
CA ALA A 200 -4.13 29.63 12.01
C ALA A 200 -2.82 30.17 12.55
N TYR A 201 -1.97 30.62 11.63
CA TYR A 201 -0.66 31.17 11.99
C TYR A 201 -0.81 32.38 12.90
N GLN A 202 -1.76 33.25 12.56
CA GLN A 202 -2.02 34.44 13.34
C GLN A 202 -2.38 34.11 14.78
N TYR A 203 -3.14 33.04 14.99
CA TYR A 203 -3.51 32.65 16.35
C TYR A 203 -2.24 32.31 17.10
N VAL A 204 -1.34 31.61 16.44
CA VAL A 204 -0.08 31.21 17.04
C VAL A 204 0.76 32.42 17.43
N ARG A 205 0.92 33.34 16.49
CA ARG A 205 1.70 34.54 16.77
C ARG A 205 1.14 35.31 17.95
N ALA A 206 -0.18 35.43 17.99
CA ALA A 206 -0.87 36.17 19.04
C ALA A 206 -0.94 35.47 20.39
N LEU A 207 -0.76 34.16 20.42
CA LEU A 207 -0.85 33.41 21.67
C LEU A 207 0.44 32.82 22.21
N GLU A 208 1.40 32.52 21.34
CA GLU A 208 2.65 31.90 21.77
C GLU A 208 3.56 32.79 22.64
N VAL B 1 -12.18 3.63 12.92
CA VAL B 1 -12.72 2.68 11.90
C VAL B 1 -12.27 1.23 11.98
N GLN B 2 -13.23 0.33 11.80
CA GLN B 2 -12.95 -1.11 11.81
C GLN B 2 -13.13 -1.68 10.40
N GLN B 3 -12.08 -2.26 9.84
CA GLN B 3 -12.18 -2.85 8.51
C GLN B 3 -12.22 -4.37 8.61
N LEU B 4 -13.33 -4.97 8.20
CA LEU B 4 -13.47 -6.43 8.21
C LEU B 4 -13.18 -6.90 6.81
N SER B 5 -12.33 -7.91 6.67
CA SER B 5 -11.99 -8.34 5.32
C SER B 5 -11.62 -9.78 5.17
N LEU B 6 -11.54 -10.19 3.91
CA LEU B 6 -11.14 -11.54 3.53
C LEU B 6 -10.32 -11.37 2.25
N PHE B 7 -9.32 -12.23 2.05
CA PHE B 7 -8.50 -12.14 0.86
C PHE B 7 -8.44 -13.42 0.07
N GLY B 8 -7.99 -13.28 -1.18
CA GLY B 8 -7.86 -14.42 -2.08
C GLY B 8 -6.92 -14.04 -3.20
N SER B 9 -6.89 -14.82 -4.27
CA SER B 9 -6.01 -14.50 -5.38
C SER B 9 -6.35 -15.36 -6.59
N ILE B 10 -5.84 -14.97 -7.74
CA ILE B 10 -6.04 -15.73 -8.97
C ILE B 10 -4.87 -15.36 -9.85
N GLY B 11 -4.53 -16.25 -10.78
CA GLY B 11 -3.45 -15.97 -11.71
C GLY B 11 -3.96 -15.17 -12.90
N ASP B 12 -3.06 -14.51 -13.61
CA ASP B 12 -3.50 -13.71 -14.75
C ASP B 12 -4.55 -14.39 -15.61
N ASP B 13 -4.41 -15.69 -15.86
CA ASP B 13 -5.39 -16.36 -16.70
C ASP B 13 -6.78 -16.46 -16.13
N GLY B 14 -6.90 -16.34 -14.82
CA GLY B 14 -8.21 -16.44 -14.22
C GLY B 14 -9.01 -15.14 -14.28
N TYR B 15 -8.39 -14.10 -14.81
CA TYR B 15 -9.00 -12.77 -14.87
C TYR B 15 -10.39 -12.68 -15.48
N ASP B 16 -10.50 -12.93 -16.78
CA ASP B 16 -11.78 -12.87 -17.48
C ASP B 16 -12.89 -13.66 -16.79
N LEU B 17 -12.62 -14.89 -16.37
CA LEU B 17 -13.65 -15.68 -15.73
C LEU B 17 -14.10 -14.97 -14.45
N LEU B 18 -13.14 -14.55 -13.63
CA LEU B 18 -13.48 -13.87 -12.39
C LEU B 18 -14.28 -12.59 -12.61
N ILE B 19 -13.89 -11.79 -13.61
CA ILE B 19 -14.59 -10.54 -13.90
C ILE B 19 -16.03 -10.83 -14.31
N SER B 20 -16.20 -11.86 -15.14
CA SER B 20 -17.51 -12.29 -15.61
C SER B 20 -18.36 -12.75 -14.44
N THR B 21 -17.73 -13.48 -13.52
CA THR B 21 -18.47 -13.99 -12.38
C THR B 21 -18.89 -12.86 -11.44
N LEU B 22 -17.94 -11.99 -11.09
CA LEU B 22 -18.25 -10.89 -10.19
C LEU B 22 -19.27 -9.93 -10.84
N THR B 23 -19.21 -9.78 -12.17
CA THR B 23 -20.17 -8.90 -12.85
C THR B 23 -21.59 -9.45 -12.75
N THR B 24 -21.76 -10.77 -12.89
CA THR B 24 -23.08 -11.38 -12.79
C THR B 24 -23.53 -11.37 -11.35
N ILE B 25 -22.65 -11.78 -10.45
CA ILE B 25 -22.98 -11.82 -9.02
C ILE B 25 -23.34 -10.46 -8.41
N SER B 26 -22.67 -9.40 -8.84
CA SER B 26 -22.93 -8.08 -8.28
C SER B 26 -23.88 -7.23 -9.11
N GLY B 27 -24.02 -7.55 -10.39
CA GLY B 27 -24.89 -6.80 -11.26
C GLY B 27 -24.24 -5.65 -12.01
N ASN B 28 -22.99 -5.33 -11.68
CA ASN B 28 -22.28 -4.22 -12.32
C ASN B 28 -20.93 -4.65 -12.86
N PRO B 29 -20.48 -4.07 -13.98
CA PRO B 29 -19.16 -4.43 -14.50
C PRO B 29 -18.11 -3.76 -13.60
N PRO B 30 -16.84 -4.12 -13.72
CA PRO B 30 -15.81 -3.51 -12.85
C PRO B 30 -15.50 -2.02 -13.10
N LEU B 31 -14.95 -1.37 -12.07
CA LEU B 31 -14.55 0.04 -12.17
C LEU B 31 -13.03 0.17 -11.95
N LEU B 32 -12.33 0.68 -12.95
CA LEU B 32 -10.87 0.87 -12.87
C LEU B 32 -10.47 1.93 -11.83
N TYR B 33 -9.38 1.66 -11.09
CA TYR B 33 -8.91 2.59 -10.09
C TYR B 33 -7.44 2.36 -9.75
N ASN B 34 -6.80 3.38 -9.16
CA ASN B 34 -5.40 3.23 -8.74
C ASN B 34 -5.15 4.02 -7.47
N SER B 35 -4.01 3.79 -6.84
CA SER B 35 -3.64 4.55 -5.66
C SER B 35 -2.16 4.38 -5.39
N LEU B 36 -1.55 5.46 -4.91
CA LEU B 36 -0.15 5.45 -4.60
C LEU B 36 -0.08 5.56 -3.10
N CYS B 37 0.70 4.68 -2.48
CA CYS B 37 0.88 4.71 -1.03
C CYS B 37 2.34 4.91 -0.72
N THR B 38 2.62 5.79 0.24
CA THR B 38 3.99 6.02 0.67
C THR B 38 3.99 5.72 2.16
N VAL B 39 4.88 4.84 2.60
CA VAL B 39 4.96 4.47 4.01
C VAL B 39 6.13 5.16 4.69
N TRP B 40 5.88 5.66 5.89
CA TRP B 40 6.89 6.40 6.64
C TRP B 40 7.10 5.82 8.01
N LYS B 41 8.32 5.91 8.51
CA LYS B 41 8.62 5.38 9.83
C LYS B 41 9.33 6.43 10.68
N PRO B 42 9.35 6.25 12.00
CA PRO B 42 10.01 7.21 12.88
C PRO B 42 11.46 7.34 12.44
N ASN B 43 11.99 8.55 12.41
CA ASN B 43 13.39 8.76 11.99
C ASN B 43 14.36 7.95 12.84
N PRO B 44 15.16 7.08 12.20
CA PRO B 44 16.06 6.34 13.08
C PRO B 44 17.18 7.20 13.71
N SER B 45 17.58 8.29 13.05
CA SER B 45 18.60 9.20 13.57
C SER B 45 18.16 9.86 14.86
N TYR B 46 16.85 10.07 15.00
CA TYR B 46 16.33 10.68 16.22
C TYR B 46 15.95 9.53 17.11
N ASP B 47 16.04 9.69 18.41
CA ASP B 47 15.56 8.61 19.21
C ASP B 47 14.87 9.16 20.42
N VAL B 48 13.72 8.58 20.67
CA VAL B 48 12.87 8.99 21.75
C VAL B 48 12.50 7.76 22.55
N GLU B 49 12.12 7.96 23.80
CA GLU B 49 11.73 6.85 24.63
C GLU B 49 10.42 6.39 24.03
N ASN B 50 9.95 5.21 24.41
CA ASN B 50 8.71 4.73 23.86
C ASN B 50 7.67 4.74 24.95
N VAL B 51 7.45 5.92 25.53
CA VAL B 51 6.47 6.03 26.60
C VAL B 51 5.68 7.33 26.63
N ASN B 52 4.52 7.27 27.27
CA ASN B 52 3.61 8.41 27.42
C ASN B 52 4.12 9.50 28.34
N SER B 53 3.29 10.53 28.49
CA SER B 53 3.55 11.63 29.39
C SER B 53 3.04 11.04 30.71
N ARG B 54 2.24 9.99 30.57
CA ARG B 54 1.68 9.28 31.69
C ARG B 54 2.55 8.05 31.94
N ASN B 55 3.68 8.00 31.23
CA ASN B 55 4.65 6.91 31.33
C ASN B 55 4.09 5.54 30.93
N GLN B 56 3.19 5.56 29.94
CA GLN B 56 2.57 4.35 29.42
C GLN B 56 3.22 3.95 28.09
N LEU B 57 3.48 2.66 27.93
CA LEU B 57 4.10 2.13 26.72
C LEU B 57 3.36 2.46 25.44
N VAL B 58 4.12 2.98 24.49
CA VAL B 58 3.60 3.34 23.17
C VAL B 58 4.47 2.56 22.19
N GLU B 59 3.85 1.89 21.23
CA GLU B 59 4.59 1.10 20.25
C GLU B 59 4.83 1.94 19.00
N PRO B 60 6.07 1.98 18.49
CA PRO B 60 6.32 2.76 17.28
C PRO B 60 5.67 2.14 16.06
N ASN B 61 5.02 2.95 15.25
CA ASN B 61 4.35 2.44 14.07
C ASN B 61 4.58 3.27 12.81
N ARG B 62 4.25 2.67 11.67
CA ARG B 62 4.42 3.33 10.40
C ARG B 62 3.18 4.15 10.08
N ILE B 63 3.36 5.20 9.30
CA ILE B 63 2.26 6.06 8.88
C ILE B 63 2.11 5.85 7.37
N LYS B 64 0.88 5.63 6.91
CA LYS B 64 0.66 5.43 5.49
C LYS B 64 -0.08 6.59 4.84
N LEU B 65 0.52 7.15 3.79
CA LEU B 65 -0.04 8.27 3.06
C LEU B 65 -0.53 7.73 1.73
N SER B 66 -1.77 8.01 1.38
CA SER B 66 -2.29 7.47 0.15
C SER B 66 -3.17 8.46 -0.57
N LYS B 67 -3.18 8.36 -1.90
CA LYS B 67 -3.99 9.23 -2.75
C LYS B 67 -4.02 8.59 -4.13
N GLU B 68 -4.87 9.10 -5.00
CA GLU B 68 -4.95 8.58 -6.36
C GLU B 68 -4.03 9.43 -7.23
N VAL B 69 -3.63 8.86 -8.36
CA VAL B 69 -2.77 9.54 -9.31
C VAL B 69 -3.48 9.44 -10.63
N PRO B 70 -3.59 10.56 -11.35
CA PRO B 70 -4.25 10.51 -12.64
C PRO B 70 -3.42 9.51 -13.46
N PHE B 71 -4.07 8.71 -14.29
CA PHE B 71 -3.36 7.72 -15.07
C PHE B 71 -2.40 8.36 -16.06
N SER B 72 -2.68 9.60 -16.45
CA SER B 72 -1.82 10.33 -17.38
C SER B 72 -0.50 10.70 -16.74
N TYR B 73 -0.48 10.77 -15.42
CA TYR B 73 0.72 11.12 -14.71
C TYR B 73 1.41 9.89 -14.15
N LEU B 74 0.87 8.71 -14.38
CA LEU B 74 1.48 7.49 -13.85
C LEU B 74 2.94 7.23 -14.18
N ILE B 75 3.35 7.38 -15.44
CA ILE B 75 4.76 7.16 -15.76
C ILE B 75 5.58 8.21 -15.03
N ASP B 76 5.18 9.48 -15.14
CA ASP B 76 5.88 10.56 -14.48
C ASP B 76 6.15 10.36 -12.99
N GLU B 77 5.17 9.83 -12.26
CA GLU B 77 5.36 9.65 -10.82
C GLU B 77 6.03 8.35 -10.40
N THR B 78 6.20 7.43 -11.34
CA THR B 78 6.85 6.16 -11.06
C THR B 78 8.23 6.07 -11.74
N MET B 79 8.24 5.71 -13.02
CA MET B 79 9.48 5.58 -13.76
C MET B 79 10.28 6.85 -13.90
N MET B 80 9.67 7.89 -14.45
CA MET B 80 10.37 9.15 -14.66
C MET B 80 10.32 10.14 -13.49
N ASP B 81 10.06 9.64 -12.29
CA ASP B 81 9.96 10.49 -11.12
C ASP B 81 11.19 11.33 -10.81
N LYS B 82 12.36 10.71 -10.85
CA LYS B 82 13.57 11.43 -10.52
C LYS B 82 13.87 12.61 -11.43
N PRO B 83 15.11 12.75 -11.97
CA PRO B 83 15.29 13.95 -12.80
C PRO B 83 14.01 14.76 -12.88
N LEU B 84 13.73 15.49 -11.80
CA LEU B 84 12.52 16.29 -11.68
C LEU B 84 12.04 16.89 -13.01
N ASN B 85 12.89 17.65 -13.68
CA ASN B 85 12.50 18.27 -14.96
C ASN B 85 12.55 17.36 -16.18
N PHE B 86 12.82 16.08 -15.96
CA PHE B 86 12.83 15.11 -17.03
C PHE B 86 11.45 14.49 -16.89
N ARG B 87 10.51 14.90 -17.74
CA ARG B 87 9.15 14.40 -17.64
C ARG B 87 8.40 14.39 -18.96
N ILE B 88 7.20 13.81 -18.94
CA ILE B 88 6.34 13.71 -20.13
C ILE B 88 5.31 14.84 -20.13
N LEU B 89 4.91 15.28 -18.94
CA LEU B 89 3.97 16.39 -18.80
C LEU B 89 4.68 17.58 -18.16
N GLU B 158 3.89 23.89 -5.61
CA GLU B 158 3.80 24.76 -4.44
C GLU B 158 3.43 23.99 -3.18
N SER B 159 2.14 23.88 -2.86
CA SER B 159 1.73 23.15 -1.65
C SER B 159 1.56 21.65 -1.94
N CYS B 160 1.21 20.89 -0.90
CA CYS B 160 1.03 19.45 -1.07
C CYS B 160 -0.36 19.10 -1.56
N SER B 161 -0.50 17.93 -2.17
CA SER B 161 -1.79 17.46 -2.65
C SER B 161 -2.56 16.87 -1.48
N PRO B 162 -3.85 16.58 -1.68
CA PRO B 162 -4.54 15.99 -0.53
C PRO B 162 -4.01 14.55 -0.36
N TRP B 163 -3.99 14.05 0.87
CA TRP B 163 -3.54 12.69 1.11
C TRP B 163 -4.40 12.12 2.22
N SER B 164 -4.40 10.80 2.30
CA SER B 164 -5.11 10.13 3.35
C SER B 164 -3.98 9.65 4.28
N LEU B 165 -4.06 9.98 5.56
CA LEU B 165 -3.01 9.56 6.49
C LEU B 165 -3.59 8.47 7.39
N GLN B 166 -2.94 7.31 7.39
CA GLN B 166 -3.44 6.18 8.17
C GLN B 166 -2.40 5.45 9.01
N ILE B 167 -2.83 5.04 10.20
CA ILE B 167 -2.02 4.24 11.09
C ILE B 167 -2.98 3.09 11.41
N SER B 168 -2.53 1.85 11.24
CA SER B 168 -3.42 0.72 11.52
C SER B 168 -2.86 -0.13 12.64
N ASP B 169 -3.73 -0.94 13.24
CA ASP B 169 -3.33 -1.83 14.33
C ASP B 169 -3.30 -3.23 13.77
N ILE B 170 -2.57 -4.11 14.44
CA ILE B 170 -2.50 -5.49 14.00
C ILE B 170 -3.92 -6.02 14.22
N PRO B 171 -4.46 -6.81 13.28
CA PRO B 171 -5.82 -7.35 13.44
C PRO B 171 -6.13 -7.98 14.80
N ALA B 172 -7.41 -7.96 15.17
CA ALA B 172 -7.90 -8.50 16.44
C ALA B 172 -7.48 -9.97 16.62
N ALA B 173 -7.10 -10.33 17.84
CA ALA B 173 -6.69 -11.72 18.09
C ALA B 173 -7.89 -12.66 18.20
N GLY B 174 -7.65 -13.96 18.01
CA GLY B 174 -8.72 -14.93 18.09
C GLY B 174 -8.56 -16.13 17.19
N ASN B 175 -8.64 -17.34 17.76
CA ASN B 175 -8.51 -18.55 16.96
C ASN B 175 -9.86 -18.75 16.28
N ASN B 176 -9.83 -19.24 15.05
CA ASN B 176 -11.07 -19.47 14.31
C ASN B 176 -11.84 -18.18 14.10
N ARG B 177 -11.18 -17.19 13.50
CA ARG B 177 -11.85 -15.93 13.20
C ARG B 177 -12.45 -16.14 11.82
N SER B 178 -13.68 -15.70 11.63
CA SER B 178 -14.35 -15.88 10.36
C SER B 178 -13.94 -14.82 9.36
N VAL B 179 -13.32 -13.75 9.86
CA VAL B 179 -12.84 -12.66 9.02
C VAL B 179 -11.72 -11.97 9.74
N SER B 180 -10.97 -11.13 9.01
CA SER B 180 -9.92 -10.35 9.62
C SER B 180 -10.61 -9.05 10.04
N MET B 181 -10.24 -8.51 11.20
CA MET B 181 -10.81 -7.27 11.71
C MET B 181 -9.70 -6.31 12.13
N GLN B 182 -9.54 -5.22 11.38
CA GLN B 182 -8.47 -4.26 11.65
C GLN B 182 -8.92 -2.83 11.93
N THR B 183 -8.40 -2.27 13.02
CA THR B 183 -8.67 -0.89 13.44
C THR B 183 -7.76 0.02 12.65
N ILE B 184 -8.31 1.12 12.15
CA ILE B 184 -7.54 2.05 11.36
C ILE B 184 -7.77 3.51 11.75
N ALA B 185 -6.72 4.19 12.17
CA ALA B 185 -6.83 5.60 12.54
C ALA B 185 -6.47 6.40 11.28
N GLU B 186 -7.38 7.24 10.81
CA GLU B 186 -7.14 8.02 9.62
C GLU B 186 -7.53 9.46 9.76
N THR B 187 -6.81 10.33 9.08
CA THR B 187 -7.14 11.74 9.05
C THR B 187 -6.84 12.14 7.62
N ILE B 188 -7.34 13.29 7.20
CA ILE B 188 -7.10 13.74 5.82
C ILE B 188 -6.25 14.98 5.73
N ILE B 189 -5.23 14.95 4.88
CA ILE B 189 -4.40 16.13 4.68
C ILE B 189 -4.97 16.84 3.46
N LEU B 190 -5.35 18.11 3.62
CA LEU B 190 -5.94 18.85 2.51
C LEU B 190 -4.98 19.75 1.79
N SER B 191 -4.08 20.38 2.52
CA SER B 191 -3.12 21.27 1.90
C SER B 191 -2.04 21.70 2.89
N SER B 192 -1.12 22.53 2.41
CA SER B 192 0.01 23.02 3.20
C SER B 192 0.50 24.39 2.76
N ALA B 193 1.34 24.99 3.59
CA ALA B 193 1.89 26.31 3.30
C ALA B 193 3.11 26.54 4.18
N GLY B 194 3.94 27.52 3.80
CA GLY B 194 5.11 27.85 4.59
C GLY B 194 6.44 27.51 3.94
N LYS B 195 7.50 27.51 4.75
CA LYS B 195 8.84 27.20 4.26
C LYS B 195 8.85 25.83 3.59
N ASN B 196 8.79 24.80 4.43
CA ASN B 196 8.81 23.42 3.97
C ASN B 196 7.39 22.89 3.95
N SER B 197 6.71 23.13 2.83
CA SER B 197 5.33 22.71 2.68
C SER B 197 5.14 21.36 1.98
N SER B 198 6.21 20.78 1.43
CA SER B 198 6.10 19.49 0.76
C SER B 198 5.66 18.45 1.80
N VAL B 199 4.83 17.50 1.37
CA VAL B 199 4.35 16.47 2.28
C VAL B 199 5.51 15.78 2.96
N SER B 200 6.63 15.73 2.26
CA SER B 200 7.82 15.08 2.76
C SER B 200 8.38 15.83 3.96
N SER B 201 8.48 17.15 3.83
CA SER B 201 8.98 17.98 4.91
C SER B 201 8.05 17.83 6.11
N LEU B 202 6.74 17.90 5.84
CA LEU B 202 5.72 17.79 6.89
C LEU B 202 5.83 16.49 7.68
N MET B 203 6.14 15.40 6.98
CA MET B 203 6.31 14.12 7.64
C MET B 203 7.55 14.17 8.51
N ASN B 204 8.60 14.84 8.00
CA ASN B 204 9.86 15.00 8.73
C ASN B 204 9.56 15.84 9.97
N GLY B 205 8.78 16.91 9.80
CA GLY B 205 8.43 17.76 10.92
C GLY B 205 7.76 16.98 12.03
N LEU B 206 7.09 15.88 11.68
CA LEU B 206 6.43 15.06 12.67
C LEU B 206 7.44 14.10 13.26
N GLY B 207 8.60 14.03 12.64
CA GLY B 207 9.64 13.14 13.12
C GLY B 207 9.69 11.83 12.37
N TYR B 208 9.21 11.83 11.14
CA TYR B 208 9.18 10.63 10.34
C TYR B 208 10.02 10.74 9.06
N VAL B 209 10.37 9.59 8.48
CA VAL B 209 11.14 9.57 7.25
C VAL B 209 10.53 8.60 6.26
N PHE B 210 10.76 8.87 4.99
CA PHE B 210 10.24 8.01 3.95
C PHE B 210 10.92 6.66 4.02
N GLU B 211 10.15 5.59 3.93
CA GLU B 211 10.69 4.24 3.97
C GLU B 211 10.50 3.59 2.62
N PHE B 212 9.25 3.36 2.23
CA PHE B 212 8.99 2.75 0.94
C PHE B 212 7.64 3.18 0.38
N GLN B 213 7.38 2.85 -0.87
CA GLN B 213 6.12 3.22 -1.49
C GLN B 213 5.72 2.23 -2.58
N TYR B 214 4.42 2.05 -2.77
CA TYR B 214 3.91 1.13 -3.78
C TYR B 214 2.67 1.66 -4.50
N LEU B 215 2.54 1.24 -5.76
CA LEU B 215 1.42 1.61 -6.60
C LEU B 215 0.47 0.44 -6.72
N THR B 216 -0.82 0.69 -6.65
CA THR B 216 -1.74 -0.39 -6.82
C THR B 216 -2.75 0.03 -7.87
N ILE B 217 -2.98 -0.87 -8.83
CA ILE B 217 -3.93 -0.66 -9.92
C ILE B 217 -4.88 -1.85 -9.93
N GLY B 218 -6.16 -1.57 -10.13
CA GLY B 218 -7.12 -2.65 -10.12
C GLY B 218 -8.52 -2.20 -10.50
N VAL B 219 -9.45 -3.14 -10.34
CA VAL B 219 -10.85 -2.87 -10.61
C VAL B 219 -11.63 -3.18 -9.34
N LYS B 220 -12.70 -2.43 -9.09
CA LYS B 220 -13.50 -2.67 -7.89
C LYS B 220 -14.95 -2.88 -8.25
N PHE B 221 -15.69 -3.50 -7.34
CA PHE B 221 -17.10 -3.77 -7.51
C PHE B 221 -17.85 -3.33 -6.28
N PHE B 222 -18.93 -2.58 -6.47
CA PHE B 222 -19.75 -2.16 -5.34
C PHE B 222 -20.87 -3.19 -5.18
N MET B 223 -21.00 -3.74 -4.00
CA MET B 223 -22.03 -4.73 -3.75
C MET B 223 -22.94 -4.31 -2.62
N LYS B 224 -23.85 -5.19 -2.22
CA LYS B 224 -24.79 -4.84 -1.18
C LYS B 224 -24.21 -4.72 0.22
N HIS B 225 -24.86 -3.89 1.01
CA HIS B 225 -24.49 -3.66 2.40
C HIS B 225 -23.11 -3.04 2.60
N GLY B 226 -22.61 -2.37 1.58
CA GLY B 226 -21.31 -1.73 1.69
C GLY B 226 -20.13 -2.64 1.41
N LEU B 227 -20.40 -3.82 0.87
CA LEU B 227 -19.33 -4.75 0.57
C LEU B 227 -18.60 -4.28 -0.69
N ILE B 228 -17.28 -4.27 -0.64
CA ILE B 228 -16.49 -3.86 -1.79
C ILE B 228 -15.48 -4.93 -2.15
N LEU B 229 -15.31 -5.16 -3.44
CA LEU B 229 -14.39 -6.17 -3.92
C LEU B 229 -13.37 -5.55 -4.82
N GLU B 230 -12.10 -5.76 -4.50
CA GLU B 230 -11.00 -5.21 -5.29
C GLU B 230 -10.14 -6.33 -5.86
N LEU B 231 -9.81 -6.21 -7.13
CA LEU B 231 -8.97 -7.18 -7.80
C LEU B 231 -7.79 -6.29 -8.05
N GLN B 232 -6.67 -6.56 -7.39
CA GLN B 232 -5.53 -5.69 -7.54
C GLN B 232 -4.17 -6.24 -7.93
N LYS B 233 -3.35 -5.33 -8.46
CA LYS B 233 -1.98 -5.62 -8.82
C LYS B 233 -1.15 -4.57 -8.08
N ILE B 234 -0.04 -4.98 -7.47
CA ILE B 234 0.79 -4.08 -6.70
C ILE B 234 2.23 -4.03 -7.21
N TRP B 235 2.76 -2.81 -7.30
CA TRP B 235 4.12 -2.59 -7.76
C TRP B 235 4.84 -1.72 -6.75
N GLN B 236 6.02 -2.16 -6.29
CA GLN B 236 6.79 -1.32 -5.38
C GLN B 236 7.51 -0.35 -6.31
N ILE B 237 7.75 0.89 -5.88
CA ILE B 237 8.42 1.90 -6.71
C ILE B 237 9.80 2.33 -6.17
N GLU B 238 10.84 2.22 -7.00
CA GLU B 238 12.20 2.63 -6.61
C GLU B 238 12.88 3.06 -7.89
N GLU B 239 13.92 3.88 -7.83
CA GLU B 239 14.62 4.30 -9.04
C GLU B 239 15.19 3.07 -9.72
N ALA B 240 15.61 2.10 -8.91
CA ALA B 240 16.16 0.87 -9.44
C ALA B 240 15.09 0.13 -10.25
N GLY B 241 13.84 0.57 -10.13
CA GLY B 241 12.79 -0.05 -10.89
C GLY B 241 11.62 -0.51 -10.05
N ASN B 242 10.43 -0.58 -10.66
CA ASN B 242 9.25 -1.04 -9.98
C ASN B 242 9.20 -2.54 -10.15
N SER B 243 8.96 -3.26 -9.07
CA SER B 243 8.85 -4.71 -9.15
C SER B 243 7.44 -5.10 -8.76
N GLN B 244 6.80 -5.95 -9.56
CA GLN B 244 5.43 -6.34 -9.23
C GLN B 244 5.30 -7.39 -8.11
N ILE B 245 4.90 -6.92 -6.94
CA ILE B 245 4.72 -7.79 -5.79
C ILE B 245 3.73 -8.90 -6.12
N THR B 246 2.73 -8.57 -6.94
CA THR B 246 1.70 -9.53 -7.32
C THR B 246 1.99 -10.25 -8.63
N SER B 247 3.23 -10.21 -9.09
CA SER B 247 3.61 -10.88 -10.33
C SER B 247 2.96 -12.26 -10.42
N GLY B 248 2.27 -12.53 -11.53
CA GLY B 248 1.60 -13.80 -11.71
C GLY B 248 0.09 -13.71 -11.75
N GLY B 249 -0.49 -12.85 -10.91
CA GLY B 249 -1.94 -12.71 -10.88
C GLY B 249 -2.43 -11.50 -10.12
N PHE B 250 -3.62 -11.62 -9.52
CA PHE B 250 -4.24 -10.53 -8.77
C PHE B 250 -4.53 -10.84 -7.32
N LEU B 251 -4.37 -9.84 -6.48
CA LEU B 251 -4.69 -10.02 -5.07
C LEU B 251 -6.17 -9.67 -4.95
N LEU B 252 -6.96 -10.61 -4.41
CA LEU B 252 -8.38 -10.36 -4.28
C LEU B 252 -8.72 -9.95 -2.86
N LYS B 253 -9.46 -8.85 -2.72
CA LYS B 253 -9.85 -8.34 -1.42
C LYS B 253 -11.32 -7.99 -1.32
N ALA B 254 -11.97 -8.46 -0.26
CA ALA B 254 -13.38 -8.20 -0.02
C ALA B 254 -13.41 -7.57 1.35
N TYR B 255 -14.09 -6.44 1.49
CA TYR B 255 -14.09 -5.78 2.79
C TYR B 255 -15.25 -4.84 3.00
N ILE B 256 -15.46 -4.49 4.26
CA ILE B 256 -16.48 -3.55 4.66
C ILE B 256 -15.92 -2.69 5.78
N ASN B 257 -16.15 -1.38 5.71
CA ASN B 257 -15.67 -0.47 6.74
C ASN B 257 -16.77 -0.19 7.73
N VAL B 258 -16.48 -0.43 9.00
CA VAL B 258 -17.46 -0.26 10.06
C VAL B 258 -17.07 0.80 11.08
N SER B 259 -17.84 1.90 11.11
CA SER B 259 -17.61 2.99 12.06
C SER B 259 -17.99 2.51 13.47
N ASP B 263 -21.44 -0.76 17.30
CA ASP B 263 -22.33 -1.72 17.98
C ASP B 263 -22.03 -3.13 17.49
N ILE B 264 -21.96 -4.07 18.43
CA ILE B 264 -21.71 -5.47 18.13
C ILE B 264 -22.54 -6.00 16.96
N ASP B 265 -23.81 -5.63 16.94
CA ASP B 265 -24.72 -6.07 15.87
C ASP B 265 -24.14 -5.86 14.48
N ARG B 266 -23.96 -4.60 14.10
CA ARG B 266 -23.44 -4.27 12.79
C ARG B 266 -22.11 -4.99 12.50
N ILE B 267 -21.42 -5.42 13.56
CA ILE B 267 -20.16 -6.14 13.37
C ILE B 267 -20.45 -7.60 13.01
N ASN B 268 -21.46 -8.18 13.65
CA ASN B 268 -21.82 -9.57 13.37
C ASN B 268 -22.59 -9.62 12.07
N TYR B 269 -23.21 -8.51 11.70
CA TYR B 269 -23.96 -8.44 10.46
C TYR B 269 -22.97 -8.37 9.31
N THR B 270 -21.94 -7.56 9.49
CA THR B 270 -20.92 -7.39 8.48
C THR B 270 -20.18 -8.70 8.28
N GLU B 271 -19.93 -9.43 9.37
CA GLU B 271 -19.24 -10.70 9.24
C GLU B 271 -20.09 -11.60 8.35
N THR B 272 -21.39 -11.59 8.59
CA THR B 272 -22.29 -12.41 7.81
C THR B 272 -22.22 -12.09 6.32
N VAL B 273 -22.24 -10.81 5.99
CA VAL B 273 -22.16 -10.43 4.59
C VAL B 273 -20.91 -11.02 3.94
N LEU B 274 -19.76 -10.86 4.60
CA LEU B 274 -18.50 -11.40 4.10
C LEU B 274 -18.60 -12.92 4.01
N MET B 275 -19.17 -13.56 5.03
CA MET B 275 -19.30 -15.02 5.03
C MET B 275 -20.18 -15.53 3.89
N ASN B 276 -21.23 -14.77 3.54
CA ASN B 276 -22.11 -15.17 2.42
C ASN B 276 -21.38 -15.04 1.09
N LEU B 277 -20.50 -14.04 0.99
CA LEU B 277 -19.74 -13.86 -0.24
C LEU B 277 -18.74 -15.01 -0.33
N LYS B 278 -18.12 -15.34 0.80
CA LYS B 278 -17.15 -16.45 0.80
C LYS B 278 -17.90 -17.72 0.38
N LYS B 279 -19.07 -17.91 0.96
CA LYS B 279 -19.89 -19.07 0.67
C LYS B 279 -20.28 -19.10 -0.79
N GLU B 280 -20.67 -17.95 -1.34
CA GLU B 280 -21.07 -17.88 -2.72
C GLU B 280 -19.95 -18.11 -3.75
N LEU B 281 -18.69 -18.01 -3.32
CA LEU B 281 -17.57 -18.22 -4.22
C LEU B 281 -16.85 -19.51 -3.91
N GLN B 282 -17.31 -20.22 -2.88
CA GLN B 282 -16.70 -21.48 -2.51
C GLN B 282 -16.78 -22.39 -3.72
N GLY B 283 -15.72 -23.16 -3.95
CA GLY B 283 -15.72 -24.03 -5.10
C GLY B 283 -15.00 -23.36 -6.26
N TYR B 284 -15.25 -22.08 -6.47
CA TYR B 284 -14.61 -21.32 -7.54
C TYR B 284 -13.32 -20.65 -7.06
N ILE B 285 -13.45 -19.67 -6.16
CA ILE B 285 -12.30 -18.93 -5.61
C ILE B 285 -12.44 -18.88 -4.09
N GLU B 286 -11.38 -19.21 -3.36
CA GLU B 286 -11.50 -19.18 -1.91
C GLU B 286 -11.01 -17.92 -1.22
N LEU B 287 -11.82 -17.41 -0.29
CA LEU B 287 -11.49 -16.21 0.46
C LEU B 287 -11.22 -16.60 1.89
N SER B 288 -10.07 -16.22 2.42
CA SER B 288 -9.76 -16.55 3.81
C SER B 288 -9.19 -15.41 4.62
N VAL B 289 -8.96 -15.67 5.91
CA VAL B 289 -8.43 -14.68 6.80
C VAL B 289 -6.90 -14.74 6.77
N PRO B 290 -6.25 -13.64 6.37
CA PRO B 290 -4.78 -13.66 6.33
C PRO B 290 -4.20 -13.66 7.74
N ASP B 291 -2.94 -14.02 7.83
CA ASP B 291 -2.22 -14.05 9.10
C ASP B 291 -2.09 -12.65 9.72
N ARG B 292 -2.49 -12.52 10.98
CA ARG B 292 -2.40 -11.25 11.68
C ARG B 292 -1.05 -10.60 11.50
N GLN B 293 0.00 -11.37 11.73
CA GLN B 293 1.36 -10.86 11.63
C GLN B 293 1.69 -10.25 10.25
N SER B 294 0.92 -10.62 9.22
CA SER B 294 1.14 -10.11 7.88
C SER B 294 0.43 -8.79 7.65
N MET B 295 -0.30 -8.36 8.65
CA MET B 295 -1.03 -7.12 8.58
C MET B 295 -0.66 -6.21 9.76
N ASP B 296 0.60 -6.29 10.16
CA ASP B 296 1.12 -5.51 11.28
C ASP B 296 2.22 -4.56 10.82
N SER B 297 1.96 -3.26 10.82
CA SER B 297 2.95 -2.29 10.36
C SER B 297 3.87 -1.69 11.42
N ARG B 298 3.84 -2.23 12.63
CA ARG B 298 4.69 -1.71 13.69
C ARG B 298 6.19 -1.83 13.35
N VAL B 299 6.98 -0.84 13.75
CA VAL B 299 8.42 -0.84 13.49
C VAL B 299 9.15 -1.62 14.56
N ALA B 300 10.21 -2.34 14.18
CA ALA B 300 10.89 -3.12 15.20
C ALA B 300 12.37 -3.45 15.20
N HIS B 301 12.97 -3.87 14.10
CA HIS B 301 14.34 -4.33 14.31
C HIS B 301 15.30 -4.33 13.16
N GLY B 302 15.75 -5.55 12.92
CA GLY B 302 16.69 -5.89 11.89
C GLY B 302 16.76 -7.34 12.29
N ASN B 303 15.69 -8.05 11.96
CA ASN B 303 15.55 -9.47 12.28
C ASN B 303 15.86 -10.33 11.05
N ILE B 304 16.70 -11.34 11.19
CA ILE B 304 17.01 -12.23 10.07
C ILE B 304 15.89 -13.26 10.00
N LEU B 305 15.11 -13.23 8.92
CA LEU B 305 14.01 -14.18 8.78
C LEU B 305 14.48 -15.62 8.67
N ILE B 306 13.97 -16.43 9.59
CA ILE B 306 14.31 -17.84 9.75
C ILE B 306 15.83 -17.90 9.72
N LYS C 2 -31.71 -9.36 21.81
CA LYS C 2 -32.88 -8.60 22.36
C LYS C 2 -32.46 -7.40 23.15
N SER C 3 -33.45 -6.66 23.62
CA SER C 3 -33.24 -5.44 24.45
C SER C 3 -34.56 -5.12 25.17
N ALA C 4 -34.50 -4.22 26.12
CA ALA C 4 -35.65 -3.82 26.86
C ALA C 4 -35.42 -2.43 27.44
N VAL C 5 -36.45 -1.59 27.47
CA VAL C 5 -36.32 -0.26 28.01
C VAL C 5 -37.23 -0.09 29.21
N ILE C 6 -36.68 0.36 30.33
CA ILE C 6 -37.49 0.59 31.52
C ILE C 6 -37.49 2.08 31.83
N PHE C 7 -38.68 2.66 31.91
CA PHE C 7 -38.80 4.09 32.21
C PHE C 7 -39.43 4.29 33.58
N VAL C 8 -38.65 4.85 34.50
CA VAL C 8 -39.10 5.12 35.86
C VAL C 8 -39.76 6.50 35.94
N GLU C 9 -41.08 6.53 35.79
CA GLU C 9 -41.86 7.77 35.82
C GLU C 9 -41.69 8.53 37.14
N ARG C 10 -42.07 7.87 38.24
CA ARG C 10 -41.95 8.44 39.58
C ARG C 10 -40.51 8.31 40.05
N ALA C 11 -39.74 9.39 39.96
CA ALA C 11 -38.36 9.35 40.39
C ALA C 11 -37.73 10.74 40.42
N THR C 12 -36.49 10.79 40.89
CA THR C 12 -35.75 12.03 40.99
C THR C 12 -34.35 11.79 40.45
N PRO C 13 -33.59 12.87 40.19
CA PRO C 13 -32.23 12.76 39.66
C PRO C 13 -31.34 11.78 40.43
N ALA C 14 -31.72 11.52 41.69
CA ALA C 14 -30.96 10.62 42.56
C ALA C 14 -31.26 9.15 42.31
N THR C 15 -32.48 8.85 41.90
CA THR C 15 -32.89 7.47 41.65
C THR C 15 -31.86 6.72 40.82
N LEU C 16 -31.23 7.42 39.88
CA LEU C 16 -30.23 6.80 39.01
C LEU C 16 -29.15 6.13 39.85
N THR C 17 -28.51 6.91 40.73
CA THR C 17 -27.46 6.40 41.59
C THR C 17 -27.94 5.28 42.52
N GLU C 18 -29.12 5.44 43.09
CA GLU C 18 -29.67 4.44 44.00
C GLU C 18 -29.68 3.07 43.31
N LEU C 19 -30.09 3.05 42.05
CA LEU C 19 -30.14 1.81 41.28
C LEU C 19 -28.73 1.41 40.87
N LYS C 20 -27.86 2.40 40.69
CA LYS C 20 -26.49 2.17 40.30
C LYS C 20 -25.76 1.36 41.37
N ASP C 21 -26.09 1.65 42.63
CA ASP C 21 -25.48 0.98 43.76
C ASP C 21 -26.09 -0.40 44.02
N ALA C 22 -27.39 -0.53 43.78
CA ALA C 22 -28.08 -1.79 43.98
C ALA C 22 -27.46 -2.82 43.04
N LEU C 23 -26.54 -2.35 42.19
CA LEU C 23 -25.86 -3.22 41.23
C LEU C 23 -24.37 -3.26 41.53
N SER C 24 -23.96 -2.57 42.58
CA SER C 24 -22.55 -2.52 42.97
C SER C 24 -21.96 -3.93 43.14
N ASN C 25 -22.82 -4.90 43.42
CA ASN C 25 -22.40 -6.29 43.61
C ASN C 25 -22.78 -7.14 42.40
N SER C 26 -22.59 -6.59 41.21
CA SER C 26 -22.91 -7.29 39.97
C SER C 26 -22.15 -6.66 38.81
N ILE C 27 -21.65 -5.44 39.04
CA ILE C 27 -20.89 -4.70 38.04
C ILE C 27 -19.60 -5.42 37.67
N LEU C 28 -19.01 -5.03 36.55
CA LEU C 28 -17.75 -5.62 36.09
C LEU C 28 -16.85 -4.50 35.60
N SER C 29 -17.36 -3.70 34.66
CA SER C 29 -16.61 -2.58 34.11
C SER C 29 -17.58 -1.52 33.60
N VAL C 30 -17.06 -0.33 33.26
CA VAL C 30 -17.89 0.75 32.77
C VAL C 30 -17.29 1.36 31.51
N ARG C 31 -18.03 1.25 30.41
CA ARG C 31 -17.58 1.79 29.14
C ARG C 31 -17.97 3.26 29.02
N ASP C 32 -17.67 3.87 27.87
CA ASP C 32 -17.96 5.28 27.64
C ASP C 32 -19.43 5.68 27.78
N PRO C 33 -19.68 6.91 28.23
CA PRO C 33 -21.02 7.45 28.42
C PRO C 33 -21.77 7.55 27.09
N TRP C 34 -23.09 7.52 27.15
CA TRP C 34 -23.90 7.60 25.94
C TRP C 34 -24.90 8.76 26.05
N SER C 35 -25.60 9.02 24.96
CA SER C 35 -26.57 10.10 24.93
C SER C 35 -27.77 9.70 24.10
N ILE C 36 -28.86 10.44 24.23
CA ILE C 36 -30.06 10.15 23.46
C ILE C 36 -31.12 11.24 23.43
N ASP C 37 -31.67 11.48 22.24
CA ASP C 37 -32.71 12.48 22.08
C ASP C 37 -34.02 11.77 21.75
N PHE C 38 -35.11 12.21 22.36
CA PHE C 38 -36.43 11.63 22.09
C PHE C 38 -37.38 12.76 21.73
N ARG C 39 -37.75 12.84 20.46
CA ARG C 39 -38.63 13.87 19.95
C ARG C 39 -40.02 13.34 19.63
N THR C 40 -41.03 14.20 19.77
CA THR C 40 -42.42 13.84 19.47
C THR C 40 -42.99 14.86 18.51
N TYR C 41 -43.44 14.41 17.36
CA TYR C 41 -44.01 15.29 16.35
C TYR C 41 -45.52 15.05 16.25
N ARG C 42 -46.27 16.09 15.92
CA ARG C 42 -47.73 15.97 15.76
C ARG C 42 -48.10 16.43 14.36
N CYS C 43 -48.81 15.57 13.64
CA CYS C 43 -49.23 15.90 12.29
C CYS C 43 -50.23 17.05 12.33
N SER C 44 -49.99 18.05 11.49
CA SER C 44 -50.83 19.25 11.43
C SER C 44 -51.84 19.25 10.28
N ILE C 45 -52.19 18.08 9.77
CA ILE C 45 -53.16 18.00 8.68
C ILE C 45 -54.54 18.02 9.31
N LYS C 46 -55.55 18.42 8.54
CA LYS C 46 -56.91 18.50 9.07
C LYS C 46 -57.85 17.41 8.55
N ASN C 47 -57.67 17.01 7.29
CA ASN C 47 -58.51 15.99 6.68
C ASN C 47 -58.17 14.62 7.21
N LEU C 48 -57.40 14.57 8.29
CA LEU C 48 -57.01 13.29 8.82
C LEU C 48 -58.16 12.34 9.17
N PRO C 49 -58.21 11.20 8.46
CA PRO C 49 -59.21 10.13 8.62
C PRO C 49 -59.03 9.47 9.99
N ALA C 50 -59.87 8.50 10.32
CA ALA C 50 -59.80 7.79 11.60
C ALA C 50 -58.71 8.27 12.54
N VAL C 52 -55.65 6.92 12.46
CA VAL C 52 -54.49 7.70 12.04
C VAL C 52 -53.91 8.51 13.20
N SER C 53 -52.83 8.02 13.80
CA SER C 53 -52.22 8.76 14.91
C SER C 53 -51.54 10.01 14.38
N LYS C 54 -51.93 11.16 14.92
CA LYS C 54 -51.35 12.42 14.50
C LYS C 54 -49.90 12.48 15.02
N LEU C 55 -49.47 11.43 15.72
CA LEU C 55 -48.12 11.41 16.30
C LEU C 55 -47.05 10.52 15.66
N MET C 56 -45.83 11.03 15.59
CA MET C 56 -44.67 10.33 15.06
C MET C 56 -43.51 10.57 15.99
N TYR C 57 -42.78 9.52 16.33
CA TYR C 57 -41.64 9.66 17.22
C TYR C 57 -40.28 9.58 16.50
N SER C 58 -39.32 10.35 17.00
CA SER C 58 -37.99 10.43 16.44
C SER C 58 -36.99 10.11 17.55
N ILE C 59 -36.30 8.98 17.44
CA ILE C 59 -35.33 8.58 18.45
C ILE C 59 -33.89 8.69 17.92
N THR C 60 -33.13 9.65 18.44
CA THR C 60 -31.76 9.83 18.01
C THR C 60 -30.75 9.24 18.99
N PHE C 61 -29.95 8.29 18.51
CA PHE C 61 -28.92 7.64 19.32
C PHE C 61 -27.56 8.30 19.08
N HIS C 62 -26.72 8.32 20.10
CA HIS C 62 -25.39 8.90 20.04
C HIS C 62 -24.35 7.83 20.38
N HIS C 63 -24.54 6.64 19.80
CA HIS C 63 -23.63 5.51 20.02
C HIS C 63 -22.53 5.55 18.94
N HIS C 64 -21.83 6.68 18.86
CA HIS C 64 -20.75 6.91 17.88
C HIS C 64 -21.33 7.29 16.51
N GLY C 65 -22.63 7.07 16.34
CA GLY C 65 -23.29 7.36 15.09
C GLY C 65 -24.60 8.10 15.30
N ARG C 66 -24.67 9.31 14.75
CA ARG C 66 -25.85 10.17 14.85
C ARG C 66 -27.04 9.55 14.09
N GLN C 67 -27.44 8.34 14.47
CA GLN C 67 -28.56 7.66 13.81
C GLN C 67 -29.89 8.07 14.42
N THR C 68 -30.89 8.23 13.59
CA THR C 68 -32.21 8.61 14.05
C THR C 68 -33.25 7.69 13.44
N VAL C 69 -34.04 7.06 14.31
CA VAL C 69 -35.10 6.17 13.88
C VAL C 69 -36.46 6.87 14.00
N LEU C 70 -37.22 6.88 12.91
CA LEU C 70 -38.54 7.47 12.94
C LEU C 70 -39.53 6.33 13.18
N ILE C 71 -40.49 6.55 14.07
CA ILE C 71 -41.50 5.53 14.37
C ILE C 71 -42.92 6.08 14.33
N LYS C 72 -43.76 5.49 13.48
CA LYS C 72 -45.15 5.90 13.33
C LYS C 72 -46.01 4.72 12.90
N ASP C 73 -47.14 4.53 13.58
CA ASP C 73 -48.06 3.43 13.28
C ASP C 73 -47.32 2.10 13.18
N ASN C 74 -46.61 1.75 14.24
CA ASN C 74 -45.85 0.50 14.30
C ASN C 74 -44.90 0.21 13.13
N SER C 75 -44.37 1.27 12.53
CA SER C 75 -43.43 1.14 11.44
C SER C 75 -42.22 2.03 11.74
N ALA C 76 -41.05 1.60 11.32
CA ALA C 76 -39.83 2.36 11.58
C ALA C 76 -38.96 2.63 10.37
N MET C 77 -38.33 3.78 10.38
CA MET C 77 -37.41 4.18 9.32
C MET C 77 -36.10 4.59 10.01
N VAL C 78 -35.00 3.93 9.67
CA VAL C 78 -33.69 4.24 10.25
C VAL C 78 -32.94 5.23 9.35
N THR C 79 -32.50 6.36 9.89
CA THR C 79 -31.77 7.31 9.06
C THR C 79 -30.45 7.70 9.74
N THR C 80 -29.54 8.27 8.96
CA THR C 80 -28.27 8.71 9.51
C THR C 80 -27.89 10.07 8.94
N ALA C 81 -27.19 10.84 9.74
CA ALA C 81 -26.75 12.18 9.33
C ALA C 81 -25.23 12.16 9.22
N ALA C 82 -24.65 10.99 9.40
CA ALA C 82 -23.22 10.81 9.35
C ALA C 82 -22.71 10.50 7.95
N ALA C 83 -21.90 11.39 7.39
CA ALA C 83 -21.36 11.14 6.06
C ALA C 83 -20.57 9.83 6.07
N ALA C 84 -20.01 9.46 7.22
CA ALA C 84 -19.24 8.23 7.30
C ALA C 84 -20.08 6.97 7.17
N ASP C 85 -21.38 7.06 7.42
CA ASP C 85 -22.28 5.91 7.31
C ASP C 85 -22.94 5.76 5.95
N ILE C 86 -22.63 6.66 5.03
CA ILE C 86 -23.25 6.57 3.71
C ILE C 86 -22.74 5.37 2.93
N PRO C 87 -23.64 4.53 2.42
CA PRO C 87 -23.18 3.36 1.66
C PRO C 87 -22.30 3.88 0.50
N PRO C 88 -21.08 3.36 0.38
CA PRO C 88 -20.13 3.77 -0.67
C PRO C 88 -20.72 3.93 -2.07
N ALA C 89 -21.57 2.99 -2.47
CA ALA C 89 -22.16 3.06 -3.78
C ALA C 89 -23.01 4.30 -4.00
N LEU C 90 -23.70 4.78 -2.96
CA LEU C 90 -24.55 5.96 -3.15
C LEU C 90 -23.73 7.22 -3.39
N VAL C 91 -22.54 7.28 -2.80
CA VAL C 91 -21.66 8.41 -2.99
C VAL C 91 -21.07 8.34 -4.40
N PHE C 92 -20.78 7.14 -4.88
CA PHE C 92 -20.15 7.05 -6.18
C PHE C 92 -20.94 7.48 -7.39
N ASN C 93 -22.19 7.06 -7.43
CA ASN C 93 -23.12 7.36 -8.53
C ASN C 93 -23.91 8.67 -8.39
N GLY C 94 -23.50 9.44 -7.37
CA GLY C 94 -24.11 10.72 -7.09
C GLY C 94 -25.53 10.83 -6.52
N SER C 95 -26.07 9.72 -6.06
CA SER C 95 -27.40 9.73 -5.47
C SER C 95 -27.32 10.60 -4.24
N SER C 96 -26.19 10.51 -3.54
CA SER C 96 -25.96 11.31 -2.34
C SER C 96 -24.95 12.41 -2.62
N THR C 97 -25.02 13.50 -1.84
CA THR C 97 -24.09 14.61 -2.01
C THR C 97 -22.85 14.38 -1.18
N GLY C 98 -22.91 13.37 -0.31
CA GLY C 98 -21.79 13.06 0.55
C GLY C 98 -21.85 13.89 1.82
N VAL C 99 -22.82 14.81 1.88
CA VAL C 99 -22.96 15.67 3.05
C VAL C 99 -24.38 15.70 3.59
N PRO C 100 -24.77 14.64 4.31
CA PRO C 100 -26.12 14.55 4.88
C PRO C 100 -26.31 15.32 6.19
N GLU C 101 -27.57 15.44 6.60
CA GLU C 101 -27.90 16.10 7.87
C GLU C 101 -28.99 15.29 8.57
N SER C 102 -29.46 15.76 9.71
CA SER C 102 -30.47 15.05 10.46
C SER C 102 -31.87 15.11 9.86
N ILE C 103 -32.58 14.00 9.94
CA ILE C 103 -33.95 13.91 9.44
C ILE C 103 -34.81 14.92 10.23
N ASP C 104 -34.43 15.17 11.48
CA ASP C 104 -35.16 16.13 12.33
C ASP C 104 -34.96 17.55 11.79
N THR C 105 -33.74 17.85 11.34
CA THR C 105 -33.47 19.17 10.82
C THR C 105 -34.37 19.33 9.63
N ILE C 106 -34.41 18.30 8.78
CA ILE C 106 -35.26 18.34 7.60
C ILE C 106 -36.74 18.53 7.98
N LEU C 107 -37.19 17.78 8.97
CA LEU C 107 -38.57 17.87 9.42
C LEU C 107 -38.93 19.28 9.91
N SER C 108 -38.05 19.88 10.70
CA SER C 108 -38.34 21.22 11.23
C SER C 108 -38.16 22.37 10.25
N SER C 109 -37.29 22.21 9.27
CA SER C 109 -37.04 23.29 8.33
C SER C 109 -37.70 23.18 6.95
N LYS C 110 -38.00 21.96 6.51
CA LYS C 110 -38.62 21.81 5.20
C LYS C 110 -40.03 21.26 5.24
N LEU C 111 -40.37 20.57 6.33
CA LEU C 111 -41.70 19.97 6.45
C LEU C 111 -42.43 20.43 7.72
N SER C 112 -41.99 21.56 8.28
CA SER C 112 -42.57 22.10 9.51
C SER C 112 -44.07 22.38 9.45
N ASN C 113 -44.58 22.66 8.26
CA ASN C 113 -46.00 22.94 8.13
C ASN C 113 -46.80 21.65 8.38
N ILE C 114 -46.27 20.52 7.91
CA ILE C 114 -46.92 19.24 8.08
C ILE C 114 -46.62 18.61 9.45
N TRP C 115 -45.39 18.80 9.94
CA TRP C 115 -44.99 18.24 11.22
C TRP C 115 -44.48 19.29 12.21
N MET C 116 -45.06 19.30 13.40
CA MET C 116 -44.65 20.24 14.44
C MET C 116 -44.06 19.49 15.63
N GLN C 117 -42.89 19.91 16.06
CA GLN C 117 -42.23 19.27 17.18
C GLN C 117 -42.96 19.70 18.44
N ARG C 118 -43.51 18.73 19.15
CA ARG C 118 -44.27 18.98 20.37
C ARG C 118 -43.41 18.91 21.62
N GLN C 119 -42.60 17.86 21.71
CA GLN C 119 -41.72 17.69 22.87
C GLN C 119 -40.33 17.21 22.46
N LEU C 120 -39.35 17.47 23.34
CA LEU C 120 -37.99 17.08 23.09
C LEU C 120 -37.34 16.65 24.40
N ILE C 121 -37.23 15.35 24.62
CA ILE C 121 -36.60 14.85 25.84
C ILE C 121 -35.15 14.48 25.51
N LYS C 122 -34.22 14.90 26.35
CA LYS C 122 -32.81 14.61 26.14
C LYS C 122 -32.20 13.88 27.33
N GLY C 123 -31.28 12.97 27.05
CA GLY C 123 -30.61 12.23 28.09
C GLY C 123 -29.12 12.36 27.84
N ASP C 124 -28.43 13.14 28.66
CA ASP C 124 -26.99 13.33 28.47
C ASP C 124 -26.19 12.59 29.54
N ALA C 125 -24.89 12.49 29.29
CA ALA C 125 -23.95 11.83 30.19
C ALA C 125 -24.49 10.54 30.78
N GLY C 126 -25.05 9.69 29.93
CA GLY C 126 -25.58 8.42 30.40
C GLY C 126 -24.46 7.49 30.82
N GLU C 127 -24.80 6.42 31.54
CA GLU C 127 -23.79 5.48 32.00
C GLU C 127 -23.98 4.07 31.45
N THR C 128 -22.87 3.48 31.01
CA THR C 128 -22.88 2.14 30.44
C THR C 128 -22.31 1.14 31.45
N LEU C 129 -23.19 0.45 32.16
CA LEU C 129 -22.77 -0.53 33.16
C LEU C 129 -22.75 -1.92 32.56
N ILE C 130 -21.61 -2.59 32.69
CA ILE C 130 -21.42 -3.91 32.12
C ILE C 130 -21.48 -5.01 33.18
N LEU C 131 -22.50 -5.85 33.10
CA LEU C 131 -22.70 -6.94 34.03
C LEU C 131 -22.43 -8.26 33.33
N ASP C 132 -23.05 -9.31 33.87
CA ASP C 132 -22.91 -10.66 33.34
C ASP C 132 -23.61 -10.82 31.99
N GLY C 133 -22.88 -10.55 30.91
CA GLY C 133 -23.44 -10.68 29.57
C GLY C 133 -24.55 -9.69 29.30
N LEU C 134 -25.06 -9.06 30.35
CA LEU C 134 -26.13 -8.07 30.28
C LEU C 134 -25.61 -6.66 30.45
N THR C 135 -25.70 -5.86 29.39
CA THR C 135 -25.25 -4.48 29.45
C THR C 135 -26.44 -3.61 29.87
N VAL C 136 -26.23 -2.80 30.91
CA VAL C 136 -27.30 -1.95 31.41
C VAL C 136 -26.93 -0.48 31.31
N ARG C 137 -27.72 0.27 30.55
CA ARG C 137 -27.49 1.70 30.38
C ARG C 137 -28.48 2.52 31.20
N LEU C 138 -27.95 3.56 31.84
CA LEU C 138 -28.75 4.44 32.67
C LEU C 138 -28.56 5.90 32.28
N VAL C 139 -29.65 6.66 32.24
CA VAL C 139 -29.57 8.07 31.89
C VAL C 139 -30.79 8.83 32.41
N ASN C 140 -30.57 10.07 32.84
CA ASN C 140 -31.65 10.89 33.35
C ASN C 140 -32.22 11.69 32.19
N LEU C 141 -33.51 11.54 31.96
CA LEU C 141 -34.18 12.24 30.87
C LEU C 141 -34.71 13.59 31.34
N PHE C 142 -34.40 14.64 30.58
CA PHE C 142 -34.87 15.97 30.93
C PHE C 142 -35.62 16.62 29.79
N SER C 143 -36.64 17.40 30.13
CA SER C 143 -37.44 18.12 29.15
C SER C 143 -37.07 19.58 29.30
N SER C 144 -37.61 20.44 28.45
CA SER C 144 -37.28 21.85 28.55
C SER C 144 -37.76 22.49 29.86
N THR C 145 -38.48 21.73 30.67
CA THR C 145 -39.00 22.27 31.93
C THR C 145 -38.21 21.77 33.14
N GLY C 146 -38.09 20.45 33.28
CA GLY C 146 -37.35 19.88 34.40
C GLY C 146 -37.12 18.39 34.21
N PHE C 147 -36.78 17.70 35.29
CA PHE C 147 -36.53 16.25 35.26
C PHE C 147 -37.78 15.55 34.71
N LYS C 148 -37.57 14.51 33.91
CA LYS C 148 -38.69 13.77 33.31
C LYS C 148 -38.68 12.35 33.83
N GLY C 149 -37.57 11.94 34.42
CA GLY C 149 -37.51 10.60 34.95
C GLY C 149 -36.20 9.89 34.68
N LEU C 150 -36.21 8.57 34.91
CA LEU C 150 -35.04 7.75 34.71
C LEU C 150 -35.30 6.74 33.60
N LEU C 151 -34.28 6.49 32.78
CA LEU C 151 -34.41 5.54 31.70
C LEU C 151 -33.33 4.47 31.77
N ILE C 152 -33.75 3.21 31.69
CA ILE C 152 -32.85 2.06 31.75
C ILE C 152 -32.86 1.32 30.40
N GLU C 153 -31.70 1.25 29.75
CA GLU C 153 -31.59 0.55 28.48
C GLU C 153 -30.90 -0.78 28.75
N LEU C 154 -31.58 -1.88 28.44
CA LEU C 154 -31.03 -3.21 28.66
C LEU C 154 -30.73 -3.93 27.36
N GLN C 155 -29.44 -4.10 27.06
CA GLN C 155 -29.00 -4.81 25.85
C GLN C 155 -28.23 -6.07 26.23
N ALA C 156 -28.56 -7.17 25.59
CA ALA C 156 -27.89 -8.44 25.88
C ALA C 156 -27.72 -9.31 24.65
N ASP C 157 -26.47 -9.62 24.32
CA ASP C 157 -26.16 -10.47 23.16
C ASP C 157 -26.77 -11.84 23.42
N GLU C 158 -26.77 -12.24 24.69
CA GLU C 158 -27.30 -13.52 25.15
C GLU C 158 -28.81 -13.67 24.94
N ALA C 159 -29.22 -14.02 23.73
CA ALA C 159 -30.63 -14.20 23.40
C ALA C 159 -31.29 -15.24 24.30
N GLY C 160 -30.47 -16.14 24.83
CA GLY C 160 -30.99 -17.19 25.69
C GLY C 160 -31.71 -16.67 26.91
N GLU C 161 -30.99 -16.60 28.03
CA GLU C 161 -31.55 -16.13 29.29
C GLU C 161 -31.56 -14.61 29.35
N PHE C 162 -32.75 -14.03 29.27
CA PHE C 162 -32.92 -12.59 29.34
C PHE C 162 -34.15 -12.27 30.18
N GLU C 163 -35.28 -12.89 29.88
CA GLU C 163 -36.50 -12.65 30.66
C GLU C 163 -36.16 -12.63 32.14
N THR C 164 -35.09 -13.34 32.49
CA THR C 164 -34.61 -13.41 33.87
C THR C 164 -33.84 -12.13 34.17
N LYS C 165 -32.96 -11.75 33.25
CA LYS C 165 -32.16 -10.54 33.39
C LYS C 165 -33.03 -9.31 33.61
N ILE C 166 -34.10 -9.18 32.84
CA ILE C 166 -35.01 -8.04 32.96
C ILE C 166 -35.72 -8.05 34.31
N ALA C 167 -36.19 -9.22 34.73
CA ALA C 167 -36.89 -9.37 35.99
C ALA C 167 -35.96 -9.01 37.15
N GLY C 168 -34.67 -9.35 37.00
CA GLY C 168 -33.71 -9.07 38.04
C GLY C 168 -33.52 -7.59 38.28
N ILE C 169 -33.40 -6.85 37.18
CA ILE C 169 -33.25 -5.39 37.23
C ILE C 169 -34.50 -4.74 37.83
N GLU C 170 -35.67 -5.26 37.48
CA GLU C 170 -36.92 -4.71 37.99
C GLU C 170 -36.99 -4.94 39.49
N GLY C 171 -36.27 -5.96 39.96
CA GLY C 171 -36.23 -6.27 41.37
C GLY C 171 -35.43 -5.24 42.14
N HIS C 172 -34.25 -4.90 41.62
CA HIS C 172 -33.40 -3.91 42.26
C HIS C 172 -34.14 -2.58 42.31
N LEU C 173 -35.17 -2.44 41.48
CA LEU C 173 -35.97 -1.23 41.45
C LEU C 173 -36.93 -1.23 42.62
N ALA C 174 -37.39 -2.42 43.00
CA ALA C 174 -38.28 -2.56 44.13
C ALA C 174 -37.53 -2.23 45.41
N GLU C 175 -36.24 -2.55 45.43
CA GLU C 175 -35.38 -2.29 46.59
C GLU C 175 -35.22 -0.80 46.85
N ILE C 176 -34.88 -0.06 45.81
CA ILE C 176 -34.68 1.38 45.93
C ILE C 176 -36.01 2.15 46.04
N ARG C 177 -37.09 1.42 46.27
CA ARG C 177 -38.42 2.02 46.39
C ARG C 177 -38.82 2.78 45.13
N ALA C 178 -38.62 2.15 43.98
CA ALA C 178 -38.96 2.75 42.69
C ALA C 178 -40.21 2.07 42.18
N LYS C 179 -41.37 2.57 42.61
CA LYS C 179 -42.64 1.99 42.21
C LYS C 179 -43.32 2.83 41.14
N GLU C 180 -44.23 2.19 40.40
CA GLU C 180 -44.99 2.85 39.34
C GLU C 180 -44.09 3.18 38.14
N TYR C 181 -43.53 2.14 37.53
CA TYR C 181 -42.66 2.29 36.37
C TYR C 181 -43.20 1.50 35.19
N LYS C 182 -42.73 1.83 33.98
CA LYS C 182 -43.18 1.15 32.78
C LYS C 182 -42.02 0.42 32.09
N THR C 183 -42.26 -0.82 31.68
CA THR C 183 -41.24 -1.62 31.01
C THR C 183 -41.72 -2.11 29.65
N SER C 184 -40.84 -2.04 28.66
CA SER C 184 -41.15 -2.47 27.31
C SER C 184 -40.01 -3.26 26.69
N SER C 185 -40.35 -4.38 26.07
CA SER C 185 -39.40 -5.25 25.40
C SER C 185 -40.12 -5.72 24.16
N ASP C 186 -41.10 -4.93 23.73
CA ASP C 186 -41.90 -5.23 22.55
C ASP C 186 -41.05 -5.30 21.30
N SER C 187 -41.71 -5.56 20.16
CA SER C 187 -41.02 -5.66 18.89
C SER C 187 -41.94 -5.25 17.75
N LEU C 188 -41.34 -4.90 16.61
CA LEU C 188 -42.11 -4.50 15.43
C LEU C 188 -42.23 -5.69 14.48
N SER C 193 -35.68 -8.60 12.55
CA SER C 193 -34.57 -8.56 11.59
C SER C 193 -33.94 -7.17 11.52
N ASN C 194 -33.84 -6.50 12.67
CA ASN C 194 -33.25 -5.17 12.73
C ASN C 194 -33.29 -4.59 14.15
N GLU C 195 -32.21 -4.82 14.90
CA GLU C 195 -32.10 -4.37 16.28
C GLU C 195 -32.51 -2.92 16.56
N ILE C 196 -31.77 -1.97 15.99
CA ILE C 196 -32.01 -0.54 16.20
C ILE C 196 -33.47 -0.14 16.15
N CYS C 197 -34.27 -0.86 15.38
CA CYS C 197 -35.67 -0.54 15.27
C CYS C 197 -36.50 -0.92 16.50
N ASP C 198 -36.32 -2.14 17.01
CA ASP C 198 -37.05 -2.56 18.19
C ASP C 198 -36.65 -1.71 19.38
N LEU C 199 -35.35 -1.48 19.53
CA LEU C 199 -34.84 -0.66 20.62
C LEU C 199 -35.57 0.68 20.57
N ALA C 200 -35.57 1.28 19.39
CA ALA C 200 -36.24 2.56 19.20
C ALA C 200 -37.71 2.43 19.59
N TYR C 201 -38.32 1.34 19.15
CA TYR C 201 -39.73 1.09 19.43
C TYR C 201 -39.97 0.98 20.93
N GLN C 202 -39.09 0.25 21.61
CA GLN C 202 -39.19 0.06 23.05
C GLN C 202 -39.21 1.41 23.80
N TYR C 203 -38.40 2.36 23.35
CA TYR C 203 -38.37 3.68 23.97
C TYR C 203 -39.74 4.31 23.86
N VAL C 204 -40.33 4.20 22.67
CA VAL C 204 -41.64 4.76 22.41
C VAL C 204 -42.69 4.14 23.34
N ARG C 205 -42.71 2.81 23.40
CA ARG C 205 -43.66 2.11 24.26
C ARG C 205 -43.53 2.52 25.71
N ALA C 206 -42.29 2.63 26.18
CA ALA C 206 -42.04 3.00 27.57
C ALA C 206 -42.26 4.48 27.91
N LEU C 207 -42.27 5.35 26.90
CA LEU C 207 -42.44 6.78 27.11
C LEU C 207 -43.73 7.44 26.65
N GLU C 208 -44.33 6.93 25.57
CA GLU C 208 -45.55 7.50 25.02
C GLU C 208 -46.66 7.69 26.06
N VAL D 1 -26.08 21.64 2.32
CA VAL D 1 -24.95 21.63 1.34
C VAL D 1 -25.26 22.51 0.13
N GLN D 2 -24.24 23.17 -0.41
CA GLN D 2 -24.36 24.05 -1.59
C GLN D 2 -23.74 23.39 -2.80
N GLN D 3 -24.48 23.31 -3.90
CA GLN D 3 -23.96 22.70 -5.11
C GLN D 3 -23.80 23.73 -6.22
N LEU D 4 -22.56 24.02 -6.58
CA LEU D 4 -22.29 24.98 -7.63
C LEU D 4 -22.11 24.18 -8.91
N SER D 5 -22.73 24.62 -10.00
CA SER D 5 -22.63 23.86 -11.21
C SER D 5 -22.76 24.68 -12.47
N LEU D 6 -22.60 23.99 -13.58
CA LEU D 6 -22.73 24.57 -14.90
C LEU D 6 -23.16 23.38 -15.76
N PHE D 7 -23.91 23.64 -16.82
CA PHE D 7 -24.32 22.54 -17.68
C PHE D 7 -24.04 22.79 -19.16
N GLY D 8 -24.15 21.72 -19.94
CA GLY D 8 -23.92 21.80 -21.37
C GLY D 8 -24.46 20.54 -22.02
N SER D 9 -24.25 20.37 -23.33
CA SER D 9 -24.74 19.19 -24.04
C SER D 9 -23.99 18.90 -25.35
N ILE D 10 -24.18 17.68 -25.86
CA ILE D 10 -23.56 17.22 -27.11
C ILE D 10 -24.47 16.16 -27.69
N GLY D 11 -24.42 16.01 -29.01
CA GLY D 11 -25.23 14.99 -29.65
C GLY D 11 -24.45 13.70 -29.60
N ASP D 12 -25.15 12.57 -29.73
CA ASP D 12 -24.47 11.28 -29.70
C ASP D 12 -23.15 11.27 -30.50
N ASP D 13 -23.18 11.84 -31.71
CA ASP D 13 -21.99 11.86 -32.55
C ASP D 13 -20.77 12.59 -32.00
N GLY D 14 -20.96 13.39 -30.97
CA GLY D 14 -19.80 14.09 -30.45
C GLY D 14 -19.34 13.46 -29.16
N TYR D 15 -19.87 12.27 -28.87
CA TYR D 15 -19.55 11.56 -27.64
C TYR D 15 -18.10 11.18 -27.49
N ASP D 16 -17.58 10.42 -28.45
CA ASP D 16 -16.21 9.97 -28.37
C ASP D 16 -15.19 11.10 -28.22
N LEU D 17 -15.15 12.02 -29.18
CA LEU D 17 -14.20 13.11 -29.09
C LEU D 17 -14.26 13.75 -27.72
N LEU D 18 -15.47 13.95 -27.22
CA LEU D 18 -15.62 14.59 -25.92
C LEU D 18 -15.05 13.74 -24.80
N ILE D 19 -15.30 12.43 -24.86
CA ILE D 19 -14.82 11.51 -23.85
C ILE D 19 -13.30 11.54 -23.84
N SER D 20 -12.72 11.52 -25.04
CA SER D 20 -11.27 11.55 -25.20
C SER D 20 -10.71 12.90 -24.74
N THR D 21 -11.43 13.97 -25.00
CA THR D 21 -10.99 15.28 -24.55
C THR D 21 -10.88 15.24 -23.03
N LEU D 22 -12.04 15.06 -22.37
CA LEU D 22 -12.13 15.00 -20.91
C LEU D 22 -11.15 14.00 -20.28
N THR D 23 -10.92 12.87 -20.93
CA THR D 23 -9.98 11.92 -20.37
C THR D 23 -8.64 12.61 -20.19
N THR D 24 -8.25 13.38 -21.19
CA THR D 24 -6.98 14.10 -21.17
C THR D 24 -6.99 15.31 -20.25
N ILE D 25 -8.15 15.88 -20.03
CA ILE D 25 -8.24 17.04 -19.14
C ILE D 25 -8.19 16.59 -17.69
N SER D 26 -8.72 15.41 -17.39
CA SER D 26 -8.70 14.89 -16.03
C SER D 26 -7.57 13.87 -15.88
N GLY D 27 -7.14 13.29 -17.00
CA GLY D 27 -6.06 12.33 -16.93
C GLY D 27 -6.57 10.93 -16.61
N ASN D 28 -7.89 10.79 -16.52
CA ASN D 28 -8.48 9.49 -16.21
C ASN D 28 -9.56 9.15 -17.22
N PRO D 29 -9.71 7.86 -17.53
CA PRO D 29 -10.78 7.56 -18.48
C PRO D 29 -12.09 7.66 -17.70
N PRO D 30 -13.24 7.64 -18.39
CA PRO D 30 -14.54 7.74 -17.71
C PRO D 30 -14.93 6.54 -16.84
N LEU D 31 -15.76 6.81 -15.84
CA LEU D 31 -16.29 5.79 -14.93
C LEU D 31 -17.83 5.66 -15.11
N LEU D 32 -18.31 4.47 -15.46
CA LEU D 32 -19.73 4.21 -15.66
C LEU D 32 -20.52 4.21 -14.36
N TYR D 33 -21.69 4.86 -14.36
CA TYR D 33 -22.54 4.92 -13.17
C TYR D 33 -24.00 5.16 -13.54
N ASN D 34 -24.90 4.83 -12.61
CA ASN D 34 -26.32 5.05 -12.84
C ASN D 34 -26.99 5.37 -11.51
N SER D 35 -28.22 5.88 -11.60
CA SER D 35 -29.01 6.18 -10.41
C SER D 35 -30.48 6.35 -10.74
N LEU D 36 -31.32 5.88 -9.84
CA LEU D 36 -32.75 5.98 -9.99
C LEU D 36 -33.21 7.05 -9.05
N CYS D 37 -34.08 7.93 -9.54
CA CYS D 37 -34.64 9.00 -8.70
C CYS D 37 -36.16 8.95 -8.73
N THR D 38 -36.76 8.82 -7.55
CA THR D 38 -38.19 8.81 -7.47
C THR D 38 -38.59 10.07 -6.74
N VAL D 39 -39.39 10.90 -7.41
CA VAL D 39 -39.84 12.15 -6.85
C VAL D 39 -41.21 11.98 -6.19
N TRP D 40 -41.38 12.61 -5.04
CA TRP D 40 -42.64 12.51 -4.32
C TRP D 40 -43.17 13.91 -4.03
N LYS D 41 -44.49 14.03 -3.87
CA LYS D 41 -45.07 15.33 -3.55
C LYS D 41 -46.04 15.19 -2.41
N PRO D 42 -46.40 16.31 -1.79
CA PRO D 42 -47.35 16.27 -0.67
C PRO D 42 -48.65 15.70 -1.23
N ASN D 43 -49.32 14.86 -0.43
CA ASN D 43 -50.59 14.25 -0.84
C ASN D 43 -51.58 15.34 -1.19
N PRO D 44 -52.14 15.32 -2.40
CA PRO D 44 -53.10 16.36 -2.80
C PRO D 44 -54.41 16.29 -1.99
N SER D 45 -54.74 15.10 -1.50
CA SER D 45 -55.95 14.91 -0.70
C SER D 45 -55.80 15.65 0.63
N TYR D 46 -54.72 15.38 1.35
CA TYR D 46 -54.49 16.08 2.61
C TYR D 46 -54.10 17.49 2.18
N ASP D 47 -54.49 18.48 2.96
CA ASP D 47 -54.12 19.85 2.64
C ASP D 47 -54.10 20.65 3.93
N VAL D 48 -53.05 21.45 4.11
CA VAL D 48 -52.92 22.24 5.32
C VAL D 48 -52.30 23.61 5.08
N GLU D 49 -52.57 24.51 6.02
CA GLU D 49 -52.08 25.88 5.97
C GLU D 49 -50.56 25.90 5.85
N ASN D 50 -50.06 26.49 4.77
CA ASN D 50 -48.63 26.57 4.53
C ASN D 50 -47.96 27.54 5.52
N VAL D 51 -48.04 27.20 6.80
CA VAL D 51 -47.47 27.99 7.87
C VAL D 51 -47.08 27.03 8.99
N ASN D 52 -45.92 27.25 9.61
CA ASN D 52 -45.44 26.37 10.67
C ASN D 52 -45.91 26.72 12.09
N SER D 53 -45.24 26.14 13.09
CA SER D 53 -45.57 26.38 14.49
C SER D 53 -45.55 27.88 14.81
N ARG D 54 -45.12 28.65 13.82
CA ARG D 54 -45.05 30.10 13.91
C ARG D 54 -45.69 30.57 12.61
N ASN D 55 -45.94 31.87 12.48
CA ASN D 55 -46.57 32.37 11.26
C ASN D 55 -45.59 32.54 10.10
N GLN D 56 -44.60 31.65 10.08
CA GLN D 56 -43.57 31.64 9.04
C GLN D 56 -44.10 30.79 7.89
N LEU D 57 -44.01 31.32 6.67
CA LEU D 57 -44.50 30.59 5.51
C LEU D 57 -43.62 29.37 5.26
N VAL D 58 -44.22 28.30 4.75
CA VAL D 58 -43.52 27.08 4.43
C VAL D 58 -44.08 26.61 3.09
N GLU D 59 -43.33 26.82 2.01
CA GLU D 59 -43.82 26.45 0.69
C GLU D 59 -43.65 24.95 0.40
N PRO D 60 -44.73 24.30 -0.06
CA PRO D 60 -44.69 22.87 -0.36
C PRO D 60 -43.64 22.51 -1.42
N ASN D 61 -42.86 21.48 -1.15
CA ASN D 61 -41.82 21.07 -2.07
C ASN D 61 -41.80 19.56 -2.24
N ARG D 62 -41.22 19.11 -3.35
CA ARG D 62 -41.11 17.69 -3.63
C ARG D 62 -39.92 17.14 -2.87
N ILE D 63 -39.97 15.85 -2.60
CA ILE D 63 -38.89 15.16 -1.93
C ILE D 63 -38.36 14.22 -3.00
N LYS D 64 -37.03 14.09 -3.08
CA LYS D 64 -36.42 13.20 -4.08
C LYS D 64 -35.66 12.06 -3.40
N LEU D 65 -35.98 10.84 -3.81
CA LEU D 65 -35.35 9.64 -3.25
C LEU D 65 -34.42 9.07 -4.32
N SER D 66 -33.15 8.88 -3.98
CA SER D 66 -32.21 8.39 -4.97
C SER D 66 -31.29 7.26 -4.52
N LYS D 67 -30.90 6.43 -5.48
CA LYS D 67 -30.02 5.31 -5.22
C LYS D 67 -29.60 4.70 -6.56
N GLU D 68 -28.63 3.79 -6.52
CA GLU D 68 -28.22 3.15 -7.75
C GLU D 68 -29.02 1.86 -7.91
N VAL D 69 -28.92 1.28 -9.09
CA VAL D 69 -29.59 0.05 -9.45
C VAL D 69 -28.55 -0.81 -10.15
N PRO D 70 -28.49 -2.11 -9.83
CA PRO D 70 -27.50 -2.95 -10.51
C PRO D 70 -27.71 -2.86 -12.01
N PHE D 71 -26.62 -2.71 -12.76
CA PHE D 71 -26.72 -2.59 -14.21
C PHE D 71 -27.38 -3.76 -14.91
N SER D 72 -27.40 -4.91 -14.26
CA SER D 72 -28.05 -6.08 -14.86
C SER D 72 -29.57 -5.83 -14.98
N TYR D 73 -30.14 -5.03 -14.08
CA TYR D 73 -31.56 -4.72 -14.13
C TYR D 73 -31.85 -3.80 -15.30
N LEU D 74 -30.85 -3.54 -16.14
CA LEU D 74 -31.07 -2.67 -17.29
C LEU D 74 -29.99 -2.76 -18.36
N ILE D 75 -29.74 -3.98 -18.83
CA ILE D 75 -28.76 -4.33 -19.87
C ILE D 75 -27.75 -5.35 -19.36
N SER D 159 -37.92 -4.85 4.52
CA SER D 159 -37.02 -3.72 4.76
C SER D 159 -36.58 -2.97 3.50
N CYS D 160 -36.67 -1.64 3.53
CA CYS D 160 -36.29 -0.86 2.36
C CYS D 160 -34.78 -0.83 2.17
N SER D 161 -34.38 -0.43 0.97
CA SER D 161 -32.97 -0.31 0.61
C SER D 161 -32.51 1.06 1.08
N PRO D 162 -31.19 1.25 1.17
CA PRO D 162 -30.72 2.58 1.60
C PRO D 162 -31.12 3.54 0.48
N TRP D 163 -31.47 4.77 0.85
CA TRP D 163 -31.83 5.76 -0.15
C TRP D 163 -31.32 7.09 0.32
N SER D 164 -31.15 8.00 -0.65
CA SER D 164 -30.72 9.34 -0.36
C SER D 164 -31.99 10.20 -0.49
N LEU D 165 -32.36 10.90 0.58
CA LEU D 165 -33.55 11.74 0.58
C LEU D 165 -33.12 13.19 0.46
N GLN D 166 -33.58 13.84 -0.59
CA GLN D 166 -33.22 15.23 -0.85
C GLN D 166 -34.36 16.20 -1.11
N ILE D 167 -34.16 17.43 -0.67
CA ILE D 167 -35.11 18.52 -0.82
C ILE D 167 -34.21 19.71 -1.18
N SER D 168 -34.38 20.23 -2.39
CA SER D 168 -33.56 21.35 -2.85
C SER D 168 -34.36 22.65 -2.96
N ASP D 169 -33.65 23.78 -2.94
CA ASP D 169 -34.24 25.11 -3.05
C ASP D 169 -33.96 25.60 -4.45
N ILE D 170 -34.72 26.57 -4.92
CA ILE D 170 -34.47 27.10 -6.25
C ILE D 170 -33.11 27.75 -6.13
N PRO D 171 -32.26 27.67 -7.16
CA PRO D 171 -30.93 28.29 -7.09
C PRO D 171 -30.95 29.73 -6.60
N ALA D 172 -29.87 30.15 -5.94
CA ALA D 172 -29.74 31.52 -5.44
C ALA D 172 -30.10 32.49 -6.55
N ALA D 173 -30.59 33.66 -6.19
CA ALA D 173 -30.98 34.65 -7.19
C ALA D 173 -29.83 35.56 -7.62
N GLY D 174 -29.84 35.94 -8.89
CA GLY D 174 -28.81 36.80 -9.39
C GLY D 174 -28.79 36.88 -10.90
N ASN D 175 -28.32 38.03 -11.39
CA ASN D 175 -28.16 38.30 -12.82
C ASN D 175 -26.65 38.47 -12.77
N ASN D 176 -25.96 38.35 -13.89
CA ASN D 176 -24.51 38.49 -13.81
C ASN D 176 -24.08 37.28 -12.95
N ARG D 177 -24.67 36.12 -13.24
CA ARG D 177 -24.35 34.89 -12.49
C ARG D 177 -23.33 34.03 -13.24
N SER D 178 -22.28 33.65 -12.54
CA SER D 178 -21.24 32.84 -13.14
C SER D 178 -21.52 31.34 -13.03
N VAL D 179 -22.15 30.92 -11.94
CA VAL D 179 -22.47 29.50 -11.77
C VAL D 179 -23.77 29.30 -10.97
N SER D 180 -24.49 28.24 -11.29
CA SER D 180 -25.72 27.91 -10.58
C SER D 180 -25.35 27.46 -9.16
N MET D 181 -25.96 28.09 -8.16
CA MET D 181 -25.69 27.74 -6.77
C MET D 181 -26.99 27.26 -6.08
N GLN D 182 -27.09 25.96 -5.82
CA GLN D 182 -28.29 25.40 -5.21
C GLN D 182 -28.13 24.74 -3.86
N THR D 183 -29.04 25.06 -2.94
CA THR D 183 -29.00 24.48 -1.62
C THR D 183 -29.72 23.14 -1.61
N ILE D 184 -29.12 22.16 -0.95
CA ILE D 184 -29.69 20.83 -0.91
C ILE D 184 -29.69 20.29 0.49
N ALA D 185 -30.88 19.93 0.99
CA ALA D 185 -31.02 19.35 2.33
C ALA D 185 -31.13 17.84 2.09
N GLU D 186 -30.23 17.09 2.69
CA GLU D 186 -30.22 15.66 2.50
C GLU D 186 -30.09 14.89 3.79
N THR D 187 -30.58 13.66 3.79
CA THR D 187 -30.45 12.79 4.92
C THR D 187 -30.44 11.41 4.31
N ILE D 188 -29.91 10.42 5.00
CA ILE D 188 -29.86 9.09 4.42
C ILE D 188 -30.78 8.09 5.10
N ILE D 189 -31.54 7.36 4.27
CA ILE D 189 -32.42 6.32 4.78
C ILE D 189 -31.57 5.06 4.74
N LEU D 190 -31.40 4.39 5.87
CA LEU D 190 -30.58 3.18 5.93
C LEU D 190 -31.40 1.89 5.86
N SER D 191 -32.53 1.87 6.54
CA SER D 191 -33.38 0.68 6.56
C SER D 191 -34.76 0.96 7.18
N SER D 192 -35.58 -0.08 7.29
CA SER D 192 -36.91 0.07 7.87
C SER D 192 -37.41 -1.24 8.46
N ALA D 193 -38.51 -1.16 9.22
CA ALA D 193 -39.12 -2.32 9.86
C ALA D 193 -40.55 -1.99 10.28
N GLY D 194 -41.29 -3.02 10.71
CA GLY D 194 -42.67 -2.81 11.14
C GLY D 194 -43.70 -3.22 10.09
N LYS D 195 -44.94 -2.76 10.29
CA LYS D 195 -46.04 -3.07 9.37
C LYS D 195 -45.71 -2.68 7.93
N ASN D 196 -45.88 -1.40 7.65
CA ASN D 196 -45.62 -0.86 6.32
C ASN D 196 -44.19 -0.34 6.28
N SER D 197 -43.26 -1.22 5.97
CA SER D 197 -41.86 -0.84 5.95
C SER D 197 -41.33 -0.50 4.56
N SER D 198 -42.18 -0.59 3.55
CA SER D 198 -41.72 -0.27 2.20
C SER D 198 -41.44 1.23 2.16
N VAL D 199 -40.43 1.63 1.40
CA VAL D 199 -40.11 3.05 1.29
C VAL D 199 -41.37 3.81 0.89
N SER D 200 -42.25 3.14 0.16
CA SER D 200 -43.49 3.77 -0.31
C SER D 200 -44.42 4.09 0.86
N SER D 201 -44.50 3.15 1.78
CA SER D 201 -45.33 3.32 2.96
C SER D 201 -44.79 4.47 3.78
N LEU D 202 -43.48 4.44 4.01
CA LEU D 202 -42.80 5.47 4.79
C LEU D 202 -43.00 6.89 4.26
N MET D 203 -43.03 7.02 2.93
CA MET D 203 -43.23 8.33 2.34
C MET D 203 -44.68 8.74 2.55
N ASN D 204 -45.59 7.76 2.49
CA ASN D 204 -47.01 8.02 2.72
C ASN D 204 -47.20 8.44 4.19
N GLY D 205 -46.51 7.74 5.09
CA GLY D 205 -46.56 8.06 6.50
C GLY D 205 -46.11 9.49 6.78
N LEU D 206 -45.31 10.05 5.87
CA LEU D 206 -44.84 11.43 6.05
C LEU D 206 -45.78 12.41 5.41
N GLY D 207 -46.78 11.88 4.68
CA GLY D 207 -47.76 12.74 4.03
C GLY D 207 -47.45 12.98 2.58
N TYR D 208 -46.68 12.09 1.97
CA TYR D 208 -46.30 12.25 0.57
C TYR D 208 -46.75 11.09 -0.29
N VAL D 209 -46.84 11.35 -1.60
CA VAL D 209 -47.20 10.34 -2.56
C VAL D 209 -46.24 10.34 -3.74
N PHE D 210 -46.09 9.18 -4.36
CA PHE D 210 -45.22 9.03 -5.52
C PHE D 210 -45.77 9.89 -6.63
N GLU D 211 -44.89 10.59 -7.35
CA GLU D 211 -45.34 11.42 -8.45
C GLU D 211 -44.72 10.92 -9.74
N PHE D 212 -43.41 10.96 -9.86
CA PHE D 212 -42.75 10.45 -11.05
C PHE D 212 -41.36 9.95 -10.70
N GLN D 213 -40.69 9.32 -11.66
CA GLN D 213 -39.36 8.81 -11.42
C GLN D 213 -38.57 8.74 -12.70
N TYR D 214 -37.24 8.76 -12.59
CA TYR D 214 -36.40 8.70 -13.77
C TYR D 214 -35.06 8.03 -13.49
N LEU D 215 -34.54 7.40 -14.54
CA LEU D 215 -33.27 6.68 -14.50
C LEU D 215 -32.19 7.46 -15.22
N THR D 216 -31.01 7.52 -14.61
CA THR D 216 -29.93 8.21 -15.26
C THR D 216 -28.68 7.32 -15.32
N ILE D 217 -28.16 7.16 -16.54
CA ILE D 217 -26.99 6.37 -16.82
C ILE D 217 -25.96 7.29 -17.47
N GLY D 218 -24.71 7.21 -17.02
CA GLY D 218 -23.69 8.04 -17.59
C GLY D 218 -22.31 7.70 -17.10
N VAL D 219 -21.34 8.55 -17.46
CA VAL D 219 -19.96 8.36 -17.05
C VAL D 219 -19.52 9.60 -16.33
N LYS D 220 -18.67 9.43 -15.32
CA LYS D 220 -18.20 10.57 -14.56
C LYS D 220 -16.70 10.62 -14.55
N PHE D 221 -16.17 11.81 -14.31
CA PHE D 221 -14.73 12.05 -14.24
C PHE D 221 -14.40 12.77 -12.95
N PHE D 222 -13.33 12.35 -12.30
CA PHE D 222 -12.90 13.02 -11.08
C PHE D 222 -11.78 13.98 -11.49
N MET D 223 -11.93 15.25 -11.12
CA MET D 223 -10.94 16.27 -11.43
C MET D 223 -10.54 17.02 -10.18
N LYS D 224 -9.59 17.93 -10.33
CA LYS D 224 -9.07 18.66 -9.18
C LYS D 224 -10.03 19.55 -8.39
N HIS D 225 -9.73 19.68 -7.10
CA HIS D 225 -10.51 20.49 -6.19
C HIS D 225 -11.96 20.06 -6.01
N GLY D 226 -12.22 18.77 -6.20
CA GLY D 226 -13.58 18.27 -6.02
C GLY D 226 -14.49 18.45 -7.21
N LEU D 227 -13.94 18.86 -8.34
CA LEU D 227 -14.76 19.06 -9.51
C LEU D 227 -15.12 17.71 -10.13
N ILE D 228 -16.42 17.46 -10.32
CA ILE D 228 -16.90 16.23 -10.94
C ILE D 228 -17.54 16.61 -12.26
N LEU D 229 -17.43 15.73 -13.25
CA LEU D 229 -18.00 15.99 -14.54
C LEU D 229 -18.81 14.78 -14.93
N GLU D 230 -20.07 14.99 -15.23
CA GLU D 230 -20.96 13.89 -15.61
C GLU D 230 -21.49 14.04 -17.03
N LEU D 231 -21.50 12.93 -17.77
CA LEU D 231 -22.01 12.94 -19.13
C LEU D 231 -23.19 12.03 -18.92
N GLN D 232 -24.40 12.57 -18.93
CA GLN D 232 -25.56 11.73 -18.64
C GLN D 232 -26.70 11.65 -19.62
N LYS D 233 -27.41 10.52 -19.53
CA LYS D 233 -28.61 10.27 -20.33
C LYS D 233 -29.70 10.04 -19.27
N ILE D 234 -30.91 10.54 -19.53
CA ILE D 234 -32.02 10.39 -18.59
C ILE D 234 -33.20 9.74 -19.27
N TRP D 235 -33.83 8.79 -18.58
CA TRP D 235 -35.00 8.08 -19.08
C TRP D 235 -36.10 8.25 -18.06
N GLN D 236 -37.28 8.61 -18.53
CA GLN D 236 -38.43 8.73 -17.64
C GLN D 236 -39.03 7.34 -17.59
N ILE D 237 -39.38 6.89 -16.39
CA ILE D 237 -39.96 5.56 -16.23
C ILE D 237 -41.43 5.65 -15.81
N GLU D 238 -42.35 5.36 -16.73
CA GLU D 238 -43.78 5.40 -16.40
C GLU D 238 -44.54 4.22 -17.01
N GLU D 239 -45.83 4.12 -16.70
CA GLU D 239 -46.68 3.02 -17.19
C GLU D 239 -46.69 2.98 -18.70
N ALA D 240 -46.86 4.14 -19.32
CA ALA D 240 -46.89 4.22 -20.76
C ALA D 240 -45.59 3.71 -21.36
N GLY D 241 -44.57 3.53 -20.52
CA GLY D 241 -43.29 3.06 -21.01
C GLY D 241 -42.14 3.98 -20.64
N ASN D 242 -40.95 3.65 -21.13
CA ASN D 242 -39.74 4.43 -20.84
C ASN D 242 -39.41 5.37 -21.99
N SER D 243 -39.29 6.66 -21.70
CA SER D 243 -38.94 7.63 -22.73
C SER D 243 -37.64 8.34 -22.35
N GLN D 244 -36.76 8.55 -23.32
CA GLN D 244 -35.49 9.21 -23.02
C GLN D 244 -35.54 10.73 -23.11
N ILE D 245 -35.64 11.39 -21.96
CA ILE D 245 -35.70 12.85 -21.93
C ILE D 245 -34.51 13.43 -22.72
N THR D 246 -33.35 12.80 -22.61
CA THR D 246 -32.13 13.28 -23.30
C THR D 246 -31.95 12.70 -24.69
N SER D 247 -33.01 12.14 -25.26
CA SER D 247 -32.90 11.55 -26.59
C SER D 247 -32.08 12.33 -27.61
N GLY D 248 -31.12 11.65 -28.21
CA GLY D 248 -30.30 12.32 -29.21
C GLY D 248 -28.92 12.76 -28.77
N GLY D 249 -28.71 12.94 -27.46
CA GLY D 249 -27.41 13.35 -26.98
C GLY D 249 -27.20 13.14 -25.49
N PHE D 250 -26.25 13.86 -24.90
CA PHE D 250 -25.96 13.75 -23.48
C PHE D 250 -26.01 15.08 -22.74
N LEU D 251 -26.54 15.03 -21.52
CA LEU D 251 -26.60 16.22 -20.69
C LEU D 251 -25.26 16.29 -19.98
N LEU D 252 -24.55 17.41 -20.14
CA LEU D 252 -23.24 17.55 -19.51
C LEU D 252 -23.34 18.39 -18.24
N LYS D 253 -22.80 17.88 -17.15
CA LYS D 253 -22.85 18.57 -15.88
C LYS D 253 -21.49 18.59 -15.17
N ALA D 254 -21.08 19.79 -14.77
CA ALA D 254 -19.83 20.00 -14.05
C ALA D 254 -20.27 20.60 -12.72
N TYR D 255 -19.77 20.10 -11.60
CA TYR D 255 -20.20 20.66 -10.32
C TYR D 255 -19.26 20.36 -9.16
N ILE D 256 -19.49 21.05 -8.05
CA ILE D 256 -18.72 20.88 -6.82
C ILE D 256 -19.69 21.11 -5.67
N ASN D 257 -19.60 20.28 -4.64
CA ASN D 257 -20.47 20.42 -3.47
C ASN D 257 -19.65 21.03 -2.37
N VAL D 258 -20.12 22.12 -1.78
CA VAL D 258 -19.38 22.73 -0.71
C VAL D 258 -20.27 22.77 0.52
N SER D 259 -19.70 22.45 1.69
CA SER D 259 -20.48 22.46 2.93
C SER D 259 -20.94 23.87 3.27
N ASP D 263 -18.05 29.44 4.12
CA ASP D 263 -17.12 30.56 4.05
C ASP D 263 -16.95 31.04 2.62
N ILE D 264 -17.42 32.26 2.35
CA ILE D 264 -17.35 32.87 1.04
C ILE D 264 -16.10 32.48 0.23
N ASP D 265 -14.96 32.36 0.90
CA ASP D 265 -13.74 32.01 0.19
C ASP D 265 -13.83 30.68 -0.56
N ARG D 266 -14.19 29.61 0.14
CA ARG D 266 -14.31 28.31 -0.51
C ARG D 266 -15.40 28.35 -1.60
N ILE D 267 -16.24 29.39 -1.56
CA ILE D 267 -17.31 29.56 -2.55
C ILE D 267 -16.78 30.29 -3.77
N ASN D 268 -15.96 31.30 -3.55
CA ASN D 268 -15.38 32.08 -4.65
C ASN D 268 -14.30 31.25 -5.32
N TYR D 269 -13.70 30.36 -4.54
CA TYR D 269 -12.66 29.50 -5.07
C TYR D 269 -13.31 28.47 -5.95
N THR D 270 -14.41 27.92 -5.47
CA THR D 270 -15.15 26.90 -6.21
C THR D 270 -15.67 27.48 -7.52
N GLU D 271 -16.16 28.72 -7.49
CA GLU D 271 -16.65 29.34 -8.71
C GLU D 271 -15.51 29.41 -9.72
N THR D 272 -14.32 29.77 -9.23
CA THR D 272 -13.14 29.90 -10.08
C THR D 272 -12.87 28.58 -10.80
N VAL D 273 -12.84 27.49 -10.04
CA VAL D 273 -12.62 26.18 -10.63
C VAL D 273 -13.62 25.92 -11.74
N LEU D 274 -14.90 26.21 -11.47
CA LEU D 274 -15.91 26.01 -12.50
C LEU D 274 -15.62 26.93 -13.69
N MET D 275 -15.35 28.19 -13.41
CA MET D 275 -15.06 29.16 -14.45
C MET D 275 -13.89 28.78 -15.33
N ASN D 276 -12.82 28.31 -14.71
CA ASN D 276 -11.65 27.92 -15.47
C ASN D 276 -12.01 26.84 -16.48
N LEU D 277 -12.85 25.89 -16.07
CA LEU D 277 -13.29 24.81 -16.95
C LEU D 277 -14.15 25.34 -18.09
N LYS D 278 -15.01 26.32 -17.78
CA LYS D 278 -15.88 26.91 -18.79
C LYS D 278 -15.02 27.61 -19.83
N LYS D 279 -14.01 28.31 -19.33
CA LYS D 279 -13.08 29.06 -20.16
C LYS D 279 -12.18 28.08 -20.93
N GLU D 280 -11.91 26.94 -20.31
CA GLU D 280 -11.06 25.91 -20.91
C GLU D 280 -11.70 25.21 -22.11
N LEU D 281 -12.95 24.79 -21.95
CA LEU D 281 -13.66 24.10 -23.02
C LEU D 281 -14.36 25.04 -24.00
N GLN D 282 -14.23 26.34 -23.78
CA GLN D 282 -14.85 27.35 -24.64
C GLN D 282 -14.41 27.11 -26.09
N GLY D 283 -15.28 27.42 -27.04
CA GLY D 283 -14.92 27.22 -28.44
C GLY D 283 -14.99 25.76 -28.85
N TYR D 284 -15.57 24.96 -27.97
CA TYR D 284 -15.74 23.52 -28.19
C TYR D 284 -17.08 23.10 -27.57
N ILE D 285 -17.24 23.36 -26.28
CA ILE D 285 -18.47 23.03 -25.56
C ILE D 285 -18.79 24.11 -24.53
N GLU D 286 -19.92 24.79 -24.71
CA GLU D 286 -20.28 25.86 -23.81
C GLU D 286 -21.02 25.42 -22.56
N LEU D 287 -20.39 25.67 -21.42
CA LEU D 287 -20.98 25.35 -20.14
C LEU D 287 -21.60 26.64 -19.66
N SER D 288 -22.89 26.61 -19.33
CA SER D 288 -23.57 27.83 -18.88
C SER D 288 -24.44 27.60 -17.66
N VAL D 289 -25.00 28.68 -17.15
CA VAL D 289 -25.87 28.62 -15.99
C VAL D 289 -27.29 28.38 -16.46
N PRO D 290 -27.93 27.29 -16.03
CA PRO D 290 -29.30 27.05 -16.48
C PRO D 290 -30.25 27.99 -15.72
N ASP D 291 -31.46 28.14 -16.26
CA ASP D 291 -32.48 29.00 -15.69
C ASP D 291 -32.94 28.57 -14.30
N ARG D 292 -32.88 29.47 -13.32
CA ARG D 292 -33.31 29.09 -11.97
C ARG D 292 -34.64 28.35 -12.02
N GLN D 293 -35.58 28.90 -12.78
CA GLN D 293 -36.91 28.32 -12.93
C GLN D 293 -36.91 26.84 -13.34
N SER D 294 -35.87 26.41 -14.04
CA SER D 294 -35.80 25.03 -14.49
C SER D 294 -35.21 24.11 -13.43
N MET D 295 -34.88 24.70 -12.27
CA MET D 295 -34.29 23.94 -11.17
C MET D 295 -35.06 24.18 -9.88
N ASP D 296 -36.38 24.35 -10.03
CA ASP D 296 -37.28 24.60 -8.90
C ASP D 296 -38.25 23.43 -8.76
N SER D 297 -38.16 22.70 -7.66
CA SER D 297 -39.00 21.55 -7.43
C SER D 297 -40.23 21.79 -6.56
N ARG D 298 -40.45 23.04 -6.16
CA ARG D 298 -41.61 23.38 -5.34
C ARG D 298 -42.89 23.10 -6.11
N VAL D 299 -43.93 22.65 -5.40
CA VAL D 299 -45.21 22.34 -6.05
C VAL D 299 -45.91 23.63 -6.48
N ALA D 300 -46.18 23.73 -7.78
CA ALA D 300 -46.83 24.91 -8.34
C ALA D 300 -48.19 25.21 -7.70
N GLY E 1 0.77 -33.13 29.57
CA GLY E 1 0.96 -33.10 31.05
C GLY E 1 0.43 -31.85 31.72
N LYS E 2 -0.11 -32.01 32.93
CA LYS E 2 -0.65 -30.85 33.64
C LYS E 2 0.02 -30.67 34.95
N SER E 3 -0.19 -29.50 35.52
CA SER E 3 0.43 -29.30 36.81
C SER E 3 -0.28 -28.25 37.62
N ALA E 4 0.01 -28.28 38.92
CA ALA E 4 -0.56 -27.35 39.85
C ALA E 4 0.38 -27.29 41.03
N VAL E 5 0.50 -26.11 41.62
CA VAL E 5 1.37 -25.94 42.77
C VAL E 5 0.55 -25.43 43.94
N ILE E 6 0.67 -26.11 45.08
CA ILE E 6 -0.05 -25.70 46.27
C ILE E 6 0.98 -25.30 47.31
N PHE E 7 0.85 -24.09 47.83
CA PHE E 7 1.76 -23.59 48.83
C PHE E 7 1.03 -23.39 50.15
N VAL E 8 1.42 -24.16 51.15
CA VAL E 8 0.81 -24.09 52.47
C VAL E 8 1.53 -23.06 53.32
N GLU E 9 0.99 -21.84 53.34
CA GLU E 9 1.56 -20.73 54.10
C GLU E 9 1.65 -21.04 55.59
N ARG E 10 0.48 -21.27 56.21
CA ARG E 10 0.40 -21.58 57.64
C ARG E 10 0.76 -23.05 57.81
N ALA E 11 1.97 -23.32 58.27
CA ALA E 11 2.39 -24.70 58.47
C ALA E 11 3.73 -24.78 59.17
N THR E 12 4.12 -26.02 59.50
CA THR E 12 5.37 -26.27 60.18
C THR E 12 6.06 -27.44 59.48
N PRO E 13 7.36 -27.63 59.74
CA PRO E 13 8.13 -28.71 59.13
C PRO E 13 7.44 -30.07 59.18
N ALA E 14 6.53 -30.24 60.13
CA ALA E 14 5.82 -31.48 60.30
C ALA E 14 4.66 -31.66 59.33
N THR E 15 4.04 -30.55 58.94
CA THR E 15 2.90 -30.59 58.03
C THR E 15 3.16 -31.51 56.84
N LEU E 16 4.39 -31.50 56.34
CA LEU E 16 4.76 -32.33 55.20
C LEU E 16 4.36 -33.79 55.46
N THR E 17 4.85 -34.34 56.56
CA THR E 17 4.57 -35.74 56.91
C THR E 17 3.08 -35.99 57.13
N GLU E 18 2.41 -35.08 57.83
CA GLU E 18 0.98 -35.23 58.09
C GLU E 18 0.23 -35.47 56.79
N LEU E 19 0.58 -34.72 55.76
CA LEU E 19 -0.06 -34.86 54.46
C LEU E 19 0.46 -36.12 53.76
N LYS E 20 1.70 -36.48 54.07
CA LYS E 20 2.34 -37.65 53.51
C LYS E 20 1.56 -38.90 53.91
N ASP E 21 1.08 -38.91 55.14
CA ASP E 21 0.34 -40.05 55.69
C ASP E 21 -1.13 -40.03 55.28
N ALA E 22 -1.72 -38.84 55.29
CA ALA E 22 -3.12 -38.69 54.90
C ALA E 22 -3.29 -39.31 53.52
N LEU E 23 -2.15 -39.62 52.90
CA LEU E 23 -2.12 -40.22 51.57
C LEU E 23 -1.54 -41.64 51.69
N SER E 24 -1.36 -42.09 52.93
CA SER E 24 -0.81 -43.41 53.23
C SER E 24 -1.43 -44.51 52.38
N ASN E 25 -2.74 -44.45 52.20
CA ASN E 25 -3.43 -45.45 51.40
C ASN E 25 -3.18 -45.16 49.93
N SER E 26 -3.27 -43.87 49.57
CA SER E 26 -3.07 -43.44 48.20
C SER E 26 -1.60 -43.22 47.85
N ILE E 27 -0.81 -44.29 47.80
CA ILE E 27 0.59 -44.25 47.40
C ILE E 27 0.82 -45.54 46.61
N LEU E 28 1.89 -45.57 45.82
CA LEU E 28 2.21 -46.74 45.01
C LEU E 28 3.71 -46.99 45.14
N SER E 29 4.51 -45.99 44.79
CA SER E 29 5.96 -46.08 44.87
C SER E 29 6.55 -44.70 45.11
N VAL E 30 7.85 -44.65 45.42
CA VAL E 30 8.52 -43.39 45.67
C VAL E 30 9.83 -43.30 44.89
N ARG E 31 9.89 -42.34 43.96
CA ARG E 31 11.07 -42.14 43.14
C ARG E 31 12.08 -41.26 43.88
N ASP E 32 13.18 -40.93 43.20
CA ASP E 32 14.24 -40.12 43.79
C ASP E 32 13.82 -38.73 44.25
N PRO E 33 14.46 -38.23 45.32
CA PRO E 33 14.18 -36.91 45.89
C PRO E 33 14.50 -35.82 44.89
N TRP E 34 13.83 -34.67 45.03
CA TRP E 34 14.04 -33.56 44.14
C TRP E 34 14.43 -32.32 44.92
N SER E 35 14.81 -31.27 44.21
CA SER E 35 15.22 -30.04 44.85
C SER E 35 14.72 -28.84 44.04
N ILE E 36 14.74 -27.66 44.64
CA ILE E 36 14.33 -26.45 43.96
C ILE E 36 14.70 -25.13 44.61
N ASP E 37 15.12 -24.17 43.79
CA ASP E 37 15.48 -22.85 44.27
C ASP E 37 14.48 -21.84 43.72
N PHE E 38 14.04 -20.90 44.57
CA PHE E 38 13.11 -19.88 44.12
C PHE E 38 13.69 -18.53 44.51
N ARG E 39 14.15 -17.78 43.50
CA ARG E 39 14.76 -16.49 43.74
C ARG E 39 13.87 -15.32 43.33
N THR E 40 14.02 -14.20 44.03
CA THR E 40 13.25 -13.00 43.71
C THR E 40 14.22 -11.84 43.49
N TYR E 41 14.13 -11.20 42.32
CA TYR E 41 15.00 -10.08 41.99
C TYR E 41 14.20 -8.79 41.91
N ARG E 42 14.81 -7.67 42.31
CA ARG E 42 14.12 -6.39 42.24
C ARG E 42 14.92 -5.47 41.35
N CYS E 43 14.24 -4.91 40.35
CA CYS E 43 14.89 -4.00 39.42
C CYS E 43 15.26 -2.69 40.11
N SER E 44 16.48 -2.23 39.89
CA SER E 44 16.91 -0.99 40.52
C SER E 44 16.71 0.22 39.63
N ILE E 45 16.01 0.03 38.51
CA ILE E 45 15.72 1.13 37.59
C ILE E 45 14.68 2.06 38.23
N LYS E 46 14.67 3.32 37.84
CA LYS E 46 13.74 4.29 38.40
C LYS E 46 12.67 4.76 37.41
N ASN E 47 12.90 4.54 36.11
CA ASN E 47 11.95 4.97 35.08
C ASN E 47 10.98 3.89 34.59
N LEU E 48 11.04 2.67 35.12
CA LEU E 48 10.15 1.64 34.60
C LEU E 48 8.78 2.18 34.18
N PRO E 49 8.33 1.83 32.97
CA PRO E 49 7.05 2.28 32.44
C PRO E 49 5.91 1.76 33.31
N ALA E 50 4.75 2.38 33.20
CA ALA E 50 3.60 1.92 33.97
C ALA E 50 3.21 0.54 33.44
N ASP E 51 2.96 -0.40 34.36
CA ASP E 51 2.57 -1.77 34.02
C ASP E 51 3.75 -2.68 33.69
N VAL E 52 4.87 -2.42 34.35
CA VAL E 52 6.09 -3.19 34.18
C VAL E 52 6.58 -3.40 35.60
N SER E 53 6.54 -4.64 36.05
CA SER E 53 6.96 -4.96 37.41
C SER E 53 8.42 -4.64 37.68
N LYS E 54 8.77 -4.51 38.95
CA LYS E 54 10.15 -4.26 39.34
C LYS E 54 10.65 -5.62 39.80
N LEU E 55 9.75 -6.60 39.76
CA LEU E 55 10.06 -7.95 40.19
C LEU E 55 10.20 -8.98 39.08
N MET E 56 11.21 -9.81 39.21
CA MET E 56 11.46 -10.88 38.28
C MET E 56 11.78 -12.10 39.12
N TYR E 57 11.18 -13.23 38.77
CA TYR E 57 11.41 -14.45 39.52
C TYR E 57 12.28 -15.42 38.76
N SER E 58 13.09 -16.15 39.50
CA SER E 58 14.01 -17.13 38.92
C SER E 58 13.73 -18.48 39.60
N ILE E 59 13.21 -19.45 38.85
CA ILE E 59 12.90 -20.76 39.40
C ILE E 59 13.88 -21.82 38.91
N THR E 60 14.72 -22.33 39.80
CA THR E 60 15.68 -23.35 39.39
C THR E 60 15.26 -24.76 39.79
N PHE E 61 15.12 -25.63 38.80
CA PHE E 61 14.74 -27.03 39.03
C PHE E 61 16.01 -27.88 39.02
N HIS E 62 16.03 -28.95 39.80
CA HIS E 62 17.19 -29.83 39.83
C HIS E 62 16.85 -31.19 39.25
N HIS E 63 15.74 -31.25 38.53
CA HIS E 63 15.23 -32.46 37.89
C HIS E 63 16.18 -33.04 36.82
N HIS E 64 17.39 -33.43 37.22
CA HIS E 64 18.41 -34.02 36.31
C HIS E 64 19.04 -33.04 35.32
N GLY E 65 18.43 -31.88 35.18
CA GLY E 65 18.94 -30.85 34.29
C GLY E 65 18.81 -29.55 35.06
N ARG E 66 19.94 -28.94 35.38
CA ARG E 66 19.94 -27.68 36.14
C ARG E 66 19.39 -26.55 35.28
N GLN E 67 18.06 -26.56 35.13
CA GLN E 67 17.34 -25.57 34.34
C GLN E 67 16.76 -24.46 35.20
N THR E 68 16.82 -23.24 34.68
CA THR E 68 16.29 -22.12 35.40
C THR E 68 15.37 -21.33 34.49
N VAL E 69 14.15 -21.08 34.97
CA VAL E 69 13.18 -20.34 34.21
C VAL E 69 13.04 -18.94 34.79
N LEU E 70 13.14 -17.93 33.95
CA LEU E 70 12.97 -16.57 34.43
C LEU E 70 11.54 -16.15 34.09
N ILE E 71 10.89 -15.48 35.03
CA ILE E 71 9.52 -15.03 34.83
C ILE E 71 9.34 -13.59 35.25
N LYS E 72 8.84 -12.79 34.32
CA LYS E 72 8.60 -11.36 34.55
C LYS E 72 7.49 -10.89 33.62
N ASP E 73 6.53 -10.16 34.18
CA ASP E 73 5.38 -9.63 33.44
C ASP E 73 4.71 -10.71 32.58
N ASN E 74 4.36 -11.83 33.20
CA ASN E 74 3.70 -12.94 32.52
C ASN E 74 4.41 -13.49 31.30
N SER E 75 5.75 -13.45 31.33
CA SER E 75 6.54 -13.98 30.23
C SER E 75 7.66 -14.80 30.85
N ALA E 76 8.06 -15.87 30.17
CA ALA E 76 9.09 -16.75 30.70
C ALA E 76 10.22 -17.04 29.74
N MET E 77 11.39 -17.27 30.30
CA MET E 77 12.59 -17.60 29.54
C MET E 77 13.22 -18.82 30.22
N VAL E 78 13.34 -19.92 29.48
CA VAL E 78 13.94 -21.15 30.00
C VAL E 78 15.43 -21.15 29.71
N THR E 79 16.26 -21.37 30.72
CA THR E 79 17.71 -21.39 30.49
C THR E 79 18.30 -22.62 31.13
N THR E 80 19.52 -22.98 30.74
CA THR E 80 20.18 -24.12 31.33
C THR E 80 21.67 -23.84 31.52
N ALA E 81 22.23 -24.44 32.56
CA ALA E 81 23.64 -24.26 32.87
C ALA E 81 24.36 -25.59 32.62
N ALA E 82 23.63 -26.55 32.06
CA ALA E 82 24.17 -27.86 31.79
C ALA E 82 24.82 -27.98 30.41
N ALA E 83 26.12 -28.22 30.37
CA ALA E 83 26.79 -28.37 29.09
C ALA E 83 26.12 -29.49 28.27
N ALA E 84 25.55 -30.47 28.97
CA ALA E 84 24.91 -31.60 28.30
C ALA E 84 23.62 -31.22 27.57
N ASP E 85 22.96 -30.16 28.00
CA ASP E 85 21.71 -29.73 27.37
C ASP E 85 21.92 -28.75 26.21
N ILE E 86 23.16 -28.44 25.89
CA ILE E 86 23.42 -27.49 24.80
C ILE E 86 23.08 -28.09 23.44
N PRO E 87 22.24 -27.42 22.64
CA PRO E 87 21.89 -27.95 21.31
C PRO E 87 23.18 -28.22 20.56
N PRO E 88 23.39 -29.44 20.07
CA PRO E 88 24.62 -29.77 19.35
C PRO E 88 25.09 -28.76 18.31
N ALA E 89 24.16 -28.17 17.58
CA ALA E 89 24.55 -27.21 16.55
C ALA E 89 25.24 -25.98 17.11
N LEU E 90 24.82 -25.50 18.27
CA LEU E 90 25.45 -24.32 18.86
C LEU E 90 26.90 -24.58 19.29
N VAL E 91 27.22 -25.82 19.63
CA VAL E 91 28.57 -26.15 20.04
C VAL E 91 29.43 -26.25 18.80
N PHE E 92 28.86 -26.80 17.74
CA PHE E 92 29.64 -26.94 16.52
C PHE E 92 30.10 -25.64 15.84
N ASN E 93 29.21 -24.66 15.72
CA ASN E 93 29.56 -23.43 15.05
C ASN E 93 30.18 -22.38 15.97
N GLY E 94 30.44 -22.74 17.21
CA GLY E 94 31.07 -21.81 18.12
C GLY E 94 30.21 -20.74 18.78
N SER E 95 28.90 -20.77 18.54
CA SER E 95 28.03 -19.81 19.19
C SER E 95 28.18 -20.00 20.70
N SER E 96 28.36 -21.25 21.12
CA SER E 96 28.52 -21.56 22.54
C SER E 96 29.95 -22.00 22.82
N THR E 97 30.41 -21.78 24.05
CA THR E 97 31.77 -22.17 24.42
C THR E 97 31.76 -23.61 24.86
N GLY E 98 30.56 -24.16 25.08
CA GLY E 98 30.45 -25.53 25.54
C GLY E 98 30.53 -25.58 27.06
N VAL E 99 30.75 -24.43 27.69
CA VAL E 99 30.87 -24.39 29.15
C VAL E 99 29.99 -23.29 29.75
N PRO E 100 28.67 -23.54 29.82
CA PRO E 100 27.72 -22.57 30.37
C PRO E 100 27.64 -22.57 31.89
N GLU E 101 26.97 -21.56 32.44
CA GLU E 101 26.76 -21.46 33.88
C GLU E 101 25.33 -20.98 34.11
N SER E 102 24.95 -20.79 35.35
CA SER E 102 23.61 -20.35 35.69
C SER E 102 23.31 -18.89 35.36
N ILE E 103 22.10 -18.65 34.86
CA ILE E 103 21.64 -17.32 34.54
C ILE E 103 21.67 -16.48 35.83
N ASP E 104 21.47 -17.14 36.97
CA ASP E 104 21.51 -16.44 38.27
C ASP E 104 22.91 -15.94 38.58
N THR E 105 23.91 -16.75 38.25
CA THR E 105 25.29 -16.35 38.48
C THR E 105 25.54 -15.10 37.63
N ILE E 106 25.09 -15.14 36.38
CA ILE E 106 25.25 -14.00 35.48
C ILE E 106 24.54 -12.77 36.05
N LEU E 107 23.32 -12.97 36.51
CA LEU E 107 22.55 -11.86 37.08
C LEU E 107 23.24 -11.22 38.27
N SER E 108 23.74 -12.04 39.18
CA SER E 108 24.41 -11.51 40.36
C SER E 108 25.81 -10.94 40.14
N SER E 109 26.54 -11.47 39.17
CA SER E 109 27.89 -10.99 38.95
C SER E 109 28.11 -10.00 37.80
N LYS E 110 27.24 -10.02 36.80
CA LYS E 110 27.43 -9.10 35.68
C LYS E 110 26.33 -8.05 35.55
N LEU E 111 25.15 -8.34 36.10
CA LEU E 111 24.04 -7.39 36.01
C LEU E 111 23.48 -6.97 37.38
N SER E 112 24.28 -7.19 38.42
CA SER E 112 23.90 -6.88 39.79
C SER E 112 23.49 -5.43 40.05
N ASN E 113 23.95 -4.51 39.22
CA ASN E 113 23.59 -3.11 39.40
C ASN E 113 22.13 -2.90 38.95
N ILE E 114 21.72 -3.67 37.95
CA ILE E 114 20.36 -3.56 37.45
C ILE E 114 19.42 -4.48 38.23
N TRP E 115 19.88 -5.67 38.59
CA TRP E 115 19.05 -6.61 39.35
C TRP E 115 19.66 -7.02 40.68
N MET E 116 18.90 -6.85 41.74
CA MET E 116 19.36 -7.21 43.07
C MET E 116 18.53 -8.36 43.63
N GLN E 117 19.22 -9.40 44.08
CA GLN E 117 18.52 -10.55 44.64
C GLN E 117 17.94 -10.17 46.01
N ARG E 118 16.62 -10.24 46.11
CA ARG E 118 15.92 -9.89 47.34
C ARG E 118 15.73 -11.07 48.27
N GLN E 119 15.24 -12.17 47.73
CA GLN E 119 15.01 -13.37 48.53
C GLN E 119 15.47 -14.62 47.78
N LEU E 120 15.76 -15.68 48.53
CA LEU E 120 16.23 -16.94 47.98
C LEU E 120 15.60 -18.08 48.80
N ILE E 121 14.49 -18.65 48.34
CA ILE E 121 13.84 -19.75 49.07
C ILE E 121 14.40 -21.05 48.45
N LYS E 122 14.77 -22.00 49.30
CA LYS E 122 15.29 -23.28 48.82
C LYS E 122 14.46 -24.43 49.36
N GLY E 123 14.36 -25.49 48.57
CA GLY E 123 13.62 -26.68 48.98
C GLY E 123 14.51 -27.88 48.72
N ASP E 124 15.06 -28.48 49.78
CA ASP E 124 15.95 -29.62 49.61
C ASP E 124 15.30 -30.93 50.04
N ALA E 125 15.92 -32.04 49.66
CA ALA E 125 15.43 -33.37 49.99
C ALA E 125 13.92 -33.53 49.84
N GLY E 126 13.38 -33.06 48.72
CA GLY E 126 11.96 -33.18 48.47
C GLY E 126 11.57 -34.62 48.24
N GLU E 127 10.26 -34.91 48.28
CA GLU E 127 9.80 -36.27 48.08
C GLU E 127 8.88 -36.42 46.87
N THR E 128 9.12 -37.48 46.11
CA THR E 128 8.34 -37.77 44.92
C THR E 128 7.40 -38.93 45.20
N LEU E 129 6.13 -38.61 45.44
CA LEU E 129 5.13 -39.64 45.74
C LEU E 129 4.34 -39.95 44.48
N ILE E 130 4.28 -41.24 44.14
CA ILE E 130 3.59 -41.67 42.95
C ILE E 130 2.26 -42.34 43.25
N LEU E 131 1.17 -41.72 42.81
CA LEU E 131 -0.16 -42.23 43.02
C LEU E 131 -0.72 -42.72 41.70
N ASP E 132 -2.03 -42.94 41.64
CA ASP E 132 -2.64 -43.39 40.41
C ASP E 132 -2.96 -42.17 39.58
N GLY E 133 -2.38 -42.11 38.38
CA GLY E 133 -2.62 -40.99 37.50
C GLY E 133 -2.30 -39.67 38.16
N LEU E 134 -1.24 -39.62 38.95
CA LEU E 134 -0.92 -38.36 39.59
C LEU E 134 0.34 -38.41 40.43
N THR E 135 1.36 -37.69 40.00
CA THR E 135 2.61 -37.63 40.73
C THR E 135 2.55 -36.42 41.65
N VAL E 136 2.77 -36.63 42.94
CA VAL E 136 2.72 -35.55 43.90
C VAL E 136 4.06 -35.35 44.60
N ARG E 137 4.62 -34.16 44.43
CA ARG E 137 5.90 -33.80 45.03
C ARG E 137 5.72 -32.90 46.24
N LEU E 138 6.48 -33.19 47.29
CA LEU E 138 6.40 -32.45 48.53
C LEU E 138 7.80 -32.02 48.97
N VAL E 139 7.92 -30.78 49.42
CA VAL E 139 9.20 -30.24 49.88
C VAL E 139 9.01 -29.06 50.83
N ASN E 140 9.86 -28.96 51.83
CA ASN E 140 9.78 -27.88 52.80
C ASN E 140 10.63 -26.72 52.31
N LEU E 141 10.02 -25.56 52.14
CA LEU E 141 10.72 -24.37 51.68
C LEU E 141 11.31 -23.57 52.81
N PHE E 142 12.60 -23.28 52.73
CA PHE E 142 13.28 -22.51 53.75
C PHE E 142 13.95 -21.26 53.20
N SER E 143 13.91 -20.20 53.99
CA SER E 143 14.52 -18.94 53.63
C SER E 143 15.71 -18.74 54.55
N SER E 144 16.42 -17.64 54.39
CA SER E 144 17.56 -17.38 55.26
C SER E 144 17.01 -16.69 56.50
N THR E 145 15.69 -16.66 56.63
CA THR E 145 15.05 -16.02 57.78
C THR E 145 14.07 -16.93 58.50
N GLY E 146 14.02 -18.20 58.09
CA GLY E 146 13.13 -19.16 58.74
C GLY E 146 12.29 -19.97 57.78
N PHE E 147 11.61 -20.99 58.31
CA PHE E 147 10.72 -21.85 57.53
C PHE E 147 9.82 -20.91 56.74
N LYS E 148 9.46 -21.28 55.51
CA LYS E 148 8.61 -20.42 54.71
C LYS E 148 7.25 -21.07 54.48
N GLY E 149 7.24 -22.40 54.41
CA GLY E 149 6.00 -23.12 54.21
C GLY E 149 6.20 -24.44 53.52
N LEU E 150 5.10 -25.14 53.26
CA LEU E 150 5.15 -26.42 52.58
C LEU E 150 4.76 -26.21 51.12
N LEU E 151 5.43 -26.92 50.20
CA LEU E 151 5.11 -26.77 48.80
C LEU E 151 4.74 -28.13 48.20
N ILE E 152 3.63 -28.14 47.47
CA ILE E 152 3.13 -29.36 46.82
C ILE E 152 3.16 -29.18 45.30
N GLU E 153 3.90 -30.04 44.61
CA GLU E 153 3.97 -29.99 43.16
C GLU E 153 3.12 -31.15 42.61
N LEU E 154 2.12 -30.83 41.82
CA LEU E 154 1.25 -31.86 41.25
C LEU E 154 1.41 -32.00 39.75
N GLN E 155 2.02 -33.09 39.30
CA GLN E 155 2.21 -33.34 37.88
C GLN E 155 1.44 -34.57 37.45
N ALA E 156 0.72 -34.45 36.33
CA ALA E 156 -0.07 -35.57 35.83
C ALA E 156 -0.11 -35.63 34.31
N ASP E 157 0.36 -36.74 33.74
CA ASP E 157 0.36 -36.93 32.30
C ASP E 157 -1.07 -36.95 31.81
N GLU E 158 -1.96 -37.50 32.62
CA GLU E 158 -3.37 -37.57 32.28
C GLU E 158 -4.04 -36.21 32.24
N ALA E 159 -4.14 -35.63 31.05
CA ALA E 159 -4.79 -34.33 30.90
C ALA E 159 -6.25 -34.54 31.27
N GLY E 160 -6.63 -35.81 31.40
CA GLY E 160 -7.99 -36.15 31.74
C GLY E 160 -8.33 -35.87 33.20
N GLU E 161 -9.41 -35.11 33.38
CA GLU E 161 -9.92 -34.74 34.70
C GLU E 161 -8.88 -34.50 35.79
N PHE E 162 -7.99 -33.55 35.55
CA PHE E 162 -6.94 -33.20 36.50
C PHE E 162 -7.57 -32.40 37.66
N GLU E 163 -8.68 -31.74 37.38
CA GLU E 163 -9.40 -30.91 38.33
C GLU E 163 -9.87 -31.69 39.56
N THR E 164 -10.11 -32.98 39.38
CA THR E 164 -10.54 -33.84 40.46
C THR E 164 -9.34 -34.16 41.33
N LYS E 165 -8.24 -34.52 40.68
CA LYS E 165 -7.00 -34.87 41.38
C LYS E 165 -6.54 -33.75 42.30
N ILE E 166 -6.59 -32.51 41.81
CA ILE E 166 -6.19 -31.35 42.60
C ILE E 166 -7.13 -31.16 43.79
N ALA E 167 -8.43 -31.27 43.53
CA ALA E 167 -9.42 -31.10 44.60
C ALA E 167 -9.22 -32.18 45.68
N GLY E 168 -8.81 -33.38 45.25
CA GLY E 168 -8.59 -34.46 46.18
C GLY E 168 -7.48 -34.18 47.17
N ILE E 169 -6.37 -33.66 46.65
CA ILE E 169 -5.21 -33.33 47.47
C ILE E 169 -5.57 -32.19 48.42
N GLU E 170 -6.36 -31.22 47.94
CA GLU E 170 -6.76 -30.10 48.77
C GLU E 170 -7.63 -30.60 49.92
N GLY E 171 -8.28 -31.73 49.70
CA GLY E 171 -9.13 -32.30 50.72
C GLY E 171 -8.30 -32.89 51.85
N HIS E 172 -7.28 -33.66 51.50
CA HIS E 172 -6.41 -34.27 52.49
C HIS E 172 -5.74 -33.16 53.31
N LEU E 173 -5.75 -31.94 52.77
CA LEU E 173 -5.15 -30.80 53.47
C LEU E 173 -6.12 -30.33 54.53
N ALA E 174 -7.41 -30.46 54.26
CA ALA E 174 -8.45 -30.07 55.20
C ALA E 174 -8.43 -31.03 56.39
N GLU E 175 -8.07 -32.29 56.12
CA GLU E 175 -7.99 -33.31 57.17
C GLU E 175 -6.88 -33.01 58.16
N ILE E 176 -5.69 -32.73 57.66
CA ILE E 176 -4.53 -32.44 58.52
C ILE E 176 -4.60 -31.04 59.13
N ARG E 177 -5.76 -30.41 59.04
CA ARG E 177 -5.96 -29.07 59.58
C ARG E 177 -4.98 -28.07 58.98
N ALA E 178 -4.86 -28.10 57.66
CA ALA E 178 -3.98 -27.19 56.94
C ALA E 178 -4.86 -26.17 56.24
N LYS E 179 -5.20 -25.11 56.96
CA LYS E 179 -6.05 -24.06 56.42
C LYS E 179 -5.27 -22.83 56.03
N GLU E 180 -5.86 -22.02 55.15
CA GLU E 180 -5.24 -20.78 54.69
C GLU E 180 -4.05 -21.10 53.78
N TYR E 181 -4.33 -21.75 52.66
CA TYR E 181 -3.29 -22.11 51.69
C TYR E 181 -3.62 -21.54 50.31
N LYS E 182 -2.61 -21.45 49.44
CA LYS E 182 -2.80 -20.92 48.10
C LYS E 182 -2.51 -21.97 47.04
N THR E 183 -3.38 -22.03 46.04
CA THR E 183 -3.23 -23.01 44.95
C THR E 183 -3.24 -22.32 43.59
N SER E 184 -2.32 -22.76 42.74
CA SER E 184 -2.21 -22.21 41.39
C SER E 184 -2.02 -23.30 40.35
N SER E 185 -2.79 -23.19 39.27
CA SER E 185 -2.71 -24.13 38.16
C SER E 185 -2.85 -23.27 36.91
N ASP E 186 -2.50 -22.00 37.06
CA ASP E 186 -2.56 -21.03 35.98
C ASP E 186 -1.64 -21.40 34.82
N SER E 187 -1.68 -20.58 33.78
CA SER E 187 -0.85 -20.80 32.60
C SER E 187 -0.47 -19.50 31.92
N LEU E 188 0.59 -19.54 31.13
CA LEU E 188 1.06 -18.38 30.40
C LEU E 188 0.51 -18.41 28.99
N ASN E 194 4.52 -25.48 26.31
CA ASN E 194 5.80 -25.57 27.00
C ASN E 194 5.61 -25.77 28.50
N GLU E 195 5.58 -27.03 28.92
CA GLU E 195 5.39 -27.42 30.33
C GLU E 195 6.19 -26.64 31.38
N ILE E 196 7.51 -26.80 31.34
CA ILE E 196 8.40 -26.15 32.30
C ILE E 196 8.08 -24.69 32.61
N CYS E 197 7.47 -24.00 31.65
CA CYS E 197 7.14 -22.60 31.84
C CYS E 197 5.90 -22.38 32.71
N ASP E 198 4.86 -23.17 32.49
CA ASP E 198 3.66 -23.04 33.30
C ASP E 198 3.95 -23.47 34.73
N LEU E 199 4.67 -24.59 34.86
CA LEU E 199 5.05 -25.08 36.17
C LEU E 199 5.73 -23.95 36.93
N ALA E 200 6.74 -23.37 36.29
CA ALA E 200 7.49 -22.26 36.86
C ALA E 200 6.54 -21.14 37.24
N TYR E 201 5.63 -20.83 36.33
CA TYR E 201 4.66 -19.77 36.56
C TYR E 201 3.80 -20.07 37.77
N GLN E 202 3.39 -21.33 37.90
CA GLN E 202 2.57 -21.76 39.02
C GLN E 202 3.24 -21.51 40.37
N TYR E 203 4.55 -21.75 40.44
CA TYR E 203 5.29 -21.50 41.67
C TYR E 203 5.21 -20.03 42.03
N VAL E 204 5.33 -19.17 41.03
CA VAL E 204 5.28 -17.74 41.22
C VAL E 204 3.91 -17.31 41.75
N ARG E 205 2.85 -17.79 41.10
CA ARG E 205 1.49 -17.46 41.51
C ARG E 205 1.20 -17.89 42.94
N ALA E 206 1.69 -19.07 43.28
CA ALA E 206 1.50 -19.63 44.60
C ALA E 206 2.38 -19.02 45.70
N LEU E 207 3.52 -18.46 45.32
CA LEU E 207 4.44 -17.88 46.30
C LEU E 207 4.42 -16.37 46.41
N GLU E 208 3.95 -15.70 45.37
CA GLU E 208 3.87 -14.25 45.39
C GLU E 208 2.61 -13.85 46.16
N VAL F 1 34.22 -19.58 32.18
CA VAL F 1 35.20 -20.22 31.26
C VAL F 1 36.27 -19.24 30.76
N GLN F 2 37.49 -19.74 30.60
CA GLN F 2 38.62 -18.93 30.12
C GLN F 2 38.97 -19.29 28.69
N GLN F 3 38.99 -18.30 27.81
CA GLN F 3 39.32 -18.53 26.40
C GLN F 3 40.70 -17.93 26.07
N LEU F 4 41.67 -18.82 25.82
CA LEU F 4 43.01 -18.38 25.48
C LEU F 4 43.08 -18.34 23.96
N SER F 5 43.57 -17.25 23.39
CA SER F 5 43.61 -17.16 21.94
C SER F 5 44.74 -16.33 21.36
N LEU F 6 44.85 -16.42 20.03
CA LEU F 6 45.82 -15.68 19.24
C LEU F 6 45.15 -15.42 17.89
N PHE F 7 45.42 -14.26 17.29
CA PHE F 7 44.80 -13.95 16.01
C PHE F 7 45.82 -13.64 14.90
N GLY F 8 45.32 -13.53 13.67
CA GLY F 8 46.15 -13.27 12.52
C GLY F 8 45.21 -13.00 11.37
N SER F 9 45.71 -12.96 10.14
CA SER F 9 44.87 -12.70 8.96
C SER F 9 45.56 -13.03 7.63
N ILE F 10 44.77 -13.17 6.57
CA ILE F 10 45.27 -13.44 5.22
C ILE F 10 44.34 -12.77 4.21
N GLY F 11 44.91 -12.18 3.17
CA GLY F 11 44.10 -11.55 2.15
C GLY F 11 43.45 -12.69 1.40
N ASP F 12 42.32 -12.44 0.75
CA ASP F 12 41.61 -13.47 0.01
C ASP F 12 42.51 -14.30 -0.90
N ASP F 13 43.59 -13.70 -1.37
CA ASP F 13 44.50 -14.40 -2.26
C ASP F 13 45.29 -15.49 -1.57
N GLY F 14 45.53 -15.33 -0.28
CA GLY F 14 46.29 -16.32 0.45
C GLY F 14 45.46 -17.48 0.98
N TYR F 15 44.13 -17.33 0.92
CA TYR F 15 43.21 -18.33 1.42
C TYR F 15 43.45 -19.79 1.01
N ASP F 16 43.28 -20.12 -0.27
CA ASP F 16 43.48 -21.49 -0.74
C ASP F 16 44.75 -22.15 -0.24
N LEU F 17 45.84 -21.41 -0.18
CA LEU F 17 47.09 -21.96 0.28
C LEU F 17 46.97 -22.29 1.75
N LEU F 18 46.77 -21.25 2.56
CA LEU F 18 46.64 -21.37 4.00
C LEU F 18 45.71 -22.52 4.36
N ILE F 19 44.66 -22.70 3.56
CA ILE F 19 43.70 -23.75 3.82
C ILE F 19 44.35 -25.12 3.72
N SER F 20 44.93 -25.38 2.56
CA SER F 20 45.60 -26.64 2.28
C SER F 20 46.80 -26.86 3.20
N THR F 21 47.32 -25.79 3.78
CA THR F 21 48.41 -25.93 4.71
C THR F 21 47.81 -26.45 6.02
N LEU F 22 46.80 -25.74 6.53
CA LEU F 22 46.13 -26.13 7.77
C LEU F 22 45.58 -27.56 7.62
N THR F 23 45.26 -27.96 6.40
CA THR F 23 44.75 -29.30 6.16
C THR F 23 45.80 -30.34 6.50
N THR F 24 47.05 -30.05 6.15
CA THR F 24 48.13 -31.00 6.42
C THR F 24 48.56 -30.98 7.87
N ILE F 25 48.52 -29.81 8.49
CA ILE F 25 48.90 -29.66 9.89
C ILE F 25 47.90 -30.29 10.86
N SER F 26 46.61 -30.13 10.56
CA SER F 26 45.55 -30.69 11.40
C SER F 26 45.16 -32.09 10.93
N GLY F 27 45.41 -32.40 9.66
CA GLY F 27 45.07 -33.72 9.15
C GLY F 27 43.68 -33.88 8.54
N ASN F 28 42.81 -32.89 8.72
CA ASN F 28 41.47 -32.99 8.15
C ASN F 28 41.20 -31.73 7.38
N PRO F 29 40.35 -31.80 6.34
CA PRO F 29 40.03 -30.61 5.56
C PRO F 29 39.12 -29.72 6.42
N PRO F 30 38.95 -28.45 6.04
CA PRO F 30 38.11 -27.52 6.81
C PRO F 30 36.61 -27.86 6.88
N LEU F 31 35.96 -27.32 7.90
CA LEU F 31 34.54 -27.50 8.09
C LEU F 31 33.77 -26.17 8.04
N LEU F 32 32.86 -26.03 7.08
CA LEU F 32 32.04 -24.81 6.95
C LEU F 32 31.13 -24.59 8.15
N TYR F 33 31.02 -23.34 8.62
CA TYR F 33 30.15 -22.99 9.73
C TYR F 33 29.84 -21.51 9.70
N ASN F 34 28.77 -21.12 10.39
CA ASN F 34 28.38 -19.71 10.47
C ASN F 34 27.74 -19.47 11.82
N SER F 35 27.47 -18.19 12.11
CA SER F 35 26.83 -17.83 13.36
C SER F 35 26.47 -16.37 13.33
N LEU F 36 25.29 -16.07 13.86
CA LEU F 36 24.79 -14.71 13.93
C LEU F 36 24.94 -14.29 15.40
N CYS F 37 25.40 -13.07 15.61
CA CYS F 37 25.57 -12.52 16.94
C CYS F 37 24.82 -11.22 17.00
N THR F 38 24.00 -11.07 18.03
CA THR F 38 23.25 -9.83 18.22
C THR F 38 23.75 -9.27 19.53
N VAL F 39 24.20 -8.03 19.51
CA VAL F 39 24.71 -7.44 20.74
C VAL F 39 23.67 -6.50 21.35
N TRP F 40 23.55 -6.53 22.68
CA TRP F 40 22.57 -5.70 23.36
C TRP F 40 23.24 -4.89 24.46
N LYS F 41 22.70 -3.72 24.74
CA LYS F 41 23.30 -2.90 25.78
C LYS F 41 22.23 -2.41 26.72
N PRO F 42 22.64 -1.95 27.91
CA PRO F 42 21.66 -1.45 28.88
C PRO F 42 20.91 -0.31 28.25
N ASN F 43 19.58 -0.36 28.38
CA ASN F 43 18.72 0.66 27.83
C ASN F 43 19.22 2.02 28.33
N PRO F 44 19.66 2.89 27.42
CA PRO F 44 20.15 4.21 27.85
C PRO F 44 19.07 5.16 28.36
N SER F 45 17.79 4.81 28.15
CA SER F 45 16.67 5.63 28.61
C SER F 45 16.48 5.44 30.11
N TYR F 46 16.54 4.18 30.55
CA TYR F 46 16.44 3.89 31.96
C TYR F 46 17.73 4.45 32.51
N ASP F 47 17.89 4.43 33.83
CA ASP F 47 19.11 4.92 34.43
C ASP F 47 19.19 4.40 35.85
N VAL F 48 20.29 3.72 36.13
CA VAL F 48 20.54 3.13 37.44
C VAL F 48 22.01 3.31 37.79
N GLU F 49 22.31 3.24 39.09
CA GLU F 49 23.68 3.40 39.57
C GLU F 49 24.49 2.19 39.15
N ASN F 50 25.80 2.25 39.37
CA ASN F 50 26.69 1.16 39.04
C ASN F 50 27.28 0.65 40.32
N VAL F 51 26.40 0.14 41.17
CA VAL F 51 26.78 -0.39 42.48
C VAL F 51 25.72 -1.44 42.89
N ASN F 52 26.05 -2.28 43.87
CA ASN F 52 25.12 -3.31 44.32
C ASN F 52 24.43 -3.02 45.64
N SER F 53 23.77 -4.06 46.17
CA SER F 53 23.10 -3.98 47.46
C SER F 53 24.21 -4.08 48.49
N ARG F 54 25.43 -4.22 47.97
CA ARG F 54 26.64 -4.28 48.78
C ARG F 54 27.61 -3.35 48.05
N ASN F 55 27.34 -2.06 48.15
CA ASN F 55 28.13 -1.00 47.52
C ASN F 55 29.46 -1.43 46.89
N GLN F 56 29.38 -1.93 45.65
CA GLN F 56 30.55 -2.37 44.89
C GLN F 56 30.43 -1.85 43.46
N LEU F 57 31.55 -1.41 42.88
CA LEU F 57 31.53 -0.88 41.52
C LEU F 57 31.18 -1.97 40.51
N VAL F 58 30.11 -1.73 39.75
CA VAL F 58 29.67 -2.67 38.73
C VAL F 58 29.60 -1.90 37.42
N GLU F 59 30.47 -2.26 36.50
CA GLU F 59 30.53 -1.59 35.20
C GLU F 59 29.56 -2.19 34.20
N PRO F 60 28.76 -1.34 33.54
CA PRO F 60 27.79 -1.77 32.55
C PRO F 60 28.44 -2.47 31.37
N ASN F 61 27.87 -3.58 30.95
CA ASN F 61 28.47 -4.31 29.86
C ASN F 61 27.44 -4.74 28.85
N ARG F 62 27.91 -5.13 27.66
CA ARG F 62 27.01 -5.58 26.63
C ARG F 62 26.78 -7.09 26.79
N ILE F 63 25.62 -7.55 26.32
CA ILE F 63 25.29 -8.98 26.34
C ILE F 63 25.30 -9.40 24.88
N LYS F 64 25.87 -10.57 24.60
CA LYS F 64 25.90 -11.08 23.23
C LYS F 64 25.10 -12.37 23.12
N LEU F 65 24.14 -12.36 22.19
CA LEU F 65 23.27 -13.50 21.92
C LEU F 65 23.76 -14.12 20.60
N SER F 66 24.06 -15.41 20.59
CA SER F 66 24.58 -16.02 19.38
C SER F 66 23.97 -17.36 19.01
N LYS F 67 23.93 -17.66 17.71
CA LYS F 67 23.39 -18.93 17.19
C LYS F 67 23.67 -19.11 15.70
N GLU F 68 23.46 -20.33 15.24
CA GLU F 68 23.67 -20.66 13.83
C GLU F 68 22.39 -20.40 13.03
N VAL F 69 22.55 -19.98 11.79
CA VAL F 69 21.43 -19.76 10.90
C VAL F 69 21.63 -20.72 9.74
N PRO F 70 20.56 -21.34 9.24
CA PRO F 70 20.87 -22.25 8.13
C PRO F 70 21.32 -21.40 6.92
N PHE F 71 22.39 -21.84 6.25
CA PHE F 71 22.97 -21.11 5.11
C PHE F 71 21.96 -20.75 4.04
N SER F 72 20.96 -21.59 3.85
CA SER F 72 19.95 -21.31 2.84
C SER F 72 19.24 -19.99 3.10
N TYR F 73 19.45 -19.40 4.28
CA TYR F 73 18.83 -18.13 4.62
C TYR F 73 19.87 -17.05 4.71
N LEU F 74 21.07 -17.33 4.23
CA LEU F 74 22.13 -16.35 4.29
C LEU F 74 22.83 -16.15 2.96
N ILE F 75 22.67 -17.11 2.07
CA ILE F 75 23.31 -17.09 0.76
C ILE F 75 22.32 -17.22 -0.39
N ASP F 76 22.72 -16.70 -1.55
CA ASP F 76 21.91 -16.76 -2.77
C ASP F 76 21.63 -18.19 -3.29
N GLU F 77 22.65 -19.07 -3.24
CA GLU F 77 22.52 -20.46 -3.71
C GLU F 77 23.58 -21.40 -3.10
N ASP F 142 32.69 -11.24 -0.86
CA ASP F 142 31.42 -10.60 -0.52
C ASP F 142 30.37 -10.90 -1.58
N ASP F 143 29.18 -10.34 -1.35
CA ASP F 143 28.04 -10.52 -2.24
C ASP F 143 27.72 -11.98 -2.53
N ILE F 144 27.49 -12.72 -1.45
CA ILE F 144 27.09 -14.11 -1.48
C ILE F 144 26.07 -14.07 -0.36
N ILE F 145 26.17 -13.02 0.45
CA ILE F 145 25.24 -12.80 1.55
C ILE F 145 23.94 -12.27 0.97
N ASP F 146 22.85 -12.83 1.44
CA ASP F 146 21.55 -12.45 0.97
C ASP F 146 20.64 -12.92 2.10
N VAL F 147 20.28 -11.98 2.97
CA VAL F 147 19.42 -12.29 4.10
C VAL F 147 18.10 -11.52 4.04
N ASP F 148 16.99 -12.22 4.30
CA ASP F 148 15.68 -11.58 4.29
C ASP F 148 15.51 -10.85 5.62
N MET F 149 15.31 -9.54 5.56
CA MET F 149 15.15 -8.76 6.78
C MET F 149 13.69 -8.46 7.13
N ASP F 150 13.38 -8.57 8.42
CA ASP F 150 12.04 -8.33 8.93
C ASP F 150 12.10 -7.15 9.89
N ALA F 151 11.46 -6.03 9.55
CA ALA F 151 11.49 -4.88 10.46
C ALA F 151 10.18 -4.65 11.24
N SER F 152 9.44 -5.72 11.51
CA SER F 152 8.21 -5.60 12.30
C SER F 152 8.40 -6.55 13.48
N PRO F 153 7.73 -6.27 14.61
CA PRO F 153 7.90 -7.16 15.77
C PRO F 153 7.55 -8.61 15.52
N ALA F 154 8.30 -9.48 16.19
CA ALA F 154 8.09 -10.93 16.07
C ALA F 154 6.72 -11.26 16.67
N PRO F 155 6.15 -12.41 16.32
CA PRO F 155 4.85 -12.74 16.89
C PRO F 155 4.96 -13.09 18.38
N SER F 156 3.97 -12.67 19.15
CA SER F 156 3.96 -12.95 20.57
C SER F 156 3.45 -14.39 20.74
N ASN F 157 3.59 -14.94 21.94
CA ASN F 157 3.15 -16.31 22.21
C ASN F 157 4.05 -17.33 21.53
N GLU F 158 4.68 -16.95 20.43
CA GLU F 158 5.59 -17.88 19.75
C GLU F 158 6.91 -17.91 20.51
N SER F 159 7.45 -19.10 20.77
CA SER F 159 8.71 -19.22 21.50
C SER F 159 9.94 -18.74 20.71
N CYS F 160 10.99 -18.38 21.42
CA CYS F 160 12.23 -17.93 20.78
C CYS F 160 13.05 -19.17 20.49
N SER F 161 14.09 -19.05 19.68
CA SER F 161 14.93 -20.21 19.40
C SER F 161 16.05 -20.27 20.40
N PRO F 162 16.72 -21.41 20.50
CA PRO F 162 17.81 -21.48 21.46
C PRO F 162 18.86 -20.41 21.12
N TRP F 163 19.50 -19.85 22.12
CA TRP F 163 20.55 -18.85 21.89
C TRP F 163 21.61 -19.05 22.93
N SER F 164 22.78 -18.51 22.65
CA SER F 164 23.87 -18.56 23.59
C SER F 164 23.91 -17.11 24.10
N LEU F 165 23.88 -16.94 25.42
CA LEU F 165 23.95 -15.63 26.05
C LEU F 165 25.32 -15.53 26.71
N GLN F 166 26.09 -14.54 26.27
CA GLN F 166 27.44 -14.34 26.77
C GLN F 166 27.79 -12.90 27.16
N ILE F 167 28.61 -12.81 28.20
CA ILE F 167 29.09 -11.54 28.68
C ILE F 167 30.56 -11.82 28.94
N SER F 168 31.44 -11.06 28.30
CA SER F 168 32.86 -11.29 28.48
C SER F 168 33.56 -10.11 29.17
N ASP F 169 34.72 -10.42 29.76
CA ASP F 169 35.54 -9.42 30.45
C ASP F 169 36.65 -9.05 29.51
N ILE F 170 37.28 -7.90 29.75
CA ILE F 170 38.39 -7.47 28.94
C ILE F 170 39.49 -8.47 29.29
N PRO F 171 40.29 -8.88 28.30
CA PRO F 171 41.34 -9.84 28.60
C PRO F 171 42.20 -9.46 29.80
N ALA F 172 42.59 -10.47 30.57
CA ALA F 172 43.41 -10.32 31.76
C ALA F 172 44.56 -9.33 31.57
N ALA F 173 44.70 -8.43 32.56
CA ALA F 173 45.75 -7.42 32.54
C ALA F 173 47.08 -8.12 32.30
N GLY F 174 47.91 -7.55 31.45
CA GLY F 174 49.18 -8.21 31.20
C GLY F 174 50.28 -7.44 30.51
N ASN F 175 51.46 -7.64 31.04
CA ASN F 175 52.69 -7.04 30.52
C ASN F 175 53.40 -8.24 29.92
N ASN F 176 53.63 -8.22 28.61
CA ASN F 176 54.26 -9.35 27.95
C ASN F 176 53.30 -10.54 28.08
N ARG F 177 52.37 -10.65 27.16
CA ARG F 177 51.43 -11.76 27.19
C ARG F 177 51.77 -12.66 26.01
N SER F 178 51.95 -13.96 26.28
CA SER F 178 52.27 -14.88 25.20
C SER F 178 50.97 -15.20 24.47
N VAL F 179 49.84 -15.02 25.15
CA VAL F 179 48.55 -15.29 24.57
C VAL F 179 47.44 -14.48 25.24
N SER F 180 46.33 -14.26 24.53
CA SER F 180 45.19 -13.52 25.06
C SER F 180 44.29 -14.43 25.89
N MET F 181 44.00 -14.00 27.12
CA MET F 181 43.18 -14.78 28.04
C MET F 181 41.92 -14.03 28.45
N GLN F 182 40.77 -14.47 27.95
CA GLN F 182 39.51 -13.79 28.24
C GLN F 182 38.45 -14.63 28.95
N THR F 183 37.88 -14.06 30.00
CA THR F 183 36.85 -14.72 30.77
C THR F 183 35.50 -14.49 30.09
N ILE F 184 34.68 -15.54 30.01
CA ILE F 184 33.36 -15.42 29.41
C ILE F 184 32.29 -16.07 30.29
N ALA F 185 31.25 -15.30 30.61
CA ALA F 185 30.15 -15.80 31.40
C ALA F 185 29.09 -16.16 30.38
N GLU F 186 28.68 -17.43 30.37
CA GLU F 186 27.70 -17.88 29.43
C GLU F 186 26.60 -18.71 30.07
N THR F 187 25.44 -18.68 29.42
CA THR F 187 24.29 -19.45 29.82
C THR F 187 23.54 -19.71 28.53
N ILE F 188 22.77 -20.79 28.47
CA ILE F 188 22.01 -21.08 27.27
C ILE F 188 20.51 -20.78 27.41
N ILE F 189 19.95 -20.15 26.39
CA ILE F 189 18.52 -19.86 26.39
C ILE F 189 17.96 -21.00 25.55
N LEU F 190 17.00 -21.74 26.10
CA LEU F 190 16.41 -22.87 25.37
C LEU F 190 15.09 -22.54 24.71
N SER F 191 14.26 -21.74 25.36
CA SER F 191 12.96 -21.40 24.79
C SER F 191 12.24 -20.37 25.65
N SER F 192 11.03 -20.00 25.23
CA SER F 192 10.24 -19.00 25.94
C SER F 192 8.75 -19.20 25.76
N ALA F 193 7.97 -18.48 26.57
CA ALA F 193 6.51 -18.54 26.53
C ALA F 193 5.93 -17.29 27.16
N GLY F 194 4.63 -17.08 26.99
CA GLY F 194 3.99 -15.91 27.57
C GLY F 194 3.61 -14.81 26.62
N LYS F 195 3.26 -13.64 27.16
CA LYS F 195 2.88 -12.50 26.32
C LYS F 195 3.99 -12.18 25.34
N ASN F 196 5.04 -11.57 25.86
CA ASN F 196 6.18 -11.18 25.05
C ASN F 196 7.25 -12.23 25.18
N SER F 197 7.17 -13.25 24.32
CA SER F 197 8.13 -14.34 24.35
C SER F 197 9.27 -14.20 23.36
N SER F 198 9.25 -13.15 22.55
CA SER F 198 10.31 -12.95 21.57
C SER F 198 11.61 -12.61 22.31
N VAL F 199 12.74 -13.11 21.81
CA VAL F 199 14.02 -12.87 22.45
C VAL F 199 14.24 -11.37 22.66
N SER F 200 13.62 -10.57 21.81
CA SER F 200 13.75 -9.14 21.87
C SER F 200 13.05 -8.61 23.11
N SER F 201 11.85 -9.13 23.37
CA SER F 201 11.09 -8.72 24.55
C SER F 201 11.82 -9.15 25.82
N LEU F 202 12.32 -10.39 25.80
CA LEU F 202 13.01 -10.93 26.95
C LEU F 202 14.20 -10.05 27.33
N MET F 203 14.98 -9.61 26.33
CA MET F 203 16.13 -8.77 26.62
C MET F 203 15.67 -7.42 27.16
N ASN F 204 14.52 -6.95 26.68
CA ASN F 204 13.96 -5.67 27.16
C ASN F 204 13.53 -5.87 28.60
N GLY F 205 13.02 -7.06 28.90
CA GLY F 205 12.60 -7.38 30.25
C GLY F 205 13.77 -7.32 31.22
N LEU F 206 14.95 -7.69 30.75
CA LEU F 206 16.13 -7.65 31.59
C LEU F 206 16.68 -6.24 31.67
N GLY F 207 16.12 -5.35 30.85
CA GLY F 207 16.57 -3.96 30.84
C GLY F 207 17.56 -3.65 29.73
N TYR F 208 17.63 -4.48 28.71
CA TYR F 208 18.56 -4.22 27.62
C TYR F 208 17.87 -3.85 26.33
N VAL F 209 18.66 -3.36 25.40
CA VAL F 209 18.16 -2.93 24.09
C VAL F 209 19.08 -3.44 22.99
N PHE F 210 18.51 -3.72 21.82
CA PHE F 210 19.32 -4.19 20.71
C PHE F 210 20.21 -3.06 20.22
N GLU F 211 21.50 -3.33 20.08
CA GLU F 211 22.45 -2.31 19.62
C GLU F 211 22.92 -2.58 18.18
N PHE F 212 23.53 -3.75 17.96
CA PHE F 212 24.00 -4.09 16.62
C PHE F 212 24.17 -5.60 16.49
N GLN F 213 24.35 -6.07 15.26
CA GLN F 213 24.51 -7.50 15.03
C GLN F 213 25.39 -7.79 13.82
N TYR F 214 26.10 -8.92 13.87
CA TYR F 214 26.94 -9.28 12.76
C TYR F 214 26.89 -10.76 12.46
N LEU F 215 27.12 -11.11 11.19
CA LEU F 215 27.10 -12.48 10.74
C LEU F 215 28.52 -12.92 10.46
N THR F 216 28.84 -14.14 10.89
CA THR F 216 30.17 -14.66 10.64
C THR F 216 30.10 -16.04 9.97
N ILE F 217 30.79 -16.17 8.85
CA ILE F 217 30.86 -17.39 8.06
C ILE F 217 32.34 -17.75 7.93
N GLY F 218 32.66 -19.04 8.03
CA GLY F 218 34.04 -19.43 7.91
C GLY F 218 34.22 -20.93 7.87
N VAL F 219 35.45 -21.37 8.07
CA VAL F 219 35.75 -22.79 8.09
C VAL F 219 36.53 -23.00 9.36
N LYS F 220 36.38 -24.16 10.00
CA LYS F 220 37.12 -24.43 11.22
C LYS F 220 37.86 -25.76 11.14
N PHE F 221 38.92 -25.87 11.93
CA PHE F 221 39.73 -27.09 11.97
C PHE F 221 39.82 -27.56 13.41
N PHE F 222 39.65 -28.86 13.62
CA PHE F 222 39.80 -29.40 14.95
C PHE F 222 41.24 -29.89 14.99
N MET F 223 41.96 -29.56 16.06
CA MET F 223 43.34 -30.01 16.19
C MET F 223 43.53 -30.59 17.58
N LYS F 224 44.75 -31.02 17.88
CA LYS F 224 45.02 -31.65 19.17
C LYS F 224 44.92 -30.77 20.40
N HIS F 225 44.53 -31.41 21.50
CA HIS F 225 44.40 -30.75 22.78
C HIS F 225 43.34 -29.68 22.87
N GLY F 226 42.32 -29.82 22.03
CA GLY F 226 41.22 -28.88 22.05
C GLY F 226 41.48 -27.60 21.29
N LEU F 227 42.57 -27.57 20.55
CA LEU F 227 42.86 -26.38 19.77
C LEU F 227 41.97 -26.28 18.55
N ILE F 228 41.27 -25.17 18.42
CA ILE F 228 40.40 -24.93 17.26
C ILE F 228 40.93 -23.75 16.46
N LEU F 229 40.83 -23.85 15.14
CA LEU F 229 41.28 -22.80 14.24
C LEU F 229 40.15 -22.37 13.33
N GLU F 230 39.83 -21.08 13.33
CA GLU F 230 38.76 -20.58 12.48
C GLU F 230 39.30 -19.54 11.50
N LEU F 231 38.85 -19.65 10.25
CA LEU F 231 39.20 -18.71 9.19
C LEU F 231 37.85 -18.08 8.96
N GLN F 232 37.68 -16.83 9.36
CA GLN F 232 36.39 -16.19 9.26
C GLN F 232 36.25 -14.90 8.48
N LYS F 233 35.02 -14.66 8.02
CA LYS F 233 34.64 -13.44 7.35
C LYS F 233 33.51 -12.91 8.20
N ILE F 234 33.47 -11.59 8.42
CA ILE F 234 32.44 -10.99 9.25
C ILE F 234 31.70 -9.90 8.51
N TRP F 235 30.37 -9.92 8.61
CA TRP F 235 29.55 -8.91 7.96
C TRP F 235 28.67 -8.24 8.99
N GLN F 236 28.60 -6.92 8.95
CA GLN F 236 27.70 -6.23 9.87
C GLN F 236 26.39 -6.30 9.11
N ILE F 237 25.29 -6.48 9.83
CA ILE F 237 23.99 -6.59 9.18
C ILE F 237 22.95 -5.59 9.65
N GLU F 238 22.49 -4.76 8.71
CA GLU F 238 21.52 -3.71 9.00
C GLU F 238 20.46 -3.66 7.90
N GLU F 239 19.43 -2.85 8.11
CA GLU F 239 18.37 -2.66 7.13
C GLU F 239 19.02 -1.96 5.93
N ALA F 240 19.83 -0.96 6.24
CA ALA F 240 20.54 -0.19 5.23
C ALA F 240 21.71 -0.96 4.60
N GLY F 241 21.47 -2.22 4.23
CA GLY F 241 22.49 -3.05 3.60
C GLY F 241 23.54 -3.63 4.53
N ASN F 242 24.25 -4.66 4.07
CA ASN F 242 25.28 -5.34 4.85
C ASN F 242 26.68 -4.93 4.43
N SER F 243 27.58 -4.76 5.38
CA SER F 243 28.96 -4.39 5.07
C SER F 243 29.96 -5.37 5.67
N GLN F 244 30.91 -5.83 4.86
CA GLN F 244 31.90 -6.77 5.36
C GLN F 244 33.07 -6.13 6.12
N ILE F 245 33.05 -6.27 7.44
CA ILE F 245 34.12 -5.76 8.29
C ILE F 245 35.47 -6.36 7.87
N THR F 246 35.48 -7.60 7.38
CA THR F 246 36.72 -8.28 6.97
C THR F 246 37.04 -8.10 5.51
N SER F 247 36.38 -7.13 4.87
CA SER F 247 36.61 -6.86 3.45
C SER F 247 38.09 -6.99 3.12
N GLY F 248 38.41 -7.88 2.18
CA GLY F 248 39.79 -8.05 1.79
C GLY F 248 40.38 -9.42 2.10
N GLY F 249 39.99 -10.00 3.23
CA GLY F 249 40.52 -11.30 3.58
C GLY F 249 39.78 -12.01 4.69
N PHE F 250 40.53 -12.79 5.46
CA PHE F 250 39.99 -13.58 6.54
C PHE F 250 40.64 -13.32 7.89
N LEU F 251 39.83 -13.28 8.94
CA LEU F 251 40.34 -13.08 10.28
C LEU F 251 40.72 -14.49 10.73
N LEU F 252 41.92 -14.66 11.24
CA LEU F 252 42.34 -15.99 11.67
C LEU F 252 42.37 -16.08 13.17
N LYS F 253 41.70 -17.08 13.73
CA LYS F 253 41.66 -17.26 15.18
C LYS F 253 41.94 -18.69 15.63
N ALA F 254 42.83 -18.81 16.60
CA ALA F 254 43.22 -20.08 17.17
C ALA F 254 42.92 -19.93 18.66
N TYR F 255 42.19 -20.88 19.22
CA TYR F 255 41.84 -20.76 20.61
C TYR F 255 41.59 -22.09 21.30
N ILE F 256 41.44 -22.01 22.61
CA ILE F 256 41.16 -23.17 23.44
C ILE F 256 40.39 -22.64 24.64
N ASN F 257 39.29 -23.32 24.97
CA ASN F 257 38.47 -22.92 26.12
C ASN F 257 38.81 -23.81 27.29
N VAL F 258 39.08 -23.21 28.44
CA VAL F 258 39.37 -24.02 29.62
C VAL F 258 38.33 -23.60 30.64
N SER F 259 37.58 -24.58 31.16
CA SER F 259 36.55 -24.29 32.16
C SER F 259 37.21 -23.90 33.45
N ARG F 260 38.41 -24.43 33.67
CA ARG F 260 39.19 -24.16 34.86
C ARG F 260 39.43 -22.68 35.09
N GLY F 261 40.65 -22.29 34.76
CA GLY F 261 41.07 -20.91 34.93
C GLY F 261 41.96 -20.93 36.16
N THR F 262 41.53 -21.70 37.16
CA THR F 262 42.26 -21.82 38.42
C THR F 262 43.28 -22.95 38.50
N ASP F 263 43.74 -23.47 37.37
CA ASP F 263 44.74 -24.53 37.41
C ASP F 263 45.96 -24.16 36.57
N ILE F 264 46.92 -23.51 37.22
CA ILE F 264 48.16 -23.08 36.57
C ILE F 264 48.65 -24.07 35.52
N ASP F 265 48.56 -25.36 35.82
CA ASP F 265 49.02 -26.38 34.89
C ASP F 265 48.27 -26.39 33.57
N ARG F 266 46.96 -26.60 33.61
CA ARG F 266 46.17 -26.64 32.38
C ARG F 266 46.20 -25.33 31.60
N ILE F 267 46.38 -24.22 32.31
CA ILE F 267 46.45 -22.91 31.67
C ILE F 267 47.82 -22.76 31.00
N ASN F 268 48.87 -23.21 31.66
CA ASN F 268 50.21 -23.11 31.09
C ASN F 268 50.37 -24.10 29.96
N TYR F 269 49.66 -25.22 30.05
CA TYR F 269 49.72 -26.25 29.03
C TYR F 269 49.03 -25.75 27.78
N THR F 270 47.90 -25.08 27.99
CA THR F 270 47.12 -24.51 26.89
C THR F 270 47.90 -23.41 26.20
N GLU F 271 48.65 -22.63 26.97
CA GLU F 271 49.44 -21.57 26.38
C GLU F 271 50.46 -22.24 25.46
N THR F 272 51.09 -23.29 25.97
CA THR F 272 52.08 -24.03 25.19
C THR F 272 51.53 -24.46 23.83
N VAL F 273 50.36 -25.08 23.84
CA VAL F 273 49.72 -25.53 22.61
C VAL F 273 49.57 -24.36 21.63
N LEU F 274 49.06 -23.24 22.13
CA LEU F 274 48.91 -22.07 21.27
C LEU F 274 50.28 -21.60 20.77
N MET F 275 51.24 -21.52 21.68
CA MET F 275 52.59 -21.11 21.34
C MET F 275 53.19 -22.00 20.26
N ASN F 276 53.01 -23.31 20.38
CA ASN F 276 53.55 -24.21 19.39
C ASN F 276 52.90 -23.95 18.04
N LEU F 277 51.67 -23.49 18.03
CA LEU F 277 51.02 -23.19 16.75
C LEU F 277 51.66 -21.92 16.19
N LYS F 278 51.73 -20.88 17.03
CA LYS F 278 52.33 -19.61 16.66
C LYS F 278 53.72 -19.88 16.09
N LYS F 279 54.52 -20.57 16.89
CA LYS F 279 55.87 -20.92 16.49
C LYS F 279 55.86 -21.63 15.14
N GLU F 280 55.07 -22.69 15.04
CA GLU F 280 55.00 -23.47 13.81
C GLU F 280 54.66 -22.67 12.55
N LEU F 281 53.67 -21.79 12.63
CA LEU F 281 53.28 -21.03 11.46
C LEU F 281 54.19 -19.82 11.25
N GLN F 282 55.07 -19.58 12.21
CA GLN F 282 56.00 -18.45 12.13
C GLN F 282 56.62 -18.38 10.75
N GLY F 283 56.76 -17.17 10.23
CA GLY F 283 57.36 -17.00 8.92
C GLY F 283 56.44 -17.18 7.76
N TYR F 284 55.17 -17.50 8.02
CA TYR F 284 54.20 -17.67 6.95
C TYR F 284 52.97 -16.86 7.30
N ILE F 285 52.57 -16.96 8.56
CA ILE F 285 51.43 -16.22 9.05
C ILE F 285 51.68 -16.03 10.52
N GLU F 286 51.63 -14.79 10.98
CA GLU F 286 51.90 -14.55 12.39
C GLU F 286 50.66 -14.41 13.21
N LEU F 287 50.66 -15.18 14.30
CA LEU F 287 49.57 -15.20 15.25
C LEU F 287 50.05 -14.37 16.41
N SER F 288 49.26 -13.37 16.80
CA SER F 288 49.67 -12.52 17.90
C SER F 288 48.53 -12.22 18.85
N VAL F 289 48.87 -11.56 19.96
CA VAL F 289 47.89 -11.20 20.95
C VAL F 289 47.28 -9.86 20.60
N PRO F 290 45.97 -9.82 20.35
CA PRO F 290 45.38 -8.53 20.01
C PRO F 290 45.33 -7.62 21.24
N ASP F 291 45.14 -6.33 21.01
CA ASP F 291 45.07 -5.33 22.07
C ASP F 291 43.88 -5.58 23.00
N ARG F 292 44.13 -5.64 24.30
CA ARG F 292 43.05 -5.84 25.26
C ARG F 292 41.89 -4.93 24.97
N GLN F 293 42.21 -3.65 24.85
CA GLN F 293 41.21 -2.61 24.60
C GLN F 293 40.34 -2.89 23.37
N SER F 294 40.77 -3.80 22.50
CA SER F 294 40.00 -4.12 21.31
C SER F 294 39.06 -5.30 21.56
N MET F 295 39.13 -5.86 22.76
CA MET F 295 38.30 -6.99 23.14
C MET F 295 37.55 -6.64 24.42
N ASP F 296 37.17 -5.38 24.56
CA ASP F 296 36.43 -4.90 25.73
C ASP F 296 35.05 -4.45 25.30
N SER F 297 34.01 -5.16 25.73
CA SER F 297 32.64 -4.84 25.34
C SER F 297 31.85 -3.96 26.30
N ARG F 298 32.51 -3.41 27.31
CA ARG F 298 31.81 -2.57 28.25
C ARG F 298 31.28 -1.32 27.57
N VAL F 299 30.26 -0.71 28.17
CA VAL F 299 29.68 0.50 27.60
C VAL F 299 30.46 1.73 28.05
N GLY G 1 -9.36 -4.02 -54.39
CA GLY G 1 -8.81 -4.69 -55.61
C GLY G 1 -8.65 -6.20 -55.47
N LYS G 2 -8.65 -6.89 -56.60
CA LYS G 2 -8.49 -8.34 -56.60
C LYS G 2 -7.36 -8.73 -57.56
N SER G 3 -6.75 -9.89 -57.33
CA SER G 3 -5.66 -10.29 -58.20
C SER G 3 -5.59 -11.79 -58.42
N ALA G 4 -4.82 -12.18 -59.42
CA ALA G 4 -4.64 -13.58 -59.75
C ALA G 4 -3.35 -13.71 -60.52
N VAL G 5 -2.66 -14.82 -60.31
CA VAL G 5 -1.39 -15.07 -61.01
C VAL G 5 -1.48 -16.35 -61.81
N ILE G 6 -1.15 -16.26 -63.09
CA ILE G 6 -1.17 -17.43 -63.94
C ILE G 6 0.27 -17.71 -64.39
N PHE G 7 0.72 -18.94 -64.15
CA PHE G 7 2.06 -19.33 -64.54
C PHE G 7 2.01 -20.41 -65.63
N VAL G 8 2.48 -20.05 -66.83
CA VAL G 8 2.49 -20.96 -67.96
C VAL G 8 3.77 -21.79 -67.95
N GLU G 9 3.68 -22.99 -67.37
CA GLU G 9 4.81 -23.90 -67.28
C GLU G 9 5.36 -24.29 -68.64
N ARG G 10 4.52 -24.92 -69.46
CA ARG G 10 4.91 -25.35 -70.80
C ARG G 10 4.86 -24.15 -71.73
N ALA G 11 6.01 -23.56 -72.04
CA ALA G 11 6.03 -22.41 -72.90
C ALA G 11 7.44 -22.01 -73.31
N THR G 12 7.52 -21.00 -74.17
CA THR G 12 8.80 -20.50 -74.67
C THR G 12 8.76 -18.99 -74.63
N PRO G 13 9.94 -18.34 -74.72
CA PRO G 13 10.03 -16.88 -74.70
C PRO G 13 9.03 -16.20 -75.62
N ALA G 14 8.56 -16.91 -76.63
CA ALA G 14 7.62 -16.36 -77.59
C ALA G 14 6.19 -16.35 -77.09
N THR G 15 5.84 -17.32 -76.26
CA THR G 15 4.48 -17.42 -75.75
C THR G 15 3.97 -16.09 -75.24
N LEU G 16 4.84 -15.28 -74.65
CA LEU G 16 4.45 -13.98 -74.13
C LEU G 16 3.76 -13.16 -75.21
N THR G 17 4.45 -12.98 -76.35
CA THR G 17 3.91 -12.20 -77.45
C THR G 17 2.63 -12.80 -78.03
N GLU G 18 2.60 -14.12 -78.18
CA GLU G 18 1.41 -14.79 -78.72
C GLU G 18 0.17 -14.40 -77.93
N LEU G 19 0.31 -14.35 -76.61
CA LEU G 19 -0.81 -13.97 -75.74
C LEU G 19 -1.01 -12.46 -75.81
N LYS G 20 0.08 -11.75 -76.04
CA LYS G 20 0.06 -10.29 -76.14
C LYS G 20 -0.84 -9.86 -77.30
N ASP G 21 -0.79 -10.63 -78.38
CA ASP G 21 -1.58 -10.35 -79.56
C ASP G 21 -3.04 -10.81 -79.47
N ALA G 22 -3.27 -11.93 -78.79
CA ALA G 22 -4.64 -12.45 -78.64
C ALA G 22 -5.52 -11.46 -77.87
N LEU G 23 -4.90 -10.38 -77.40
CA LEU G 23 -5.61 -9.34 -76.66
C LEU G 23 -5.52 -8.04 -77.45
N SER G 24 -5.10 -8.15 -78.71
CA SER G 24 -4.97 -7.00 -79.59
C SER G 24 -6.23 -6.16 -79.52
N ASN G 25 -7.37 -6.81 -79.69
CA ASN G 25 -8.67 -6.14 -79.66
C ASN G 25 -9.21 -6.08 -78.23
N SER G 26 -8.33 -5.89 -77.26
CA SER G 26 -8.72 -5.80 -75.87
C SER G 26 -7.88 -4.73 -75.15
N ILE G 27 -6.79 -4.33 -75.77
CA ILE G 27 -5.86 -3.36 -75.21
C ILE G 27 -6.40 -1.94 -75.26
N LEU G 28 -5.80 -1.07 -74.46
CA LEU G 28 -6.18 0.34 -74.39
C LEU G 28 -4.91 1.19 -74.38
N SER G 29 -4.06 0.95 -73.39
CA SER G 29 -2.79 1.67 -73.25
C SER G 29 -1.75 0.78 -72.58
N VAL G 30 -0.50 1.21 -72.56
CA VAL G 30 0.57 0.44 -71.94
C VAL G 30 1.41 1.32 -71.04
N ARG G 31 1.40 1.01 -69.74
CA ARG G 31 2.18 1.78 -68.77
C ARG G 31 3.61 1.25 -68.70
N ASP G 32 4.42 1.83 -67.82
CA ASP G 32 5.81 1.45 -67.66
C ASP G 32 6.05 -0.01 -67.31
N PRO G 33 7.17 -0.57 -67.79
CA PRO G 33 7.56 -1.96 -67.56
C PRO G 33 7.79 -2.24 -66.07
N TRP G 34 7.61 -3.49 -65.67
CA TRP G 34 7.81 -3.86 -64.29
C TRP G 34 8.84 -4.97 -64.16
N SER G 35 9.20 -5.29 -62.93
CA SER G 35 10.20 -6.31 -62.68
C SER G 35 9.81 -7.12 -61.44
N ILE G 36 10.41 -8.29 -61.28
CA ILE G 36 10.12 -9.11 -60.10
C ILE G 36 11.10 -10.23 -59.83
N ASP G 37 11.45 -10.41 -58.56
CA ASP G 37 12.37 -11.47 -58.17
C ASP G 37 11.62 -12.47 -57.30
N PHE G 38 11.86 -13.76 -57.55
CA PHE G 38 11.21 -14.82 -56.78
C PHE G 38 12.27 -15.74 -56.25
N ARG G 39 12.52 -15.64 -54.94
CA ARG G 39 13.54 -16.45 -54.28
C ARG G 39 12.96 -17.59 -53.43
N THR G 40 13.70 -18.69 -53.35
CA THR G 40 13.27 -19.81 -52.54
C THR G 40 14.37 -20.14 -51.53
N TYR G 41 14.02 -20.18 -50.26
CA TYR G 41 14.99 -20.49 -49.21
C TYR G 41 14.63 -21.84 -48.56
N ARG G 42 15.66 -22.57 -48.16
CA ARG G 42 15.46 -23.86 -47.50
C ARG G 42 16.06 -23.77 -46.10
N CYS G 43 15.28 -24.15 -45.10
CA CYS G 43 15.75 -24.11 -43.73
C CYS G 43 16.75 -25.25 -43.50
N SER G 44 17.89 -24.95 -42.88
CA SER G 44 18.91 -25.97 -42.61
C SER G 44 18.73 -26.64 -41.25
N ILE G 45 17.66 -26.28 -40.56
CA ILE G 45 17.34 -26.84 -39.26
C ILE G 45 16.97 -28.32 -39.45
N LYS G 46 17.38 -29.16 -38.50
CA LYS G 46 17.05 -30.58 -38.58
C LYS G 46 15.91 -30.99 -37.67
N ASN G 47 15.85 -30.43 -36.45
CA ASN G 47 14.77 -30.75 -35.52
C ASN G 47 13.48 -30.10 -35.99
N LEU G 48 13.55 -29.42 -37.13
CA LEU G 48 12.39 -28.73 -37.68
C LEU G 48 11.11 -29.54 -37.49
N PRO G 49 10.11 -28.93 -36.85
CA PRO G 49 8.82 -29.60 -36.59
C PRO G 49 8.25 -30.23 -37.86
N ALA G 50 7.47 -31.29 -37.69
CA ALA G 50 6.88 -32.02 -38.80
C ALA G 50 5.77 -31.24 -39.52
N ASP G 51 5.15 -30.32 -38.81
CA ASP G 51 4.08 -29.52 -39.37
C ASP G 51 4.72 -28.41 -40.21
N VAL G 52 5.75 -27.81 -39.64
CA VAL G 52 6.49 -26.70 -40.25
C VAL G 52 7.27 -26.96 -41.54
N SER G 53 6.80 -26.35 -42.63
CA SER G 53 7.48 -26.47 -43.91
C SER G 53 8.92 -26.01 -43.75
N LYS G 54 9.82 -26.54 -44.57
CA LYS G 54 11.21 -26.14 -44.48
C LYS G 54 11.50 -25.12 -45.57
N LEU G 55 10.45 -24.66 -46.24
CA LEU G 55 10.60 -23.70 -47.32
C LEU G 55 10.01 -22.33 -47.02
N MET G 56 10.73 -21.30 -47.40
CA MET G 56 10.25 -19.94 -47.22
C MET G 56 10.46 -19.21 -48.52
N TYR G 57 9.45 -18.50 -49.00
CA TYR G 57 9.56 -17.77 -50.24
C TYR G 57 9.69 -16.27 -50.03
N SER G 58 10.46 -15.64 -50.91
CA SER G 58 10.72 -14.21 -50.85
C SER G 58 10.35 -13.58 -52.18
N ILE G 59 9.29 -12.78 -52.21
CA ILE G 59 8.86 -12.15 -53.46
C ILE G 59 9.19 -10.67 -53.48
N THR G 60 10.09 -10.26 -54.36
CA THR G 60 10.45 -8.84 -54.43
C THR G 60 9.83 -8.12 -55.62
N PHE G 61 9.04 -7.10 -55.33
CA PHE G 61 8.38 -6.30 -56.36
C PHE G 61 9.21 -5.06 -56.64
N HIS G 62 9.28 -4.65 -57.90
CA HIS G 62 10.06 -3.48 -58.30
C HIS G 62 9.23 -2.27 -58.74
N HIS G 63 7.95 -2.25 -58.38
CA HIS G 63 7.06 -1.15 -58.73
C HIS G 63 7.51 0.14 -58.02
N HIS G 64 8.61 0.72 -58.51
CA HIS G 64 9.23 1.96 -57.97
C HIS G 64 9.61 1.86 -56.48
N GLY G 65 9.15 0.80 -55.82
CA GLY G 65 9.45 0.60 -54.41
C GLY G 65 9.99 -0.79 -54.14
N ARG G 66 11.20 -0.85 -53.61
CA ARG G 66 11.84 -2.12 -53.33
C ARG G 66 11.19 -2.85 -52.16
N GLN G 67 9.99 -3.39 -52.37
CA GLN G 67 9.30 -4.15 -51.32
C GLN G 67 9.49 -5.65 -51.48
N THR G 68 9.67 -6.34 -50.37
CA THR G 68 9.84 -7.78 -50.41
C THR G 68 8.92 -8.43 -49.39
N VAL G 69 8.12 -9.38 -49.86
CA VAL G 69 7.20 -10.10 -48.99
C VAL G 69 7.76 -11.49 -48.72
N LEU G 70 7.83 -11.87 -47.45
CA LEU G 70 8.31 -13.20 -47.10
C LEU G 70 7.08 -14.05 -46.83
N ILE G 71 7.09 -15.28 -47.33
CA ILE G 71 5.96 -16.17 -47.14
C ILE G 71 6.40 -17.55 -46.68
N LYS G 72 5.85 -17.97 -45.54
CA LYS G 72 6.15 -19.27 -44.97
C LYS G 72 4.94 -19.74 -44.16
N ASP G 73 4.56 -21.01 -44.35
CA ASP G 73 3.45 -21.62 -43.63
C ASP G 73 2.19 -20.73 -43.65
N ASN G 74 1.77 -20.34 -44.85
CA ASN G 74 0.58 -19.50 -45.02
C ASN G 74 0.55 -18.19 -44.25
N SER G 75 1.72 -17.62 -44.00
CA SER G 75 1.82 -16.35 -43.29
C SER G 75 2.76 -15.45 -44.07
N ALA G 76 2.53 -14.15 -44.02
CA ALA G 76 3.35 -13.21 -44.78
C ALA G 76 3.87 -12.01 -43.98
N MET G 77 5.06 -11.57 -44.35
CA MET G 77 5.68 -10.42 -43.73
C MET G 77 6.12 -9.51 -44.86
N VAL G 78 5.63 -8.28 -44.85
CA VAL G 78 5.97 -7.30 -45.88
C VAL G 78 7.14 -6.44 -45.39
N THR G 79 8.20 -6.35 -46.18
CA THR G 79 9.35 -5.53 -45.78
C THR G 79 9.74 -4.58 -46.89
N THR G 80 10.54 -3.58 -46.56
CA THR G 80 11.00 -2.64 -47.57
C THR G 80 12.45 -2.27 -47.32
N ALA G 81 13.16 -1.97 -48.39
CA ALA G 81 14.56 -1.60 -48.31
C ALA G 81 14.68 -0.14 -48.73
N ALA G 82 13.53 0.49 -48.95
CA ALA G 82 13.50 1.88 -49.38
C ALA G 82 13.46 2.85 -48.21
N ALA G 83 14.47 3.71 -48.10
CA ALA G 83 14.51 4.67 -47.00
C ALA G 83 13.27 5.56 -47.10
N ALA G 84 12.80 5.79 -48.31
CA ALA G 84 11.63 6.64 -48.51
C ALA G 84 10.34 6.05 -47.93
N ASP G 85 10.26 4.72 -47.81
CA ASP G 85 9.05 4.09 -47.26
C ASP G 85 9.06 3.94 -45.73
N ILE G 86 10.10 4.45 -45.08
CA ILE G 86 10.18 4.31 -43.63
C ILE G 86 9.16 5.22 -42.90
N PRO G 87 8.33 4.64 -42.04
CA PRO G 87 7.36 5.46 -41.32
C PRO G 87 8.12 6.61 -40.64
N PRO G 88 7.73 7.86 -40.92
CA PRO G 88 8.41 9.02 -40.32
C PRO G 88 8.73 8.91 -38.83
N ALA G 89 7.80 8.39 -38.05
CA ALA G 89 8.04 8.27 -36.61
C ALA G 89 9.21 7.36 -36.25
N LEU G 90 9.45 6.31 -37.03
CA LEU G 90 10.56 5.41 -36.72
C LEU G 90 11.91 6.08 -36.94
N VAL G 91 11.95 7.05 -37.85
CA VAL G 91 13.20 7.75 -38.12
C VAL G 91 13.42 8.75 -37.00
N PHE G 92 12.36 9.40 -36.56
CA PHE G 92 12.51 10.39 -35.52
C PHE G 92 13.02 9.90 -34.16
N ASN G 93 12.48 8.79 -33.67
CA ASN G 93 12.92 8.29 -32.37
C ASN G 93 14.14 7.39 -32.40
N GLY G 94 14.75 7.21 -33.57
CA GLY G 94 15.95 6.39 -33.66
C GLY G 94 15.77 4.89 -33.79
N SER G 95 14.54 4.41 -33.84
CA SER G 95 14.31 2.98 -34.01
C SER G 95 14.96 2.55 -35.33
N SER G 96 14.91 3.43 -36.33
CA SER G 96 15.52 3.13 -37.62
C SER G 96 16.74 4.02 -37.83
N THR G 97 17.68 3.54 -38.64
CA THR G 97 18.90 4.30 -38.93
C THR G 97 18.64 5.21 -40.11
N GLY G 98 17.52 4.97 -40.79
CA GLY G 98 17.18 5.77 -41.97
C GLY G 98 17.80 5.18 -43.22
N VAL G 99 18.63 4.15 -43.05
CA VAL G 99 19.30 3.54 -44.18
C VAL G 99 19.11 2.03 -44.18
N PRO G 100 17.93 1.57 -44.58
CA PRO G 100 17.61 0.13 -44.62
C PRO G 100 18.13 -0.58 -45.87
N GLU G 101 18.08 -1.91 -45.86
CA GLU G 101 18.50 -2.72 -46.99
C GLU G 101 17.53 -3.87 -47.15
N SER G 102 17.77 -4.73 -48.13
CA SER G 102 16.87 -5.86 -48.37
C SER G 102 16.92 -6.97 -47.35
N ILE G 103 15.74 -7.51 -47.03
CA ILE G 103 15.59 -8.61 -46.10
C ILE G 103 16.38 -9.81 -46.67
N ASP G 104 16.48 -9.89 -48.00
CA ASP G 104 17.23 -10.96 -48.63
C ASP G 104 18.72 -10.80 -48.36
N THR G 105 19.21 -9.56 -48.39
CA THR G 105 20.60 -9.32 -48.13
C THR G 105 20.84 -9.81 -46.71
N ILE G 106 19.96 -9.41 -45.80
CA ILE G 106 20.09 -9.84 -44.40
C ILE G 106 20.08 -11.37 -44.29
N LEU G 107 19.16 -12.02 -44.98
CA LEU G 107 19.07 -13.47 -44.94
C LEU G 107 20.35 -14.14 -45.41
N SER G 108 20.88 -13.69 -46.55
CA SER G 108 22.09 -14.30 -47.10
C SER G 108 23.38 -13.97 -46.35
N SER G 109 23.45 -12.80 -45.74
CA SER G 109 24.69 -12.43 -45.05
C SER G 109 24.73 -12.61 -43.54
N LYS G 110 23.59 -12.55 -42.87
CA LYS G 110 23.58 -12.69 -41.43
C LYS G 110 22.91 -13.95 -40.90
N LEU G 111 22.03 -14.54 -41.70
CA LEU G 111 21.30 -15.75 -41.29
C LEU G 111 21.50 -16.91 -42.27
N SER G 112 22.55 -16.82 -43.09
CA SER G 112 22.86 -17.84 -44.10
C SER G 112 23.03 -19.26 -43.54
N ASN G 113 23.42 -19.36 -42.28
CA ASN G 113 23.58 -20.69 -41.70
C ASN G 113 22.21 -21.34 -41.49
N ILE G 114 21.21 -20.51 -41.19
CA ILE G 114 19.86 -21.01 -40.96
C ILE G 114 19.05 -21.09 -42.26
N TRP G 115 19.27 -20.13 -43.15
CA TRP G 115 18.53 -20.11 -44.42
C TRP G 115 19.46 -20.08 -45.63
N MET G 116 19.27 -21.03 -46.54
CA MET G 116 20.09 -21.11 -47.74
C MET G 116 19.23 -20.88 -48.97
N GLN G 117 19.67 -19.95 -49.81
CA GLN G 117 18.93 -19.65 -51.03
C GLN G 117 19.11 -20.80 -52.02
N ARG G 118 18.00 -21.44 -52.36
CA ARG G 118 17.99 -22.57 -53.28
C ARG G 118 17.83 -22.12 -54.72
N GLN G 119 16.82 -21.30 -54.99
CA GLN G 119 16.58 -20.84 -56.34
C GLN G 119 16.29 -19.34 -56.39
N LEU G 120 16.53 -18.75 -57.56
CA LEU G 120 16.29 -17.33 -57.77
C LEU G 120 15.73 -17.13 -59.17
N ILE G 121 14.43 -16.89 -59.27
CA ILE G 121 13.81 -16.65 -60.57
C ILE G 121 13.64 -15.14 -60.70
N LYS G 122 14.00 -14.60 -61.87
CA LYS G 122 13.88 -13.17 -62.12
C LYS G 122 13.06 -12.90 -63.35
N GLY G 123 12.29 -11.82 -63.30
CA GLY G 123 11.46 -11.43 -64.42
C GLY G 123 11.76 -9.97 -64.72
N ASP G 124 12.43 -9.72 -65.83
CA ASP G 124 12.78 -8.35 -66.20
C ASP G 124 11.98 -7.84 -67.38
N ALA G 125 12.03 -6.52 -67.60
CA ALA G 125 11.33 -5.88 -68.71
C ALA G 125 9.92 -6.41 -68.91
N GLY G 126 9.16 -6.52 -67.83
CA GLY G 126 7.80 -7.01 -67.93
C GLY G 126 6.92 -5.98 -68.61
N GLU G 127 5.72 -6.38 -69.02
CA GLU G 127 4.81 -5.47 -69.69
C GLU G 127 3.49 -5.28 -68.95
N THR G 128 3.06 -4.02 -68.87
CA THR G 128 1.83 -3.64 -68.20
C THR G 128 0.76 -3.32 -69.25
N LEU G 129 -0.13 -4.28 -69.50
CA LEU G 129 -1.20 -4.09 -70.47
C LEU G 129 -2.47 -3.68 -69.75
N ILE G 130 -3.05 -2.58 -70.21
CA ILE G 130 -4.24 -2.03 -69.60
C ILE G 130 -5.49 -2.28 -70.45
N LEU G 131 -6.41 -3.07 -69.92
CA LEU G 131 -7.65 -3.40 -70.60
C LEU G 131 -8.82 -2.73 -69.88
N ASP G 132 -10.02 -3.26 -70.07
CA ASP G 132 -11.22 -2.71 -69.45
C ASP G 132 -11.38 -3.17 -68.00
N GLY G 133 -11.11 -2.27 -67.06
CA GLY G 133 -11.24 -2.59 -65.65
C GLY G 133 -10.37 -3.76 -65.22
N LEU G 134 -9.38 -4.10 -66.05
CA LEU G 134 -8.48 -5.22 -65.77
C LEU G 134 -7.06 -4.97 -66.28
N THR G 135 -6.12 -4.84 -65.35
CA THR G 135 -4.72 -4.62 -65.72
C THR G 135 -4.04 -5.98 -65.79
N VAL G 136 -3.41 -6.27 -66.92
CA VAL G 136 -2.74 -7.54 -67.09
C VAL G 136 -1.24 -7.36 -67.32
N ARG G 137 -0.45 -7.97 -66.43
CA ARG G 137 1.00 -7.89 -66.50
C ARG G 137 1.59 -9.19 -67.01
N LEU G 138 2.58 -9.06 -67.89
CA LEU G 138 3.24 -10.21 -68.48
C LEU G 138 4.75 -10.07 -68.37
N VAL G 139 5.41 -11.17 -68.02
CA VAL G 139 6.86 -11.17 -67.89
C VAL G 139 7.41 -12.59 -68.03
N ASN G 140 8.59 -12.69 -68.64
CA ASN G 140 9.23 -13.99 -68.82
C ASN G 140 10.15 -14.26 -67.64
N LEU G 141 9.90 -15.36 -66.94
CA LEU G 141 10.69 -15.73 -65.78
C LEU G 141 11.90 -16.58 -66.17
N PHE G 142 13.08 -16.15 -65.72
CA PHE G 142 14.31 -16.86 -66.01
C PHE G 142 15.05 -17.27 -64.76
N SER G 143 15.66 -18.46 -64.81
CA SER G 143 16.43 -18.98 -63.71
C SER G 143 17.89 -18.98 -64.14
N SER G 144 18.76 -19.51 -63.28
CA SER G 144 20.17 -19.60 -63.60
C SER G 144 20.38 -20.67 -64.67
N THR G 145 19.36 -21.51 -64.85
CA THR G 145 19.41 -22.57 -65.83
C THR G 145 18.47 -22.29 -67.00
N GLY G 146 18.48 -21.04 -67.46
CA GLY G 146 17.63 -20.64 -68.58
C GLY G 146 16.14 -20.51 -68.34
N PHE G 147 15.42 -20.11 -69.38
CA PHE G 147 13.96 -19.91 -69.34
C PHE G 147 13.21 -20.90 -68.45
N LYS G 148 12.29 -20.38 -67.63
CA LYS G 148 11.52 -21.21 -66.72
C LYS G 148 10.03 -21.18 -67.04
N GLY G 149 9.57 -20.11 -67.71
CA GLY G 149 8.17 -20.01 -68.06
C GLY G 149 7.64 -18.60 -68.24
N LEU G 150 6.32 -18.49 -68.43
CA LEU G 150 5.63 -17.20 -68.59
C LEU G 150 4.76 -16.92 -67.36
N LEU G 151 4.76 -15.67 -66.91
CA LEU G 151 3.96 -15.30 -65.76
C LEU G 151 3.01 -14.17 -66.10
N ILE G 152 1.75 -14.36 -65.68
CA ILE G 152 0.69 -13.41 -65.91
C ILE G 152 0.17 -12.84 -64.59
N GLU G 153 0.27 -11.53 -64.39
CA GLU G 153 -0.22 -10.91 -63.17
C GLU G 153 -1.52 -10.17 -63.50
N LEU G 154 -2.62 -10.55 -62.84
CA LEU G 154 -3.90 -9.91 -63.10
C LEU G 154 -4.40 -9.10 -61.91
N GLN G 155 -4.42 -7.78 -62.08
CA GLN G 155 -4.87 -6.88 -61.03
C GLN G 155 -6.09 -6.11 -61.50
N ALA G 156 -7.12 -6.05 -60.67
CA ALA G 156 -8.35 -5.34 -61.04
C ALA G 156 -8.98 -4.64 -59.84
N ASP G 157 -9.14 -3.33 -59.96
CA ASP G 157 -9.76 -2.55 -58.89
C ASP G 157 -11.20 -2.99 -58.73
N GLU G 158 -11.87 -3.27 -59.85
CA GLU G 158 -13.26 -3.72 -59.82
C GLU G 158 -13.40 -5.02 -59.03
N ALA G 159 -13.88 -4.90 -57.80
CA ALA G 159 -14.06 -6.05 -56.93
C ALA G 159 -15.18 -6.96 -57.44
N GLY G 160 -16.06 -6.41 -58.26
CA GLY G 160 -17.18 -7.18 -58.78
C GLY G 160 -16.78 -8.23 -59.80
N GLU G 161 -17.02 -7.96 -61.07
CA GLU G 161 -16.69 -8.89 -62.13
C GLU G 161 -15.17 -9.13 -62.17
N PHE G 162 -14.75 -10.32 -61.75
CA PHE G 162 -13.33 -10.67 -61.75
C PHE G 162 -13.22 -12.11 -62.25
N GLU G 163 -13.99 -13.00 -61.64
CA GLU G 163 -14.00 -14.41 -62.02
C GLU G 163 -14.15 -14.56 -63.53
N THR G 164 -14.83 -13.60 -64.13
CA THR G 164 -15.05 -13.61 -65.58
C THR G 164 -13.76 -13.15 -66.26
N LYS G 165 -13.17 -12.09 -65.74
CA LYS G 165 -11.95 -11.54 -66.29
C LYS G 165 -10.84 -12.58 -66.34
N ILE G 166 -10.70 -13.36 -65.27
CA ILE G 166 -9.67 -14.40 -65.19
C ILE G 166 -9.96 -15.53 -66.18
N ALA G 167 -11.22 -15.93 -66.28
CA ALA G 167 -11.62 -16.98 -67.21
C ALA G 167 -11.35 -16.55 -68.65
N GLY G 168 -11.52 -15.25 -68.91
CA GLY G 168 -11.30 -14.71 -70.24
C GLY G 168 -9.84 -14.85 -70.66
N ILE G 169 -8.94 -14.46 -69.78
CA ILE G 169 -7.50 -14.54 -70.06
C ILE G 169 -7.09 -15.98 -70.27
N GLU G 170 -7.65 -16.89 -69.47
CA GLU G 170 -7.33 -18.30 -69.58
C GLU G 170 -7.80 -18.82 -70.95
N GLY G 171 -8.82 -18.18 -71.50
CA GLY G 171 -9.34 -18.59 -72.80
C GLY G 171 -8.36 -18.24 -73.89
N HIS G 172 -7.84 -17.01 -73.87
CA HIS G 172 -6.88 -16.57 -74.87
C HIS G 172 -5.65 -17.46 -74.79
N LEU G 173 -5.48 -18.16 -73.68
CA LEU G 173 -4.35 -19.06 -73.50
C LEU G 173 -4.63 -20.35 -74.27
N ALA G 174 -5.91 -20.71 -74.35
CA ALA G 174 -6.31 -21.90 -75.07
C ALA G 174 -6.11 -21.68 -76.57
N GLU G 175 -6.28 -20.44 -77.00
CA GLU G 175 -6.12 -20.06 -78.41
C GLU G 175 -4.67 -20.21 -78.86
N ILE G 176 -3.74 -19.65 -78.08
CA ILE G 176 -2.32 -19.70 -78.42
C ILE G 176 -1.70 -21.07 -78.16
N ARG G 177 -2.56 -22.07 -77.93
CA ARG G 177 -2.11 -23.42 -77.64
C ARG G 177 -1.19 -23.47 -76.42
N ALA G 178 -1.63 -22.83 -75.35
CA ALA G 178 -0.88 -22.80 -74.11
C ALA G 178 -1.60 -23.69 -73.11
N LYS G 179 -1.28 -24.97 -73.16
CA LYS G 179 -1.90 -25.95 -72.28
C LYS G 179 -0.98 -26.35 -71.14
N GLU G 180 -1.57 -26.86 -70.06
CA GLU G 180 -0.83 -27.32 -68.89
C GLU G 180 -0.25 -26.12 -68.13
N TYR G 181 -1.13 -25.26 -67.63
CA TYR G 181 -0.71 -24.09 -66.87
C TYR G 181 -1.35 -24.08 -65.48
N LYS G 182 -0.80 -23.30 -64.56
CA LYS G 182 -1.33 -23.22 -63.20
C LYS G 182 -1.83 -21.81 -62.87
N THR G 183 -3.01 -21.75 -62.27
CA THR G 183 -3.61 -20.47 -61.91
C THR G 183 -3.93 -20.39 -60.42
N SER G 184 -3.63 -19.24 -59.83
CA SER G 184 -3.88 -19.00 -58.41
C SER G 184 -4.45 -17.63 -58.16
N SER G 185 -5.51 -17.60 -57.35
CA SER G 185 -6.18 -16.36 -56.97
C SER G 185 -6.53 -16.55 -55.50
N ASP G 186 -5.77 -17.42 -54.84
CA ASP G 186 -5.96 -17.74 -53.43
C ASP G 186 -5.73 -16.51 -52.54
N SER G 187 -5.91 -16.71 -51.24
CA SER G 187 -5.72 -15.63 -50.28
C SER G 187 -5.27 -16.17 -48.93
N LEU G 188 -4.67 -15.28 -48.14
CA LEU G 188 -4.18 -15.64 -46.81
C LEU G 188 -5.23 -15.27 -45.77
N ASN G 194 -4.99 -6.79 -46.90
CA ASN G 194 -3.63 -6.42 -47.29
C ASN G 194 -3.27 -7.02 -48.65
N GLU G 195 -3.49 -6.23 -49.71
CA GLU G 195 -3.24 -6.63 -51.09
C GLU G 195 -1.90 -7.30 -51.38
N ILE G 196 -0.81 -6.54 -51.23
CA ILE G 196 0.53 -7.04 -51.49
C ILE G 196 0.81 -8.45 -50.97
N CYS G 197 0.15 -8.84 -49.89
CA CYS G 197 0.35 -10.16 -49.33
C CYS G 197 -0.29 -11.28 -50.14
N ASP G 198 -1.53 -11.09 -50.56
CA ASP G 198 -2.21 -12.12 -51.36
C ASP G 198 -1.51 -12.26 -52.69
N LEU G 199 -1.19 -11.12 -53.30
CA LEU G 199 -0.50 -11.12 -54.58
C LEU G 199 0.75 -11.98 -54.44
N ALA G 200 1.55 -11.70 -53.40
CA ALA G 200 2.77 -12.45 -53.15
C ALA G 200 2.42 -13.93 -52.99
N TYR G 201 1.38 -14.20 -52.22
CA TYR G 201 0.95 -15.56 -51.97
C TYR G 201 0.57 -16.25 -53.27
N GLN G 202 -0.10 -15.52 -54.15
CA GLN G 202 -0.52 -16.07 -55.43
C GLN G 202 0.66 -16.55 -56.26
N TYR G 203 1.75 -15.78 -56.25
CA TYR G 203 2.94 -16.18 -57.00
C TYR G 203 3.46 -17.52 -56.47
N VAL G 204 3.47 -17.65 -55.14
CA VAL G 204 3.93 -18.88 -54.51
C VAL G 204 3.07 -20.06 -54.91
N ARG G 205 1.75 -19.91 -54.83
CA ARG G 205 0.83 -20.99 -55.21
C ARG G 205 1.02 -21.41 -56.66
N ALA G 206 1.21 -20.42 -57.53
CA ALA G 206 1.39 -20.67 -58.96
C ALA G 206 2.77 -21.18 -59.35
N LEU G 207 3.78 -20.95 -58.51
CA LEU G 207 5.14 -21.39 -58.84
C LEU G 207 5.65 -22.61 -58.09
N GLU G 208 4.97 -23.01 -57.01
CA GLU G 208 5.37 -24.18 -56.22
C GLU G 208 5.60 -25.44 -57.08
N VAL H 1 24.80 0.05 -43.19
CA VAL H 1 25.06 1.42 -42.62
C VAL H 1 26.11 1.39 -41.50
N GLN H 2 26.91 2.44 -41.40
CA GLN H 2 27.95 2.54 -40.36
C GLN H 2 27.55 3.58 -39.32
N GLN H 3 27.52 3.19 -38.04
CA GLN H 3 27.20 4.13 -36.99
C GLN H 3 28.47 4.48 -36.19
N LEU H 4 28.87 5.75 -36.24
CA LEU H 4 30.04 6.21 -35.51
C LEU H 4 29.50 6.86 -34.24
N SER H 5 30.02 6.45 -33.09
CA SER H 5 29.50 6.98 -31.84
C SER H 5 30.51 7.14 -30.72
N LEU H 6 30.05 7.82 -29.68
CA LEU H 6 30.79 8.07 -28.46
C LEU H 6 29.75 8.08 -27.32
N PHE H 7 30.11 7.58 -26.13
CA PHE H 7 29.16 7.58 -25.03
C PHE H 7 29.66 8.23 -23.75
N GLY H 8 28.72 8.56 -22.87
CA GLY H 8 29.05 9.20 -21.63
C GLY H 8 27.89 9.00 -20.67
N SER H 9 27.93 9.67 -19.52
CA SER H 9 26.84 9.56 -18.56
C SER H 9 26.85 10.70 -17.56
N ILE H 10 25.71 10.90 -16.90
CA ILE H 10 25.57 11.90 -15.84
C ILE H 10 24.57 11.33 -14.88
N GLY H 11 24.69 11.70 -13.61
CA GLY H 11 23.75 11.24 -12.61
C GLY H 11 22.56 12.17 -12.70
N ASP H 12 21.42 11.74 -12.17
CA ASP H 12 20.20 12.56 -12.21
C ASP H 12 20.41 14.02 -11.85
N ASP H 13 21.26 14.31 -10.86
CA ASP H 13 21.45 15.69 -10.47
C ASP H 13 22.11 16.58 -11.50
N GLY H 14 22.69 16.01 -12.53
CA GLY H 14 23.33 16.84 -13.54
C GLY H 14 22.45 17.12 -14.73
N TYR H 15 21.27 16.52 -14.74
CA TYR H 15 20.34 16.68 -15.84
C TYR H 15 20.12 18.12 -16.29
N ASP H 16 19.69 18.99 -15.37
CA ASP H 16 19.42 20.38 -15.73
C ASP H 16 20.58 21.11 -16.34
N LEU H 17 21.77 20.90 -15.79
CA LEU H 17 22.93 21.59 -16.33
C LEU H 17 23.21 21.11 -17.74
N LEU H 18 23.31 19.79 -17.91
CA LEU H 18 23.61 19.24 -19.21
C LEU H 18 22.58 19.70 -20.25
N ILE H 19 21.31 19.67 -19.87
CA ILE H 19 20.28 20.11 -20.78
C ILE H 19 20.51 21.57 -21.17
N SER H 20 20.74 22.45 -20.20
CA SER H 20 20.95 23.83 -20.59
C SER H 20 22.23 23.97 -21.42
N THR H 21 23.22 23.13 -21.14
CA THR H 21 24.48 23.16 -21.88
C THR H 21 24.26 22.73 -23.33
N LEU H 22 23.56 21.62 -23.54
CA LEU H 22 23.33 21.15 -24.89
C LEU H 22 22.38 22.11 -25.63
N THR H 23 21.49 22.79 -24.89
CA THR H 23 20.61 23.74 -25.55
C THR H 23 21.48 24.88 -26.07
N THR H 24 22.46 25.29 -25.26
CA THR H 24 23.36 26.36 -25.68
C THR H 24 24.20 25.91 -26.86
N ILE H 25 24.80 24.72 -26.76
CA ILE H 25 25.65 24.18 -27.83
C ILE H 25 24.95 24.06 -29.17
N SER H 26 23.76 23.45 -29.18
CA SER H 26 23.04 23.24 -30.43
C SER H 26 22.01 24.33 -30.72
N GLY H 27 21.56 25.02 -29.68
CA GLY H 27 20.61 26.09 -29.91
C GLY H 27 19.14 25.69 -29.99
N ASN H 28 18.86 24.41 -29.72
CA ASN H 28 17.49 23.92 -29.75
C ASN H 28 17.22 23.24 -28.43
N PRO H 29 16.02 23.40 -27.87
CA PRO H 29 15.77 22.71 -26.59
C PRO H 29 15.63 21.23 -26.96
N PRO H 30 15.64 20.34 -25.96
CA PRO H 30 15.53 18.90 -26.19
C PRO H 30 14.17 18.40 -26.71
N LEU H 31 14.20 17.31 -27.45
CA LEU H 31 13.00 16.68 -27.99
C LEU H 31 12.75 15.32 -27.31
N LEU H 32 11.58 15.16 -26.70
CA LEU H 32 11.23 13.92 -26.02
C LEU H 32 10.96 12.78 -26.99
N TYR H 33 11.43 11.58 -26.67
CA TYR H 33 11.21 10.42 -27.53
C TYR H 33 11.29 9.11 -26.76
N ASN H 34 10.72 8.03 -27.31
CA ASN H 34 10.85 6.71 -26.69
C ASN H 34 10.95 5.66 -27.78
N SER H 35 11.31 4.44 -27.38
CA SER H 35 11.41 3.33 -28.31
C SER H 35 11.52 2.03 -27.53
N LEU H 36 10.74 1.05 -27.97
CA LEU H 36 10.73 -0.25 -27.35
C LEU H 36 11.56 -1.16 -28.25
N CYS H 37 12.44 -1.95 -27.64
CA CYS H 37 13.29 -2.88 -28.38
C CYS H 37 13.09 -4.28 -27.85
N THR H 38 12.82 -5.21 -28.74
CA THR H 38 12.66 -6.60 -28.37
C THR H 38 13.77 -7.37 -29.06
N VAL H 39 14.57 -8.08 -28.27
CA VAL H 39 15.68 -8.84 -28.81
C VAL H 39 15.35 -10.32 -28.93
N TRP H 40 15.69 -10.90 -30.07
CA TRP H 40 15.41 -12.31 -30.34
C TRP H 40 16.69 -13.05 -30.64
N LYS H 41 16.70 -14.36 -30.34
CA LYS H 41 17.87 -15.18 -30.61
C LYS H 41 17.45 -16.46 -31.30
N PRO H 42 18.40 -17.14 -31.96
CA PRO H 42 18.07 -18.40 -32.63
C PRO H 42 17.48 -19.35 -31.59
N ASN H 43 16.39 -20.00 -31.94
CA ASN H 43 15.72 -20.94 -31.04
C ASN H 43 16.66 -22.06 -30.60
N PRO H 44 16.99 -22.11 -29.29
CA PRO H 44 17.90 -23.18 -28.85
C PRO H 44 17.37 -24.62 -29.05
N SER H 45 16.06 -24.78 -29.24
CA SER H 45 15.52 -26.12 -29.44
C SER H 45 15.90 -26.60 -30.82
N TYR H 46 15.74 -25.73 -31.81
CA TYR H 46 16.11 -26.12 -33.16
C TYR H 46 17.62 -25.97 -33.11
N ASP H 47 18.32 -26.62 -34.03
CA ASP H 47 19.76 -26.48 -34.09
C ASP H 47 20.31 -26.82 -35.46
N VAL H 48 21.39 -26.13 -35.79
CA VAL H 48 22.05 -26.29 -37.07
C VAL H 48 23.53 -25.97 -36.89
N GLU H 49 24.30 -26.08 -37.97
CA GLU H 49 25.72 -25.79 -37.94
C GLU H 49 25.93 -24.33 -38.25
N ASN H 50 27.05 -23.78 -37.79
CA ASN H 50 27.37 -22.38 -38.04
C ASN H 50 28.12 -22.29 -39.35
N VAL H 51 27.54 -22.89 -40.38
CA VAL H 51 28.10 -22.92 -41.71
C VAL H 51 26.95 -22.72 -42.70
N ASN H 52 27.27 -22.39 -43.94
CA ASN H 52 26.27 -22.18 -44.99
C ASN H 52 26.47 -23.13 -46.18
N SER H 53 25.96 -22.76 -47.35
CA SER H 53 26.12 -23.57 -48.55
C SER H 53 27.60 -23.57 -48.88
N ARG H 54 28.18 -22.37 -48.93
CA ARG H 54 29.62 -22.25 -49.17
C ARG H 54 30.13 -22.48 -47.75
N ASN H 55 31.01 -23.45 -47.57
CA ASN H 55 31.52 -23.76 -46.22
C ASN H 55 32.20 -22.59 -45.52
N GLN H 56 31.45 -21.52 -45.28
CA GLN H 56 31.95 -20.34 -44.59
C GLN H 56 31.31 -20.29 -43.20
N LEU H 57 31.97 -19.65 -42.26
CA LEU H 57 31.43 -19.55 -40.92
C LEU H 57 30.38 -18.45 -40.81
N VAL H 58 29.36 -18.71 -39.99
CA VAL H 58 28.30 -17.75 -39.77
C VAL H 58 27.95 -17.84 -38.30
N GLU H 59 28.51 -16.92 -37.52
CA GLU H 59 28.25 -16.87 -36.08
C GLU H 59 26.83 -16.46 -35.83
N PRO H 60 26.11 -17.23 -35.02
CA PRO H 60 24.72 -16.92 -34.69
C PRO H 60 24.65 -15.55 -34.03
N ASN H 61 23.66 -14.76 -34.40
CA ASN H 61 23.53 -13.43 -33.82
C ASN H 61 22.10 -13.14 -33.45
N ARG H 62 21.92 -12.16 -32.57
CA ARG H 62 20.59 -11.76 -32.14
C ARG H 62 19.96 -10.80 -33.15
N ILE H 63 18.64 -10.77 -33.17
CA ILE H 63 17.92 -9.87 -34.06
C ILE H 63 17.21 -8.84 -33.17
N LYS H 64 17.34 -7.57 -33.49
CA LYS H 64 16.67 -6.55 -32.68
C LYS H 64 15.49 -5.89 -33.40
N LEU H 65 14.34 -5.87 -32.75
CA LEU H 65 13.13 -5.26 -33.32
C LEU H 65 12.84 -3.99 -32.52
N SER H 66 12.66 -2.87 -33.21
CA SER H 66 12.40 -1.64 -32.49
C SER H 66 11.31 -0.81 -33.13
N LYS H 67 10.59 -0.07 -32.29
CA LYS H 67 9.53 0.82 -32.75
C LYS H 67 9.18 1.80 -31.63
N GLU H 68 8.32 2.76 -31.91
CA GLU H 68 7.93 3.73 -30.88
C GLU H 68 6.58 3.34 -30.27
N VAL H 69 6.48 3.45 -28.94
CA VAL H 69 5.23 3.17 -28.25
C VAL H 69 4.65 4.52 -27.87
N PRO H 70 3.44 4.83 -28.33
CA PRO H 70 2.85 6.12 -27.97
C PRO H 70 2.82 6.23 -26.46
N PHE H 71 3.21 7.39 -25.95
CA PHE H 71 3.28 7.58 -24.50
C PHE H 71 2.07 7.19 -23.68
N SER H 72 0.88 7.43 -24.20
CA SER H 72 -0.31 7.11 -23.43
C SER H 72 -0.57 5.64 -23.34
N TYR H 73 0.26 4.84 -23.99
CA TYR H 73 0.08 3.41 -23.96
C TYR H 73 1.20 2.70 -23.21
N LEU H 74 2.17 3.47 -22.72
CA LEU H 74 3.28 2.90 -21.99
C LEU H 74 2.89 2.05 -20.78
N ILE H 75 1.98 2.52 -19.94
CA ILE H 75 1.61 1.71 -18.78
C ILE H 75 1.05 0.38 -19.25
N ASP H 76 0.23 0.40 -20.30
CA ASP H 76 -0.36 -0.82 -20.83
C ASP H 76 0.64 -1.76 -21.47
N GLU H 77 1.63 -1.22 -22.18
CA GLU H 77 2.62 -2.05 -22.86
C GLU H 77 3.69 -2.58 -21.92
N THR H 78 3.89 -1.90 -20.81
CA THR H 78 4.89 -2.31 -19.86
C THR H 78 4.26 -3.05 -18.69
N MET H 79 3.88 -2.31 -17.67
CA MET H 79 3.28 -2.91 -16.50
C MET H 79 2.08 -3.82 -16.78
N MET H 80 0.91 -3.22 -17.03
CA MET H 80 -0.30 -3.98 -17.28
C MET H 80 -0.35 -4.88 -18.52
N ASP H 81 0.81 -5.31 -19.01
CA ASP H 81 0.89 -6.19 -20.20
C ASP H 81 -0.14 -7.34 -20.22
N LYS H 82 -0.26 -8.08 -19.13
CA LYS H 82 -1.20 -9.18 -19.10
C LYS H 82 -1.91 -9.29 -17.77
N PRO H 83 -3.14 -9.84 -17.77
CA PRO H 83 -3.85 -10.35 -18.95
C PRO H 83 -4.33 -9.25 -19.86
N LEU H 84 -4.57 -9.59 -21.12
CA LEU H 84 -5.00 -8.61 -22.11
C LEU H 84 -6.13 -7.69 -21.68
N ASN H 85 -7.22 -8.27 -21.20
CA ASN H 85 -8.36 -7.46 -20.82
C ASN H 85 -8.24 -6.60 -19.58
N PHE H 86 -7.06 -6.55 -18.99
CA PHE H 86 -6.86 -5.70 -17.83
C PHE H 86 -6.06 -4.56 -18.40
N ARG H 87 -6.73 -3.48 -18.75
CA ARG H 87 -6.03 -2.36 -19.37
C ARG H 87 -6.59 -1.00 -18.99
N ILE H 88 -5.96 0.04 -19.50
CA ILE H 88 -6.32 1.42 -19.21
C ILE H 88 -6.94 2.16 -20.38
N SER H 159 -2.61 -8.12 -38.38
CA SER H 159 -1.37 -7.56 -38.94
C SER H 159 -0.51 -6.81 -37.94
N CYS H 160 0.77 -7.15 -37.90
CA CYS H 160 1.71 -6.50 -36.99
C CYS H 160 1.93 -5.02 -37.30
N SER H 161 2.55 -4.32 -36.35
CA SER H 161 2.87 -2.90 -36.50
C SER H 161 4.20 -2.80 -37.25
N PRO H 162 4.48 -1.64 -37.83
CA PRO H 162 5.76 -1.51 -38.54
C PRO H 162 6.86 -1.65 -37.49
N TRP H 163 7.97 -2.27 -37.85
CA TRP H 163 9.08 -2.44 -36.92
C TRP H 163 10.37 -2.20 -37.68
N SER H 164 11.43 -1.99 -36.92
CA SER H 164 12.75 -1.82 -37.49
C SER H 164 13.43 -3.11 -37.08
N LEU H 165 13.95 -3.85 -38.05
CA LEU H 165 14.66 -5.10 -37.79
C LEU H 165 16.14 -4.86 -38.00
N GLN H 166 16.93 -5.10 -36.96
CA GLN H 166 18.37 -4.87 -37.00
C GLN H 166 19.28 -5.98 -36.46
N ILE H 167 20.41 -6.16 -37.15
CA ILE H 167 21.43 -7.11 -36.73
C ILE H 167 22.74 -6.33 -36.86
N SER H 168 23.49 -6.21 -35.78
CA SER H 168 24.72 -5.44 -35.82
C SER H 168 25.94 -6.31 -35.63
N ASP H 169 27.09 -5.74 -35.99
CA ASP H 169 28.36 -6.43 -35.86
C ASP H 169 29.07 -5.80 -34.69
N ILE H 170 30.04 -6.51 -34.13
CA ILE H 170 30.81 -5.96 -33.05
C ILE H 170 31.59 -4.83 -33.72
N PRO H 171 31.72 -3.68 -33.04
CA PRO H 171 32.46 -2.56 -33.63
C PRO H 171 33.83 -2.97 -34.20
N ALA H 172 34.31 -2.18 -35.15
CA ALA H 172 35.60 -2.42 -35.80
C ALA H 172 36.75 -2.46 -34.80
N ALA H 173 37.73 -3.33 -35.05
CA ALA H 173 38.89 -3.44 -34.18
C ALA H 173 39.88 -2.32 -34.52
N GLY H 174 40.88 -2.16 -33.68
CA GLY H 174 41.85 -1.12 -33.92
C GLY H 174 42.44 -0.56 -32.65
N ASN H 175 43.71 -0.21 -32.71
CA ASN H 175 44.41 0.38 -31.58
C ASN H 175 44.34 1.86 -31.87
N ASN H 176 43.87 2.63 -30.91
CA ASN H 176 43.74 4.09 -31.08
C ASN H 176 42.46 4.56 -31.77
N ARG H 177 41.35 3.86 -31.55
CA ARG H 177 40.08 4.25 -32.17
C ARG H 177 39.67 5.55 -31.49
N SER H 178 39.34 6.56 -32.27
CA SER H 178 38.94 7.82 -31.66
C SER H 178 37.44 7.82 -31.41
N VAL H 179 36.71 7.08 -32.23
CA VAL H 179 35.26 7.00 -32.13
C VAL H 179 34.89 5.54 -32.36
N SER H 180 33.71 5.13 -31.89
CA SER H 180 33.27 3.74 -32.09
C SER H 180 32.63 3.62 -33.48
N MET H 181 32.91 2.52 -34.19
CA MET H 181 32.33 2.35 -35.51
C MET H 181 31.67 0.98 -35.66
N GLN H 182 30.34 0.98 -35.73
CA GLN H 182 29.57 -0.25 -35.83
C GLN H 182 28.69 -0.37 -37.07
N THR H 183 28.77 -1.54 -37.70
CA THR H 183 28.00 -1.83 -38.89
C THR H 183 26.65 -2.37 -38.46
N ILE H 184 25.59 -1.84 -39.05
CA ILE H 184 24.23 -2.27 -38.75
C ILE H 184 23.56 -2.70 -40.04
N ALA H 185 22.89 -3.84 -40.01
CA ALA H 185 22.14 -4.34 -41.15
C ALA H 185 20.67 -4.15 -40.71
N GLU H 186 19.93 -3.35 -41.46
CA GLU H 186 18.54 -3.08 -41.11
C GLU H 186 17.56 -3.21 -42.26
N THR H 187 16.34 -3.59 -41.93
CA THR H 187 15.30 -3.65 -42.94
C THR H 187 14.07 -3.25 -42.18
N ILE H 188 13.02 -2.86 -42.89
CA ILE H 188 11.81 -2.41 -42.23
C ILE H 188 10.63 -3.35 -42.42
N ILE H 189 9.98 -3.72 -41.32
CA ILE H 189 8.80 -4.56 -41.42
C ILE H 189 7.64 -3.57 -41.46
N LEU H 190 6.81 -3.65 -42.51
CA LEU H 190 5.66 -2.75 -42.66
C LEU H 190 4.34 -3.34 -42.20
N SER H 191 4.13 -4.63 -42.47
CA SER H 191 2.87 -5.28 -42.09
C SER H 191 2.91 -6.80 -42.30
N SER H 192 1.81 -7.47 -41.97
CA SER H 192 1.73 -8.91 -42.09
C SER H 192 0.30 -9.40 -42.29
N ALA H 193 0.17 -10.66 -42.68
CA ALA H 193 -1.12 -11.28 -42.92
C ALA H 193 -0.98 -12.80 -42.87
N GLY H 194 -2.11 -13.49 -42.86
CA GLY H 194 -2.09 -14.95 -42.83
C GLY H 194 -2.45 -15.53 -41.48
N LYS H 195 -2.18 -16.83 -41.31
CA LYS H 195 -2.48 -17.54 -40.08
C LYS H 195 -1.81 -16.87 -38.89
N ASN H 196 -0.50 -17.06 -38.78
CA ASN H 196 0.30 -16.50 -37.70
C ASN H 196 0.93 -15.20 -38.19
N SER H 197 0.19 -14.11 -38.06
CA SER H 197 0.68 -12.82 -38.51
C SER H 197 1.33 -11.96 -37.43
N SER H 198 1.26 -12.38 -36.17
CA SER H 198 1.87 -11.59 -35.11
C SER H 198 3.38 -11.54 -35.34
N VAL H 199 3.99 -10.42 -35.00
CA VAL H 199 5.42 -10.28 -35.18
C VAL H 199 6.16 -11.42 -34.48
N SER H 200 5.53 -11.97 -33.45
CA SER H 200 6.16 -13.05 -32.71
C SER H 200 6.20 -14.33 -33.53
N SER H 201 5.10 -14.64 -34.21
CA SER H 201 5.04 -15.82 -35.06
C SER H 201 6.04 -15.68 -36.19
N LEU H 202 6.10 -14.48 -36.77
CA LEU H 202 6.99 -14.21 -37.89
C LEU H 202 8.44 -14.44 -37.51
N MET H 203 8.79 -14.10 -36.27
CA MET H 203 10.15 -14.30 -35.81
C MET H 203 10.43 -15.78 -35.60
N ASN H 204 9.40 -16.52 -35.16
CA ASN H 204 9.52 -17.97 -34.95
C ASN H 204 9.66 -18.62 -36.31
N GLY H 205 8.90 -18.10 -37.27
CA GLY H 205 8.97 -18.61 -38.63
C GLY H 205 10.39 -18.54 -39.14
N LEU H 206 11.12 -17.49 -38.78
CA LEU H 206 12.50 -17.34 -39.21
C LEU H 206 13.45 -18.22 -38.40
N GLY H 207 12.90 -18.90 -37.40
CA GLY H 207 13.71 -19.77 -36.56
C GLY H 207 14.23 -19.04 -35.34
N TYR H 208 13.59 -17.94 -34.97
CA TYR H 208 14.02 -17.18 -33.81
C TYR H 208 13.04 -17.23 -32.64
N VAL H 209 13.53 -16.84 -31.46
CA VAL H 209 12.72 -16.87 -30.25
C VAL H 209 12.90 -15.60 -29.44
N PHE H 210 11.85 -15.16 -28.75
CA PHE H 210 11.96 -13.96 -27.92
C PHE H 210 12.89 -14.19 -26.73
N GLU H 211 13.87 -13.30 -26.55
CA GLU H 211 14.80 -13.43 -25.45
C GLU H 211 14.56 -12.37 -24.37
N PHE H 212 14.65 -11.09 -24.73
CA PHE H 212 14.43 -10.02 -23.76
C PHE H 212 14.04 -8.73 -24.46
N GLN H 213 13.54 -7.76 -23.70
CA GLN H 213 13.16 -6.48 -24.29
C GLN H 213 13.37 -5.31 -23.34
N TYR H 214 13.65 -4.13 -23.89
CA TYR H 214 13.84 -2.98 -23.02
C TYR H 214 13.23 -1.73 -23.60
N LEU H 215 12.77 -0.85 -22.72
CA LEU H 215 12.16 0.42 -23.09
C LEU H 215 13.15 1.55 -22.87
N THR H 216 13.24 2.44 -23.84
CA THR H 216 14.12 3.55 -23.65
C THR H 216 13.37 4.86 -23.83
N ILE H 217 13.51 5.76 -22.85
CA ILE H 217 12.90 7.08 -22.89
C ILE H 217 14.03 8.10 -22.78
N GLY H 218 13.96 9.17 -23.56
CA GLY H 218 14.99 10.17 -23.47
C GLY H 218 14.63 11.41 -24.25
N VAL H 219 15.60 12.31 -24.38
CA VAL H 219 15.45 13.55 -25.13
C VAL H 219 16.60 13.53 -26.13
N LYS H 220 16.39 14.10 -27.31
CA LYS H 220 17.44 14.15 -28.31
C LYS H 220 17.62 15.57 -28.85
N PHE H 221 18.81 15.84 -29.39
CA PHE H 221 19.16 17.14 -29.95
C PHE H 221 19.71 16.95 -31.34
N PHE H 222 19.21 17.73 -32.30
CA PHE H 222 19.73 17.66 -33.65
C PHE H 222 20.83 18.70 -33.72
N MET H 223 22.01 18.33 -34.20
CA MET H 223 23.10 19.29 -34.32
C MET H 223 23.57 19.33 -35.75
N LYS H 224 24.73 19.94 -36.00
CA LYS H 224 25.23 20.03 -37.36
C LYS H 224 25.87 18.78 -37.92
N HIS H 225 25.81 18.68 -39.24
CA HIS H 225 26.39 17.56 -39.97
C HIS H 225 25.82 16.21 -39.64
N GLY H 226 24.56 16.20 -39.20
CA GLY H 226 23.90 14.94 -38.89
C GLY H 226 24.18 14.40 -37.51
N LEU H 227 24.89 15.17 -36.70
CA LEU H 227 25.21 14.70 -35.36
C LEU H 227 23.96 14.73 -34.49
N ILE H 228 23.69 13.61 -33.84
CA ILE H 228 22.54 13.51 -32.93
C ILE H 228 23.03 13.17 -31.54
N LEU H 229 22.39 13.77 -30.54
CA LEU H 229 22.75 13.55 -29.16
C LEU H 229 21.53 13.08 -28.40
N GLU H 230 21.66 11.95 -27.72
CA GLU H 230 20.56 11.39 -26.95
C GLU H 230 20.93 11.24 -25.49
N LEU H 231 20.02 11.64 -24.62
CA LEU H 231 20.19 11.51 -23.18
C LEU H 231 19.12 10.49 -22.88
N GLN H 232 19.54 9.27 -22.54
CA GLN H 232 18.56 8.21 -22.33
C GLN H 232 18.48 7.47 -21.04
N LYS H 233 17.29 6.96 -20.75
CA LYS H 233 17.08 6.13 -19.56
C LYS H 233 16.59 4.79 -20.14
N ILE H 234 17.02 3.69 -19.54
CA ILE H 234 16.65 2.39 -20.05
C ILE H 234 16.04 1.49 -18.99
N TRP H 235 14.93 0.86 -19.33
CA TRP H 235 14.23 -0.04 -18.41
C TRP H 235 14.04 -1.39 -19.06
N GLN H 236 14.52 -2.46 -18.42
CA GLN H 236 14.26 -3.78 -18.96
C GLN H 236 12.81 -4.06 -18.58
N ILE H 237 12.08 -4.75 -19.45
CA ILE H 237 10.68 -5.03 -19.15
C ILE H 237 10.34 -6.51 -19.07
N GLU H 238 9.92 -6.92 -17.88
CA GLU H 238 9.55 -8.32 -17.61
C GLU H 238 8.29 -8.37 -16.78
N GLU H 239 7.75 -9.58 -16.63
CA GLU H 239 6.55 -9.87 -15.84
C GLU H 239 6.71 -9.36 -14.42
N ALA H 240 7.79 -9.81 -13.78
CA ALA H 240 8.08 -9.45 -12.40
C ALA H 240 8.42 -7.97 -12.19
N GLY H 241 8.69 -7.24 -13.27
CA GLY H 241 9.00 -5.84 -13.11
C GLY H 241 9.96 -5.20 -14.11
N ASN H 242 9.88 -3.88 -14.23
CA ASN H 242 10.76 -3.19 -15.14
C ASN H 242 11.87 -2.53 -14.35
N SER H 243 13.03 -3.14 -14.35
CA SER H 243 14.19 -2.61 -13.63
C SER H 243 14.93 -1.60 -14.50
N GLN H 244 15.35 -0.48 -13.90
CA GLN H 244 16.06 0.54 -14.68
C GLN H 244 17.57 0.32 -14.81
N ILE H 245 17.98 -0.22 -15.95
CA ILE H 245 19.39 -0.46 -16.23
C ILE H 245 20.20 0.80 -15.97
N THR H 246 19.64 1.97 -16.29
CA THR H 246 20.34 3.25 -16.10
C THR H 246 20.09 3.90 -14.73
N SER H 247 19.60 3.12 -13.78
CA SER H 247 19.32 3.70 -12.47
C SER H 247 20.43 4.63 -11.97
N GLY H 248 20.02 5.84 -11.57
CA GLY H 248 20.98 6.80 -11.06
C GLY H 248 21.28 7.95 -11.99
N GLY H 249 21.10 7.72 -13.29
CA GLY H 249 21.38 8.78 -14.22
C GLY H 249 20.90 8.51 -15.63
N PHE H 250 21.59 9.12 -16.58
CA PHE H 250 21.27 8.99 -17.98
C PHE H 250 22.49 8.52 -18.77
N LEU H 251 22.24 7.74 -19.80
CA LEU H 251 23.28 7.27 -20.69
C LEU H 251 23.33 8.31 -21.79
N LEU H 252 24.50 8.89 -22.02
CA LEU H 252 24.62 9.91 -23.06
C LEU H 252 25.22 9.30 -24.31
N LYS H 253 24.62 9.58 -25.46
CA LYS H 253 25.12 9.03 -26.71
C LYS H 253 25.12 10.08 -27.81
N ALA H 254 26.23 10.14 -28.56
CA ALA H 254 26.40 11.09 -29.66
C ALA H 254 26.74 10.22 -30.86
N TYR H 255 26.11 10.46 -32.00
CA TYR H 255 26.38 9.63 -33.14
C TYR H 255 25.97 10.23 -34.49
N ILE H 256 26.41 9.55 -35.54
CA ILE H 256 26.12 9.92 -36.92
C ILE H 256 26.12 8.63 -37.72
N ASN H 257 25.11 8.45 -38.55
CA ASN H 257 25.02 7.24 -39.38
C ASN H 257 25.52 7.59 -40.77
N VAL H 258 26.36 6.73 -41.35
CA VAL H 258 26.86 6.96 -42.70
C VAL H 258 26.63 5.73 -43.59
N SER H 259 26.15 5.96 -44.80
CA SER H 259 25.85 4.90 -45.76
C SER H 259 27.04 4.00 -46.07
N ARG H 260 27.08 2.87 -45.36
CA ARG H 260 28.11 1.82 -45.40
C ARG H 260 29.42 1.92 -46.18
N GLY H 261 30.51 1.55 -45.50
CA GLY H 261 31.86 1.56 -46.07
C GLY H 261 32.25 2.99 -46.39
N THR H 262 31.70 3.45 -47.50
CA THR H 262 31.86 4.81 -48.00
C THR H 262 33.26 5.37 -48.28
N ASP H 263 33.27 6.69 -48.37
CA ASP H 263 34.46 7.47 -48.63
C ASP H 263 35.16 7.63 -47.28
N ILE H 264 36.47 7.41 -47.24
CA ILE H 264 37.20 7.58 -45.99
C ILE H 264 37.07 9.05 -45.62
N ASP H 265 36.61 9.83 -46.60
CA ASP H 265 36.40 11.27 -46.40
C ASP H 265 35.22 11.43 -45.47
N ARG H 266 34.06 10.94 -45.91
CA ARG H 266 32.84 11.01 -45.13
C ARG H 266 33.03 10.39 -43.76
N ILE H 267 33.88 9.36 -43.71
CA ILE H 267 34.16 8.66 -42.45
C ILE H 267 35.13 9.45 -41.58
N ASN H 268 36.14 10.05 -42.19
CA ASN H 268 37.12 10.82 -41.43
C ASN H 268 36.53 12.16 -41.03
N TYR H 269 35.56 12.62 -41.82
CA TYR H 269 34.87 13.89 -41.55
C TYR H 269 33.93 13.71 -40.35
N THR H 270 33.20 12.61 -40.39
CA THR H 270 32.27 12.28 -39.34
C THR H 270 33.05 12.14 -38.03
N GLU H 271 34.19 11.46 -38.07
CA GLU H 271 34.98 11.30 -36.86
C GLU H 271 35.32 12.66 -36.30
N THR H 272 35.71 13.58 -37.18
CA THR H 272 36.07 14.93 -36.77
C THR H 272 34.90 15.57 -36.03
N VAL H 273 33.71 15.49 -36.60
CA VAL H 273 32.52 16.07 -35.97
C VAL H 273 32.36 15.51 -34.57
N LEU H 274 32.46 14.19 -34.41
CA LEU H 274 32.36 13.61 -33.08
C LEU H 274 33.49 14.15 -32.21
N MET H 275 34.71 14.17 -32.75
CA MET H 275 35.84 14.66 -31.97
C MET H 275 35.65 16.11 -31.50
N ASN H 276 35.13 16.99 -32.36
CA ASN H 276 34.89 18.39 -31.97
C ASN H 276 33.89 18.46 -30.80
N LEU H 277 32.82 17.68 -30.90
CA LEU H 277 31.81 17.65 -29.86
C LEU H 277 32.46 17.17 -28.55
N LYS H 278 33.16 16.03 -28.61
CA LYS H 278 33.82 15.47 -27.44
C LYS H 278 34.68 16.52 -26.74
N LYS H 279 35.39 17.30 -27.56
CA LYS H 279 36.27 18.34 -27.06
C LYS H 279 35.47 19.45 -26.42
N GLU H 280 34.44 19.90 -27.13
CA GLU H 280 33.58 20.99 -26.64
C GLU H 280 32.94 20.74 -25.29
N LEU H 281 32.86 19.47 -24.88
CA LEU H 281 32.26 19.13 -23.60
C LEU H 281 33.30 18.63 -22.61
N GLN H 282 34.55 18.61 -23.06
CA GLN H 282 35.67 18.16 -22.23
C GLN H 282 35.80 18.92 -20.91
N GLY H 283 36.29 18.24 -19.89
CA GLY H 283 36.43 18.88 -18.59
C GLY H 283 35.11 18.84 -17.85
N TYR H 284 34.01 18.97 -18.61
CA TYR H 284 32.66 18.95 -18.06
C TYR H 284 32.12 17.50 -18.02
N ILE H 285 31.89 16.93 -19.20
CA ILE H 285 31.39 15.56 -19.31
C ILE H 285 32.22 14.85 -20.40
N GLU H 286 32.75 13.68 -20.07
CA GLU H 286 33.58 12.95 -21.03
C GLU H 286 32.88 11.94 -21.93
N LEU H 287 33.14 12.05 -23.23
CA LEU H 287 32.58 11.17 -24.23
C LEU H 287 33.72 10.28 -24.67
N SER H 288 33.54 8.97 -24.56
CA SER H 288 34.62 8.07 -24.94
C SER H 288 34.09 6.90 -25.72
N VAL H 289 35.02 6.07 -26.19
CA VAL H 289 34.66 4.89 -26.96
C VAL H 289 34.44 3.70 -26.04
N PRO H 290 33.22 3.15 -26.04
CA PRO H 290 32.99 2.00 -25.16
C PRO H 290 33.76 0.78 -25.66
N ASP H 291 33.83 -0.24 -24.82
CA ASP H 291 34.51 -1.49 -25.12
C ASP H 291 33.76 -2.32 -26.17
N ARG H 292 34.44 -2.67 -27.27
CA ARG H 292 33.83 -3.46 -28.33
C ARG H 292 33.00 -4.64 -27.80
N GLN H 293 33.52 -5.35 -26.81
CA GLN H 293 32.83 -6.50 -26.26
C GLN H 293 31.50 -6.14 -25.61
N SER H 294 31.28 -4.86 -25.36
CA SER H 294 30.03 -4.43 -24.74
C SER H 294 29.02 -4.04 -25.80
N MET H 295 29.41 -4.18 -27.05
CA MET H 295 28.57 -3.85 -28.17
C MET H 295 28.50 -5.02 -29.14
N ASP H 296 28.59 -6.24 -28.60
CA ASP H 296 28.57 -7.47 -29.40
C ASP H 296 27.37 -8.31 -29.06
N SER H 297 26.40 -8.36 -29.97
CA SER H 297 25.17 -9.10 -29.73
C SER H 297 25.17 -10.56 -30.17
N ARG H 298 26.32 -11.08 -30.56
CA ARG H 298 26.41 -12.48 -30.98
C ARG H 298 26.13 -13.43 -29.82
N VAL H 299 25.46 -14.56 -30.11
CA VAL H 299 25.17 -15.51 -29.04
C VAL H 299 26.43 -16.33 -28.80
N ALA H 300 26.71 -16.63 -27.54
CA ALA H 300 27.89 -17.42 -27.20
C ALA H 300 27.55 -18.52 -26.21
N PRO I 6 0.48 -18.76 -7.65
CA PRO I 6 0.67 -17.38 -8.21
C PRO I 6 1.63 -16.61 -7.29
N PHE I 7 1.28 -16.52 -6.02
CA PHE I 7 2.11 -15.88 -5.02
C PHE I 7 1.45 -16.14 -3.68
N ASN I 8 2.11 -15.73 -2.60
CA ASN I 8 1.59 -15.95 -1.26
C ASN I 8 0.86 -14.68 -0.74
N VAL I 9 -0.45 -14.78 -0.59
CA VAL I 9 -1.24 -13.64 -0.13
C VAL I 9 -0.62 -12.98 1.08
N ASP I 10 -0.30 -13.78 2.09
CA ASP I 10 0.29 -13.22 3.29
C ASP I 10 1.55 -12.43 2.99
N ASP I 11 2.41 -12.98 2.14
CA ASP I 11 3.64 -12.28 1.80
C ASP I 11 3.39 -10.95 1.12
N VAL I 12 2.42 -10.91 0.21
CA VAL I 12 2.09 -9.68 -0.51
C VAL I 12 1.61 -8.66 0.50
N LEU I 13 0.67 -9.07 1.36
CA LEU I 13 0.16 -8.16 2.36
C LEU I 13 1.30 -7.67 3.25
N LYS I 14 2.10 -8.60 3.78
CA LYS I 14 3.21 -8.24 4.63
C LYS I 14 4.06 -7.13 4.01
N PHE I 15 4.23 -7.15 2.70
CA PHE I 15 5.02 -6.11 2.04
C PHE I 15 4.33 -4.76 2.13
N THR I 16 3.03 -4.71 1.83
CA THR I 16 2.31 -3.44 1.87
C THR I 16 2.30 -2.82 3.26
N PHE I 17 2.37 -3.65 4.29
CA PHE I 17 2.36 -3.16 5.67
C PHE I 17 3.73 -2.86 6.27
N THR I 18 4.79 -3.49 5.76
CA THR I 18 6.12 -3.28 6.33
C THR I 18 7.23 -3.04 5.32
N GLY I 19 6.96 -3.37 4.06
CA GLY I 19 7.97 -3.14 3.03
C GLY I 19 8.96 -4.26 2.77
N GLU I 20 8.84 -5.40 3.45
CA GLU I 20 9.78 -6.50 3.25
C GLU I 20 9.49 -7.47 2.10
N LYS I 21 10.50 -7.72 1.27
CA LYS I 21 10.37 -8.65 0.15
C LYS I 21 11.24 -9.87 0.48
N HIS I 22 10.74 -11.07 0.23
CA HIS I 22 11.53 -12.26 0.56
C HIS I 22 12.31 -12.84 -0.62
N HIS I 23 13.61 -13.04 -0.44
CA HIS I 23 14.43 -13.65 -1.49
C HIS I 23 14.46 -15.15 -1.21
N HIS I 24 14.08 -15.55 -0.01
CA HIS I 24 14.04 -16.97 0.36
C HIS I 24 12.63 -17.38 0.77
N HIS I 25 12.37 -18.68 0.76
CA HIS I 25 11.05 -19.16 1.14
C HIS I 25 11.04 -19.43 2.63
N HIS I 26 10.00 -18.96 3.31
CA HIS I 26 9.91 -19.14 4.76
C HIS I 26 8.70 -19.97 5.22
N HIS I 27 8.83 -20.62 6.37
CA HIS I 27 7.79 -21.47 6.96
C HIS I 27 7.50 -22.72 6.14
N SER J 4 -27.21 20.09 -34.79
CA SER J 4 -28.11 20.95 -33.97
C SER J 4 -28.41 20.36 -32.60
N LYS J 5 -28.28 21.20 -31.56
CA LYS J 5 -28.53 20.79 -30.18
C LYS J 5 -29.60 19.71 -30.01
N PRO J 6 -29.22 18.59 -29.39
CA PRO J 6 -30.04 17.41 -29.11
C PRO J 6 -31.31 17.65 -28.33
N PHE J 7 -31.32 18.74 -27.57
CA PHE J 7 -32.47 19.04 -26.74
C PHE J 7 -32.21 20.31 -25.96
N ASN J 8 -33.18 20.76 -25.19
CA ASN J 8 -33.05 21.98 -24.43
C ASN J 8 -32.69 21.67 -22.98
N VAL J 9 -31.44 22.00 -22.61
CA VAL J 9 -30.97 21.75 -21.24
C VAL J 9 -31.99 22.16 -20.20
N ASP J 10 -32.47 23.40 -20.29
CA ASP J 10 -33.46 23.87 -19.31
C ASP J 10 -34.68 22.95 -19.25
N ASP J 11 -35.19 22.54 -20.41
CA ASP J 11 -36.35 21.66 -20.41
C ASP J 11 -36.07 20.31 -19.75
N VAL J 12 -34.91 19.73 -20.01
CA VAL J 12 -34.53 18.45 -19.39
C VAL J 12 -34.49 18.65 -17.88
N LEU J 13 -33.78 19.68 -17.43
CA LEU J 13 -33.69 19.94 -16.01
C LEU J 13 -35.09 20.12 -15.42
N LYS J 14 -35.88 21.01 -16.03
CA LYS J 14 -37.24 21.26 -15.56
C LYS J 14 -38.01 19.97 -15.32
N PHE J 15 -37.79 18.97 -16.17
CA PHE J 15 -38.48 17.71 -16.00
C PHE J 15 -38.02 17.01 -14.71
N THR J 16 -36.71 16.95 -14.49
CA THR J 16 -36.20 16.27 -13.32
C THR J 16 -36.66 16.91 -12.02
N PHE J 17 -36.90 18.21 -12.07
CA PHE J 17 -37.35 18.94 -10.89
C PHE J 17 -38.86 19.02 -10.66
N THR J 18 -39.65 18.89 -11.73
CA THR J 18 -41.09 18.99 -11.58
C THR J 18 -41.90 17.89 -12.26
N GLY J 19 -41.21 17.06 -13.03
CA GLY J 19 -41.90 16.00 -13.73
C GLY J 19 -42.57 16.60 -14.94
N GLU J 20 -42.29 17.87 -15.20
CA GLU J 20 -42.90 18.55 -16.35
C GLU J 20 -42.25 18.13 -17.67
N LYS J 21 -42.88 17.17 -18.33
CA LYS J 21 -42.39 16.67 -19.61
C LYS J 21 -42.88 17.63 -20.69
N HIS J 22 -42.44 18.88 -20.61
CA HIS J 22 -42.81 19.94 -21.54
C HIS J 22 -42.71 19.50 -23.01
N PRO K 6 45.45 -6.20 4.67
CA PRO K 6 44.06 -6.59 4.29
C PRO K 6 43.08 -5.79 5.16
N PHE K 7 43.40 -5.72 6.45
CA PHE K 7 42.62 -4.95 7.41
C PHE K 7 43.35 -5.03 8.74
N ASN K 8 42.89 -4.26 9.72
CA ASN K 8 43.52 -4.25 11.03
C ASN K 8 42.78 -5.18 11.99
N VAL K 9 43.43 -6.28 12.38
CA VAL K 9 42.84 -7.24 13.30
C VAL K 9 42.20 -6.58 14.50
N ASP K 10 42.94 -5.70 15.16
CA ASP K 10 42.38 -5.01 16.32
C ASP K 10 41.09 -4.28 15.97
N ASP K 11 41.07 -3.58 14.84
CA ASP K 11 39.87 -2.84 14.45
C ASP K 11 38.67 -3.77 14.22
N VAL K 12 38.91 -4.91 13.58
CA VAL K 12 37.84 -5.86 13.32
C VAL K 12 37.32 -6.35 14.65
N LEU K 13 38.22 -6.76 15.54
CA LEU K 13 37.78 -7.24 16.83
C LEU K 13 37.00 -6.16 17.56
N LYS K 14 37.56 -4.96 17.64
CA LYS K 14 36.90 -3.84 18.31
C LYS K 14 35.46 -3.69 17.85
N PHE K 15 35.20 -3.94 16.57
CA PHE K 15 33.85 -3.83 16.07
C PHE K 15 32.95 -4.91 16.67
N THR K 16 33.40 -6.15 16.67
CA THR K 16 32.60 -7.23 17.21
C THR K 16 32.26 -7.04 18.69
N PHE K 17 33.15 -6.37 19.42
CA PHE K 17 32.94 -6.14 20.84
C PHE K 17 32.20 -4.85 21.21
N THR K 18 32.21 -3.86 20.32
CA THR K 18 31.55 -2.59 20.63
C THR K 18 30.72 -1.96 19.52
N GLY K 19 30.92 -2.38 18.28
CA GLY K 19 30.12 -1.82 17.20
C GLY K 19 30.78 -0.64 16.49
N GLU K 20 31.70 0.01 17.18
CA GLU K 20 32.41 1.14 16.60
C GLU K 20 33.36 0.55 15.58
N LYS K 21 33.66 1.30 14.51
CA LYS K 21 34.61 0.84 13.51
C LYS K 21 35.36 2.03 12.94
N PRO L 6 27.45 6.82 -11.36
CA PRO L 6 25.99 6.46 -11.52
C PRO L 6 25.88 5.02 -11.98
N PHE L 7 26.65 4.66 -13.00
CA PHE L 7 26.65 3.29 -13.49
C PHE L 7 27.78 3.13 -14.48
N ASN L 8 28.00 1.90 -14.94
CA ASN L 8 29.07 1.63 -15.89
C ASN L 8 28.54 1.59 -17.33
N VAL L 9 28.91 2.59 -18.13
CA VAL L 9 28.46 2.66 -19.51
C VAL L 9 28.57 1.33 -20.23
N ASP L 10 29.75 0.70 -20.18
CA ASP L 10 29.94 -0.58 -20.83
C ASP L 10 28.93 -1.61 -20.36
N ASP L 11 28.68 -1.67 -19.05
CA ASP L 11 27.71 -2.63 -18.55
C ASP L 11 26.29 -2.38 -19.07
N VAL L 12 25.88 -1.12 -19.12
CA VAL L 12 24.57 -0.77 -19.63
C VAL L 12 24.49 -1.20 -21.09
N LEU L 13 25.50 -0.83 -21.88
CA LEU L 13 25.49 -1.21 -23.28
C LEU L 13 25.42 -2.74 -23.42
N LYS L 14 26.31 -3.43 -22.70
CA LYS L 14 26.35 -4.88 -22.75
C LYS L 14 24.97 -5.48 -22.55
N PHE L 15 24.17 -4.88 -21.67
CA PHE L 15 22.82 -5.40 -21.45
C PHE L 15 21.95 -5.25 -22.70
N THR L 16 21.97 -4.07 -23.32
CA THR L 16 21.14 -3.84 -24.49
C THR L 16 21.50 -4.76 -25.63
N PHE L 17 22.76 -5.16 -25.70
CA PHE L 17 23.22 -6.04 -26.78
C PHE L 17 23.11 -7.55 -26.50
N THR L 18 23.10 -7.94 -25.23
CA THR L 18 23.03 -9.37 -24.90
C THR L 18 22.05 -9.75 -23.80
N GLY L 19 21.63 -8.76 -23.00
CA GLY L 19 20.70 -9.04 -21.92
C GLY L 19 21.39 -9.46 -20.63
N GLU L 20 22.71 -9.33 -20.58
CA GLU L 20 23.47 -9.69 -19.38
C GLU L 20 23.51 -8.54 -18.37
N LYS L 21 23.12 -8.83 -17.14
CA LYS L 21 23.16 -7.84 -16.08
C LYS L 21 24.25 -8.19 -15.08
N HIS L 22 24.39 -7.36 -14.05
CA HIS L 22 25.39 -7.55 -13.00
C HIS L 22 24.75 -7.31 -11.65
#